data_1P75
#
_entry.id   1P75
#
_cell.length_a   106.874
_cell.length_b   117.227
_cell.length_c   125.003
_cell.angle_alpha   90.00
_cell.angle_beta   90.00
_cell.angle_gamma   90.00
#
_symmetry.space_group_name_H-M   'P 21 21 2'
#
loop_
_entity.id
_entity.type
_entity.pdbx_description
1 polymer 'Thymidine kinase'
2 non-polymer 'SULFATE ION'
3 non-polymer "P1-(5'-ADENOSYL)P5-(5'-THYMIDYL)PENTAPHOSPHATE"
4 water water
#
_entity_poly.entity_id   1
_entity_poly.type   'polypeptide(L)'
_entity_poly.pdbx_seq_one_letter_code
;GSHMVTIVRIYLDGVYGIGKSTTGRVMASAASGGSPTLYFPEPMAYWRTLFETDVISGIYDTQNRKQQGNLAVDDAALIT
AHYQSRFTTPYLILHDHTCTLFGGNSLQRGTQPDLTLVFDRHPVASTVCFPAARYLLGDMSMCALMAMVATLPREPQGGN
IVVTTLNVEEHIRRLRTRARIGEQIDITLIATLRNVYFMLVNTCHFLRSGRVWRDGWGELPTSCGAYKHRATQMDAFQER
VSPELGDTLFALFKTQELLDDRGVILEVHAWALDALMLKLRNLNVFSADLSGTPRQCAAVVESLLPLMSSTLSDFDSASA
LERAARTFNAEMGV
;
_entity_poly.pdbx_strand_id   A,B,C,D
#
# COMPACT_ATOMS: atom_id res chain seq x y z
N HIS A 3 -34.13 -22.65 38.11
CA HIS A 3 -34.18 -23.92 37.31
C HIS A 3 -33.34 -23.87 35.99
N MET A 4 -32.13 -24.43 36.05
CA MET A 4 -31.28 -24.63 34.86
C MET A 4 -31.59 -26.00 34.25
N VAL A 5 -31.44 -26.12 32.93
CA VAL A 5 -31.69 -27.38 32.21
C VAL A 5 -30.47 -27.90 31.44
N THR A 6 -30.23 -29.19 31.54
CA THR A 6 -29.13 -29.84 30.85
C THR A 6 -29.67 -30.43 29.57
N ILE A 7 -29.32 -29.80 28.45
CA ILE A 7 -29.69 -30.23 27.10
C ILE A 7 -28.52 -30.91 26.39
N VAL A 8 -28.82 -31.99 25.69
CA VAL A 8 -27.88 -32.61 24.76
C VAL A 8 -28.54 -32.61 23.39
N ARG A 9 -27.86 -32.05 22.39
CA ARG A 9 -28.43 -32.05 21.04
C ARG A 9 -27.67 -32.99 20.14
N ILE A 10 -28.40 -33.82 19.39
CA ILE A 10 -27.81 -34.73 18.43
C ILE A 10 -28.28 -34.35 17.03
N TYR A 11 -27.33 -34.20 16.11
CA TYR A 11 -27.65 -34.09 14.70
C TYR A 11 -27.41 -35.47 14.09
N LEU A 12 -28.47 -36.14 13.65
CA LEU A 12 -28.27 -37.42 12.97
C LEU A 12 -28.02 -37.14 11.51
N ASP A 13 -26.96 -37.72 10.94
CA ASP A 13 -26.58 -37.42 9.55
C ASP A 13 -25.98 -38.61 8.82
N GLY A 14 -25.79 -38.46 7.51
CA GLY A 14 -25.23 -39.54 6.70
C GLY A 14 -25.91 -39.67 5.36
N VAL A 15 -25.56 -40.71 4.61
CA VAL A 15 -26.18 -40.98 3.32
C VAL A 15 -27.65 -41.32 3.47
N TYR A 16 -28.45 -40.97 2.47
CA TYR A 16 -29.89 -41.15 2.51
C TYR A 16 -30.29 -42.60 2.29
N GLY A 17 -31.47 -42.97 2.81
CA GLY A 17 -32.02 -44.32 2.67
C GLY A 17 -31.38 -45.35 3.58
N ILE A 18 -30.68 -44.89 4.61
CA ILE A 18 -29.89 -45.73 5.48
C ILE A 18 -30.69 -46.18 6.72
N GLY A 19 -31.74 -45.43 7.06
CA GLY A 19 -32.56 -45.69 8.24
C GLY A 19 -32.63 -44.54 9.24
N LYS A 20 -31.82 -43.50 9.01
CA LYS A 20 -31.62 -42.46 10.02
C LYS A 20 -32.91 -41.74 10.51
N SER A 21 -33.85 -41.48 9.59
CA SER A 21 -35.10 -40.79 9.94
C SER A 21 -36.05 -41.67 10.76
N THR A 22 -36.31 -42.89 10.28
CA THR A 22 -36.92 -43.90 11.16
C THR A 22 -36.23 -43.85 12.54
N THR A 23 -34.90 -44.03 12.56
CA THR A 23 -34.10 -43.98 13.79
C THR A 23 -34.39 -42.84 14.80
N GLY A 24 -34.29 -41.58 14.37
CA GLY A 24 -34.57 -40.46 15.26
C GLY A 24 -36.03 -40.37 15.69
N ARG A 25 -36.92 -40.57 14.70
CA ARG A 25 -38.36 -40.68 14.92
C ARG A 25 -38.67 -41.75 15.99
N VAL A 26 -37.89 -42.81 16.05
CA VAL A 26 -38.15 -43.81 17.09
C VAL A 26 -37.63 -43.31 18.43
N MET A 27 -36.42 -42.74 18.40
CA MET A 27 -35.77 -42.16 19.57
C MET A 27 -36.65 -41.12 20.26
N ALA A 28 -37.38 -40.36 19.44
CA ALA A 28 -38.29 -39.33 19.93
C ALA A 28 -39.56 -39.93 20.54
N SER A 29 -40.22 -40.82 19.79
CA SER A 29 -41.46 -41.45 20.22
C SER A 29 -41.44 -41.99 21.66
N ALA A 30 -42.55 -41.87 22.35
CA ALA A 30 -42.68 -42.28 23.75
C ALA A 30 -42.29 -43.75 24.03
N ALA A 31 -41.78 -44.45 23.02
CA ALA A 31 -41.58 -45.91 23.12
C ALA A 31 -40.19 -46.35 23.59
N SER A 32 -39.25 -45.41 23.74
CA SER A 32 -37.85 -45.73 24.08
C SER A 32 -37.46 -45.64 25.58
N GLY A 33 -38.28 -44.95 26.38
CA GLY A 33 -37.95 -44.70 27.78
C GLY A 33 -36.96 -43.55 27.88
N GLY A 34 -36.14 -43.56 28.95
CA GLY A 34 -35.24 -42.46 29.22
C GLY A 34 -35.97 -41.17 29.55
N SER A 35 -35.40 -40.05 29.12
CA SER A 35 -35.97 -38.73 29.45
C SER A 35 -36.53 -38.03 28.19
N PRO A 36 -37.19 -36.88 28.34
CA PRO A 36 -37.86 -36.23 27.22
C PRO A 36 -36.94 -36.15 26.02
N THR A 37 -37.43 -36.63 24.87
CA THR A 37 -36.62 -36.60 23.65
C THR A 37 -37.40 -36.02 22.48
N LEU A 38 -36.97 -34.84 22.02
CA LEU A 38 -37.64 -34.12 20.93
C LEU A 38 -36.93 -34.29 19.64
N TYR A 39 -37.71 -34.53 18.58
CA TYR A 39 -37.20 -34.82 17.25
C TYR A 39 -37.60 -33.74 16.25
N PHE A 40 -36.60 -33.19 15.56
CA PHE A 40 -36.77 -32.24 14.48
C PHE A 40 -36.62 -33.00 13.15
N PRO A 41 -37.73 -33.18 12.42
CA PRO A 41 -37.72 -33.96 11.17
C PRO A 41 -37.14 -33.20 10.00
N GLU A 42 -36.99 -33.88 8.87
CA GLU A 42 -36.54 -33.25 7.65
C GLU A 42 -37.59 -32.28 7.17
N PRO A 43 -37.17 -31.13 6.67
CA PRO A 43 -38.12 -30.10 6.21
C PRO A 43 -38.77 -30.39 4.87
N MET A 44 -39.28 -31.61 4.70
CA MET A 44 -40.00 -32.03 3.51
C MET A 44 -40.94 -30.97 2.88
N ALA A 45 -41.88 -30.46 3.68
CA ALA A 45 -42.85 -29.48 3.19
C ALA A 45 -42.15 -28.32 2.49
N TYR A 46 -41.19 -27.70 3.18
CA TYR A 46 -40.35 -26.64 2.60
C TYR A 46 -39.85 -26.99 1.21
N TRP A 47 -39.36 -28.22 1.06
CA TRP A 47 -38.77 -28.69 -0.19
C TRP A 47 -39.79 -28.91 -1.31
N ARG A 48 -41.00 -29.33 -0.94
CA ARG A 48 -41.93 -29.90 -1.91
C ARG A 48 -43.23 -29.11 -2.10
N THR A 49 -43.91 -28.83 -0.99
CA THR A 49 -45.25 -28.28 -1.10
C THR A 49 -45.38 -26.79 -0.82
N LEU A 50 -44.47 -26.22 -0.03
CA LEU A 50 -44.66 -24.83 0.41
C LEU A 50 -44.43 -23.77 -0.68
N PHE A 51 -43.82 -24.14 -1.80
CA PHE A 51 -43.60 -23.19 -2.89
C PHE A 51 -44.01 -23.81 -4.22
N GLU A 52 -44.20 -22.97 -5.25
CA GLU A 52 -44.56 -23.47 -6.57
C GLU A 52 -43.71 -24.64 -7.08
N THR A 53 -42.44 -24.71 -6.72
CA THR A 53 -41.57 -25.75 -7.24
C THR A 53 -41.11 -26.71 -6.17
N ASP A 54 -41.12 -27.99 -6.50
CA ASP A 54 -40.68 -29.08 -5.62
C ASP A 54 -39.22 -29.36 -5.98
N VAL A 55 -38.30 -28.96 -5.10
CA VAL A 55 -36.86 -28.99 -5.42
C VAL A 55 -36.24 -30.40 -5.59
N ILE A 56 -36.71 -31.42 -4.86
CA ILE A 56 -36.28 -32.80 -5.12
C ILE A 56 -36.74 -33.19 -6.52
N SER A 57 -38.05 -33.10 -6.77
CA SER A 57 -38.61 -33.40 -8.08
C SER A 57 -37.93 -32.59 -9.19
N GLY A 58 -37.36 -31.45 -8.82
CA GLY A 58 -36.64 -30.60 -9.79
C GLY A 58 -35.21 -31.02 -10.06
N ILE A 59 -34.50 -31.41 -9.01
CA ILE A 59 -33.12 -31.86 -9.12
C ILE A 59 -33.01 -32.98 -10.18
N TYR A 60 -33.68 -34.09 -9.92
CA TYR A 60 -33.60 -35.28 -10.76
C TYR A 60 -34.17 -35.01 -12.14
N ASP A 61 -35.22 -34.19 -12.18
CA ASP A 61 -35.85 -33.75 -13.42
C ASP A 61 -34.82 -33.09 -14.35
N THR A 62 -33.72 -32.63 -13.76
CA THR A 62 -32.65 -31.93 -14.50
C THR A 62 -31.48 -32.88 -14.89
N GLN A 63 -31.11 -33.80 -14.00
CA GLN A 63 -30.24 -34.93 -14.33
C GLN A 63 -30.87 -35.85 -15.39
N ASN A 64 -32.20 -35.79 -15.51
CA ASN A 64 -32.89 -36.46 -16.62
C ASN A 64 -32.69 -35.65 -17.90
N ARG A 65 -33.20 -34.41 -17.90
CA ARG A 65 -33.05 -33.48 -19.02
C ARG A 65 -31.60 -33.39 -19.61
N LYS A 66 -30.60 -33.26 -18.72
CA LYS A 66 -29.17 -33.16 -19.09
C LYS A 66 -28.68 -34.39 -19.82
N GLN A 67 -29.30 -35.53 -19.53
CA GLN A 67 -28.96 -36.76 -20.24
C GLN A 67 -29.79 -36.90 -21.52
N GLN A 68 -31.11 -36.70 -21.39
CA GLN A 68 -32.07 -36.85 -22.49
C GLN A 68 -31.80 -35.93 -23.72
N GLY A 69 -30.53 -35.59 -23.95
CA GLY A 69 -30.14 -34.68 -25.03
C GLY A 69 -31.14 -33.54 -25.28
N ASN A 70 -31.32 -32.67 -24.27
CA ASN A 70 -32.32 -31.58 -24.32
C ASN A 70 -32.07 -30.31 -23.46
N LEU A 71 -30.97 -30.32 -22.70
CA LEU A 71 -30.54 -29.15 -21.94
C LEU A 71 -29.02 -29.13 -21.87
N ALA A 72 -28.40 -28.05 -22.34
CA ALA A 72 -26.96 -27.93 -22.26
C ALA A 72 -26.40 -28.66 -21.01
N VAL A 73 -25.44 -29.57 -21.20
CA VAL A 73 -24.71 -30.14 -20.05
C VAL A 73 -24.11 -29.04 -19.12
N ASP A 74 -23.55 -27.98 -19.72
CA ASP A 74 -23.11 -26.79 -18.98
C ASP A 74 -24.18 -26.14 -18.09
N ASP A 75 -25.44 -26.24 -18.51
CA ASP A 75 -26.54 -25.51 -17.88
C ASP A 75 -27.21 -26.26 -16.74
N ALA A 76 -27.34 -27.57 -16.91
CA ALA A 76 -27.84 -28.44 -15.86
C ALA A 76 -26.88 -28.39 -14.65
N ALA A 77 -25.62 -28.02 -14.90
CA ALA A 77 -24.66 -27.86 -13.82
C ALA A 77 -24.95 -26.58 -13.04
N LEU A 78 -25.70 -25.68 -13.66
CA LEU A 78 -26.11 -24.45 -12.98
C LEU A 78 -27.49 -24.63 -12.34
N ILE A 79 -28.45 -25.13 -13.12
CA ILE A 79 -29.79 -25.40 -12.63
C ILE A 79 -29.81 -26.34 -11.41
N THR A 80 -28.95 -27.34 -11.44
CA THR A 80 -28.82 -28.29 -10.33
C THR A 80 -28.12 -27.60 -9.16
N ALA A 81 -27.11 -26.78 -9.46
CA ALA A 81 -26.42 -26.07 -8.39
C ALA A 81 -27.45 -25.30 -7.60
N HIS A 82 -28.39 -24.70 -8.33
CA HIS A 82 -29.41 -23.86 -7.74
C HIS A 82 -30.37 -24.57 -6.78
N TYR A 83 -30.96 -25.67 -7.24
CA TYR A 83 -31.82 -26.48 -6.39
C TYR A 83 -31.02 -27.07 -5.22
N GLN A 84 -29.71 -27.26 -5.37
CA GLN A 84 -28.89 -27.70 -4.25
C GLN A 84 -28.91 -26.61 -3.16
N SER A 85 -28.80 -25.34 -3.59
CA SER A 85 -28.95 -24.16 -2.72
C SER A 85 -30.26 -24.15 -1.94
N ARG A 86 -31.32 -24.56 -2.62
CA ARG A 86 -32.68 -24.50 -2.07
C ARG A 86 -32.88 -25.52 -0.95
N PHE A 87 -32.08 -26.58 -0.97
CA PHE A 87 -32.17 -27.59 0.06
C PHE A 87 -31.70 -27.03 1.38
N THR A 88 -30.76 -26.10 1.32
CA THR A 88 -30.13 -25.56 2.51
C THR A 88 -31.08 -24.69 3.35
N THR A 89 -31.87 -23.89 2.64
CA THR A 89 -32.67 -22.84 3.26
C THR A 89 -33.33 -23.18 4.58
N PRO A 90 -34.19 -24.20 4.63
CA PRO A 90 -34.90 -24.51 5.87
C PRO A 90 -34.00 -24.92 7.03
N TYR A 91 -32.83 -25.47 6.72
CA TYR A 91 -31.82 -25.85 7.74
C TYR A 91 -31.20 -24.63 8.39
N LEU A 92 -30.93 -23.64 7.57
CA LEU A 92 -30.35 -22.41 8.02
C LEU A 92 -31.33 -21.64 8.86
N ILE A 93 -32.61 -21.67 8.48
CA ILE A 93 -33.70 -21.05 9.25
C ILE A 93 -33.83 -21.73 10.61
N LEU A 94 -33.89 -23.05 10.59
CA LEU A 94 -34.02 -23.80 11.84
C LEU A 94 -32.87 -23.43 12.75
N HIS A 95 -31.66 -23.60 12.23
CA HIS A 95 -30.42 -23.31 12.95
C HIS A 95 -30.41 -21.91 13.56
N ASP A 96 -30.82 -20.91 12.80
CA ASP A 96 -30.91 -19.53 13.31
C ASP A 96 -31.87 -19.41 14.50
N HIS A 97 -32.98 -20.16 14.46
CA HIS A 97 -34.02 -20.02 15.46
C HIS A 97 -33.65 -20.72 16.73
N THR A 98 -32.97 -21.86 16.62
CA THR A 98 -32.68 -22.73 17.74
C THR A 98 -31.41 -22.34 18.48
N CYS A 99 -30.58 -21.52 17.84
CA CYS A 99 -29.19 -21.34 18.28
C CYS A 99 -28.96 -20.54 19.51
N THR A 100 -29.79 -19.54 19.69
CA THR A 100 -29.80 -18.73 20.90
C THR A 100 -30.06 -19.62 22.12
N LEU A 101 -30.95 -20.62 21.95
CA LEU A 101 -31.55 -21.40 23.05
C LEU A 101 -30.79 -22.61 23.67
N PHE A 102 -29.79 -23.14 22.98
CA PHE A 102 -29.08 -24.32 23.50
C PHE A 102 -28.27 -24.02 24.75
N GLY A 103 -27.78 -22.79 24.90
CA GLY A 103 -27.02 -22.43 26.08
C GLY A 103 -25.51 -22.66 25.99
N GLY A 104 -24.84 -22.57 27.14
CA GLY A 104 -23.39 -22.60 27.20
C GLY A 104 -22.86 -23.72 28.08
N ASN A 105 -21.66 -23.50 28.64
CA ASN A 105 -20.99 -24.45 29.55
C ASN A 105 -21.00 -25.87 29.02
N SER A 106 -20.66 -26.01 27.75
CA SER A 106 -20.50 -27.32 27.14
C SER A 106 -19.43 -28.11 27.88
N LEU A 107 -19.84 -29.29 28.35
CA LEU A 107 -18.96 -30.21 29.04
C LEU A 107 -19.43 -31.60 28.68
N GLN A 108 -18.55 -32.58 28.82
CA GLN A 108 -18.97 -33.97 28.72
C GLN A 108 -19.29 -34.44 30.14
N ARG A 109 -20.55 -34.29 30.53
CA ARG A 109 -20.99 -34.46 31.91
C ARG A 109 -21.10 -35.90 32.37
N GLY A 110 -21.25 -36.84 31.41
CA GLY A 110 -21.35 -38.27 31.66
C GLY A 110 -22.77 -38.71 31.95
N THR A 111 -23.60 -37.75 32.33
CA THR A 111 -24.93 -38.01 32.85
C THR A 111 -26.03 -38.14 31.76
N GLN A 112 -27.27 -38.25 32.21
CA GLN A 112 -28.41 -38.19 31.33
C GLN A 112 -28.90 -36.77 31.43
N PRO A 113 -29.29 -36.19 30.31
CA PRO A 113 -29.70 -34.79 30.30
C PRO A 113 -31.19 -34.74 30.56
N ASP A 114 -31.67 -33.57 30.96
CA ASP A 114 -33.08 -33.41 31.21
C ASP A 114 -33.78 -33.34 29.87
N LEU A 115 -33.05 -32.86 28.87
CA LEU A 115 -33.61 -32.76 27.53
C LEU A 115 -32.66 -33.32 26.47
N THR A 116 -33.23 -34.01 25.50
CA THR A 116 -32.48 -34.50 24.37
C THR A 116 -33.18 -34.05 23.11
N LEU A 117 -32.40 -33.51 22.20
CA LEU A 117 -32.91 -33.05 20.93
C LEU A 117 -32.28 -33.90 19.88
N VAL A 118 -33.08 -34.30 18.91
CA VAL A 118 -32.51 -34.97 17.77
C VAL A 118 -32.93 -34.21 16.53
N PHE A 119 -31.95 -33.63 15.85
CA PHE A 119 -32.17 -32.97 14.58
C PHE A 119 -31.86 -33.93 13.42
N ASP A 120 -32.78 -34.01 12.47
CA ASP A 120 -32.53 -34.80 11.28
C ASP A 120 -31.69 -34.00 10.34
N ARG A 121 -30.39 -34.22 10.43
CA ARG A 121 -29.39 -33.58 9.56
C ARG A 121 -28.93 -32.23 10.11
N HIS A 122 -27.64 -31.98 9.92
CA HIS A 122 -26.98 -30.74 10.31
C HIS A 122 -26.82 -29.94 9.03
N PRO A 123 -26.80 -28.60 9.11
CA PRO A 123 -26.52 -27.78 7.94
C PRO A 123 -25.35 -28.30 7.07
N VAL A 124 -24.38 -28.98 7.68
CA VAL A 124 -23.22 -29.52 6.95
C VAL A 124 -23.59 -30.44 5.77
N ALA A 125 -24.73 -31.10 5.89
CA ALA A 125 -25.15 -32.08 4.88
C ALA A 125 -25.43 -31.41 3.56
N SER A 126 -26.12 -30.28 3.58
CA SER A 126 -26.55 -29.63 2.34
C SER A 126 -25.71 -28.43 1.93
N THR A 127 -24.80 -28.00 2.80
CA THR A 127 -23.83 -26.93 2.49
C THR A 127 -22.45 -27.45 2.09
N VAL A 128 -22.08 -28.64 2.58
CA VAL A 128 -20.78 -29.22 2.26
C VAL A 128 -20.88 -30.58 1.61
N CYS A 129 -21.64 -31.47 2.23
CA CYS A 129 -21.54 -32.89 1.89
C CYS A 129 -22.17 -33.23 0.55
N PHE A 130 -23.42 -32.87 0.37
CA PHE A 130 -24.09 -33.12 -0.88
C PHE A 130 -23.46 -32.32 -2.01
N PRO A 131 -23.25 -31.02 -1.82
CA PRO A 131 -22.45 -30.25 -2.77
C PRO A 131 -21.12 -30.91 -3.15
N ALA A 132 -20.33 -31.31 -2.15
CA ALA A 132 -19.06 -31.98 -2.42
C ALA A 132 -19.20 -33.18 -3.31
N ALA A 133 -20.24 -33.98 -3.08
CA ALA A 133 -20.52 -35.16 -3.87
C ALA A 133 -20.93 -34.83 -5.29
N ARG A 134 -21.82 -33.85 -5.46
CA ARG A 134 -22.23 -33.47 -6.83
C ARG A 134 -21.03 -32.95 -7.62
N TYR A 135 -20.07 -32.34 -6.92
CA TYR A 135 -18.84 -31.80 -7.55
C TYR A 135 -17.92 -32.91 -8.00
N LEU A 136 -17.73 -33.88 -7.11
CA LEU A 136 -16.92 -35.03 -7.44
C LEU A 136 -17.52 -35.77 -8.66
N LEU A 137 -18.86 -35.76 -8.78
CA LEU A 137 -19.51 -36.41 -9.92
C LEU A 137 -19.48 -35.59 -11.22
N GLY A 138 -18.80 -34.44 -11.19
CA GLY A 138 -18.76 -33.53 -12.31
C GLY A 138 -20.06 -32.78 -12.61
N ASP A 139 -21.04 -32.87 -11.71
CA ASP A 139 -22.34 -32.29 -11.96
C ASP A 139 -22.40 -30.84 -11.53
N MET A 140 -21.29 -30.34 -11.00
CA MET A 140 -21.23 -29.03 -10.34
C MET A 140 -19.79 -28.56 -10.20
N SER A 141 -19.54 -27.29 -10.43
CA SER A 141 -18.15 -26.81 -10.48
C SER A 141 -17.57 -26.48 -9.11
N MET A 142 -16.22 -26.42 -9.05
CA MET A 142 -15.49 -26.03 -7.84
C MET A 142 -16.05 -24.70 -7.34
N CYS A 143 -15.90 -23.67 -8.16
CA CYS A 143 -16.52 -22.37 -7.93
C CYS A 143 -17.89 -22.49 -7.24
N ALA A 144 -18.75 -23.34 -7.78
CA ALA A 144 -20.07 -23.55 -7.22
C ALA A 144 -20.06 -24.26 -5.87
N LEU A 145 -19.18 -25.25 -5.71
CA LEU A 145 -18.96 -25.85 -4.39
C LEU A 145 -18.51 -24.80 -3.36
N MET A 146 -17.50 -23.99 -3.72
CA MET A 146 -17.11 -22.87 -2.88
C MET A 146 -18.34 -22.08 -2.47
N ALA A 147 -19.11 -21.65 -3.47
CA ALA A 147 -20.30 -20.86 -3.23
C ALA A 147 -21.16 -21.34 -2.07
N MET A 148 -21.35 -22.66 -1.97
CA MET A 148 -22.24 -23.30 -1.00
C MET A 148 -21.57 -23.49 0.34
N VAL A 149 -20.33 -23.98 0.29
CA VAL A 149 -19.50 -24.22 1.48
C VAL A 149 -19.36 -22.97 2.30
N ALA A 150 -19.34 -21.82 1.62
CA ALA A 150 -19.18 -20.53 2.26
C ALA A 150 -20.37 -20.17 3.13
N THR A 151 -21.54 -20.78 2.88
CA THR A 151 -22.77 -20.48 3.62
C THR A 151 -23.05 -21.35 4.87
N LEU A 152 -22.20 -22.34 5.12
CA LEU A 152 -22.31 -23.17 6.32
C LEU A 152 -22.15 -22.28 7.57
N PRO A 153 -23.09 -22.35 8.52
CA PRO A 153 -22.98 -21.54 9.73
C PRO A 153 -22.01 -22.13 10.76
N ARG A 154 -21.48 -21.27 11.62
CA ARG A 154 -20.66 -21.76 12.70
C ARG A 154 -21.53 -22.54 13.67
N GLU A 155 -21.11 -23.77 13.98
CA GLU A 155 -21.80 -24.56 14.99
C GLU A 155 -21.45 -24.01 16.35
N PRO A 156 -22.45 -23.66 17.15
CA PRO A 156 -22.21 -23.13 18.51
C PRO A 156 -21.63 -24.21 19.39
N GLN A 157 -21.23 -23.92 20.61
CA GLN A 157 -20.59 -24.96 21.40
C GLN A 157 -21.59 -26.09 21.69
N GLY A 158 -21.05 -27.29 21.96
CA GLY A 158 -21.83 -28.39 22.49
C GLY A 158 -22.57 -29.27 21.51
N GLY A 159 -22.51 -28.97 20.22
CA GLY A 159 -23.19 -29.78 19.23
C GLY A 159 -22.57 -31.15 19.11
N ASN A 160 -23.43 -32.13 18.86
CA ASN A 160 -22.99 -33.50 18.64
C ASN A 160 -23.57 -33.98 17.34
N ILE A 161 -22.72 -34.48 16.45
CA ILE A 161 -23.18 -35.02 15.16
C ILE A 161 -22.89 -36.49 15.12
N VAL A 162 -23.91 -37.30 14.83
CA VAL A 162 -23.76 -38.74 14.69
C VAL A 162 -23.94 -39.09 13.22
N VAL A 163 -22.84 -39.46 12.58
CA VAL A 163 -22.87 -39.93 11.20
C VAL A 163 -23.22 -41.41 11.19
N THR A 164 -24.42 -41.71 10.71
CA THR A 164 -24.92 -43.07 10.65
C THR A 164 -24.27 -43.83 9.48
N THR A 165 -23.93 -45.09 9.70
CA THR A 165 -23.36 -45.94 8.65
C THR A 165 -24.13 -47.24 8.47
N LEU A 166 -23.95 -47.87 7.32
CA LEU A 166 -24.50 -49.19 7.06
C LEU A 166 -23.66 -49.91 6.01
N ASN A 167 -23.48 -51.22 6.19
CA ASN A 167 -22.86 -52.08 5.18
C ASN A 167 -23.61 -51.92 3.85
N VAL A 168 -22.89 -52.07 2.74
CA VAL A 168 -23.42 -51.70 1.43
C VAL A 168 -24.57 -52.61 1.00
N GLU A 169 -24.38 -53.91 1.13
CA GLU A 169 -25.41 -54.91 0.82
C GLU A 169 -26.80 -54.47 1.27
N GLU A 170 -26.93 -54.37 2.59
CA GLU A 170 -28.17 -53.99 3.26
C GLU A 170 -28.65 -52.59 2.83
N HIS A 171 -27.71 -51.68 2.60
CA HIS A 171 -28.05 -50.33 2.13
C HIS A 171 -28.80 -50.39 0.78
N ILE A 172 -28.44 -51.33 -0.09
CA ILE A 172 -29.10 -51.48 -1.39
C ILE A 172 -30.49 -52.07 -1.22
N ARG A 173 -30.64 -53.08 -0.36
CA ARG A 173 -31.97 -53.61 -0.02
C ARG A 173 -32.99 -52.50 0.42
N ARG A 174 -32.58 -51.60 1.33
CA ARG A 174 -33.44 -50.51 1.79
C ARG A 174 -33.67 -49.38 0.78
N LEU A 175 -32.90 -49.36 -0.30
CA LEU A 175 -33.05 -48.29 -1.28
C LEU A 175 -34.01 -48.71 -2.37
N ARG A 176 -34.19 -50.01 -2.50
CA ARG A 176 -35.18 -50.53 -3.43
C ARG A 176 -36.59 -50.54 -2.78
N THR A 177 -36.65 -50.84 -1.48
CA THR A 177 -37.91 -50.94 -0.74
C THR A 177 -38.68 -49.61 -0.75
N ARG A 178 -37.98 -48.51 -1.03
CA ARG A 178 -38.60 -47.19 -0.95
C ARG A 178 -38.96 -46.59 -2.32
N ALA A 179 -38.08 -46.73 -3.32
CA ALA A 179 -38.38 -46.15 -4.64
C ALA A 179 -38.02 -47.00 -5.87
N ARG A 180 -39.06 -47.35 -6.65
CA ARG A 180 -38.94 -48.03 -7.96
C ARG A 180 -40.19 -47.79 -8.82
N GLY A 182 -39.21 -48.21 -11.49
CA GLY A 182 -39.68 -46.96 -12.08
C GLY A 182 -38.57 -45.94 -12.28
N GLU A 183 -38.27 -45.15 -11.24
CA GLU A 183 -37.16 -44.18 -11.29
C GLU A 183 -35.79 -44.82 -10.90
N GLN A 184 -34.71 -44.27 -11.47
CA GLN A 184 -33.36 -44.84 -11.28
C GLN A 184 -32.69 -44.38 -9.99
N ILE A 185 -32.18 -45.35 -9.22
CA ILE A 185 -31.65 -45.09 -7.87
C ILE A 185 -30.42 -44.14 -7.80
N ASP A 186 -29.58 -44.14 -8.83
CA ASP A 186 -28.36 -43.32 -8.88
C ASP A 186 -27.24 -43.86 -7.99
N ILE A 187 -26.70 -45.01 -8.38
CA ILE A 187 -25.72 -45.72 -7.57
C ILE A 187 -24.40 -44.97 -7.38
N THR A 188 -24.13 -43.96 -8.21
CA THR A 188 -22.84 -43.25 -8.06
C THR A 188 -22.92 -42.17 -6.97
N LEU A 189 -24.00 -41.39 -7.02
CA LEU A 189 -24.32 -40.45 -5.96
C LEU A 189 -24.24 -41.13 -4.58
N ILE A 190 -24.80 -42.33 -4.46
CA ILE A 190 -24.77 -43.05 -3.20
C ILE A 190 -23.33 -43.46 -2.85
N ALA A 191 -22.60 -43.93 -3.85
CA ALA A 191 -21.23 -44.37 -3.63
C ALA A 191 -20.36 -43.18 -3.17
N THR A 192 -20.52 -42.04 -3.86
CA THR A 192 -19.74 -40.83 -3.54
C THR A 192 -20.15 -40.21 -2.22
N LEU A 193 -21.45 -40.17 -1.94
CA LEU A 193 -21.91 -39.62 -0.67
C LEU A 193 -21.39 -40.44 0.49
N ARG A 194 -21.33 -41.76 0.30
CA ARG A 194 -20.78 -42.63 1.34
C ARG A 194 -19.35 -42.22 1.59
N ASN A 195 -18.61 -41.92 0.54
CA ASN A 195 -17.24 -41.52 0.71
C ASN A 195 -17.10 -40.13 1.30
N VAL A 196 -17.95 -39.21 0.87
CA VAL A 196 -17.92 -37.87 1.42
C VAL A 196 -18.18 -37.92 2.94
N TYR A 197 -19.15 -38.71 3.37
CA TYR A 197 -19.43 -38.77 4.81
C TYR A 197 -18.32 -39.37 5.63
N PHE A 198 -17.56 -40.30 5.06
CA PHE A 198 -16.37 -40.79 5.72
C PHE A 198 -15.35 -39.66 5.82
N MET A 199 -15.19 -38.94 4.73
CA MET A 199 -14.29 -37.82 4.69
C MET A 199 -14.63 -36.82 5.77
N LEU A 200 -15.93 -36.55 5.95
CA LEU A 200 -16.44 -35.60 6.96
C LEU A 200 -16.08 -36.05 8.37
N VAL A 201 -16.35 -37.32 8.65
CA VAL A 201 -16.01 -37.93 9.94
C VAL A 201 -14.52 -37.85 10.19
N ASN A 202 -13.72 -38.30 9.22
CA ASN A 202 -12.28 -38.12 9.26
C ASN A 202 -11.89 -36.69 9.56
N THR A 203 -12.63 -35.73 9.00
CA THR A 203 -12.35 -34.31 9.19
C THR A 203 -12.48 -33.86 10.67
N CYS A 204 -13.53 -34.28 11.35
CA CYS A 204 -13.71 -33.91 12.75
C CYS A 204 -12.68 -34.58 13.64
N HIS A 205 -12.36 -35.83 13.33
CA HIS A 205 -11.30 -36.57 14.01
C HIS A 205 -9.94 -35.88 13.80
N PHE A 206 -9.71 -35.42 12.57
CA PHE A 206 -8.54 -34.62 12.23
C PHE A 206 -8.40 -33.40 13.15
N LEU A 207 -9.48 -32.62 13.27
CA LEU A 207 -9.52 -31.43 14.11
C LEU A 207 -9.37 -31.75 15.60
N ARG A 208 -10.08 -32.76 16.07
CA ARG A 208 -9.97 -33.19 17.47
C ARG A 208 -8.53 -33.61 17.82
N SER A 209 -7.79 -34.07 16.81
CA SER A 209 -6.45 -34.57 17.02
C SER A 209 -5.52 -33.40 17.12
N GLY A 210 -6.09 -32.22 16.90
CA GLY A 210 -5.39 -30.96 17.12
C GLY A 210 -4.72 -30.37 15.92
N ARG A 211 -4.88 -31.02 14.78
CA ARG A 211 -4.26 -30.57 13.55
C ARG A 211 -5.16 -29.54 12.88
N VAL A 212 -4.59 -28.85 11.89
CA VAL A 212 -5.30 -27.90 11.04
C VAL A 212 -5.04 -28.29 9.58
N TRP A 213 -5.71 -27.63 8.64
CA TRP A 213 -5.62 -28.01 7.22
C TRP A 213 -4.28 -27.71 6.58
N ARG A 214 -3.45 -26.90 7.23
CA ARG A 214 -2.16 -26.59 6.65
C ARG A 214 -1.21 -27.75 6.91
N ASP A 215 -1.46 -28.50 8.00
CA ASP A 215 -0.60 -29.60 8.43
C ASP A 215 -0.57 -30.70 7.40
N GLY A 216 0.54 -30.80 6.68
CA GLY A 216 0.75 -31.90 5.76
C GLY A 216 0.06 -31.56 4.47
N TRP A 217 -0.02 -30.27 4.20
CA TRP A 217 -0.63 -29.76 2.98
C TRP A 217 0.33 -29.77 1.78
N GLY A 218 1.55 -29.26 2.00
CA GLY A 218 2.60 -29.29 1.01
C GLY A 218 2.81 -30.70 0.53
N GLU A 219 2.98 -31.64 1.45
CA GLU A 219 3.29 -33.02 1.07
C GLU A 219 2.21 -33.56 0.16
N LEU A 220 0.94 -33.43 0.58
CA LEU A 220 -0.25 -33.86 -0.18
C LEU A 220 -0.20 -33.59 -1.69
N PRO A 221 -0.56 -34.60 -2.50
CA PRO A 221 -0.70 -34.47 -3.96
C PRO A 221 -1.87 -33.59 -4.40
N THR A 222 -1.69 -32.83 -5.48
CA THR A 222 -2.80 -32.12 -6.10
C THR A 222 -3.94 -33.09 -6.44
N SER A 223 -5.17 -32.62 -6.44
CA SER A 223 -6.29 -33.54 -6.47
C SER A 223 -7.09 -33.38 -7.75
N CYS A 224 -6.85 -34.31 -8.69
CA CYS A 224 -7.30 -34.18 -10.07
C CYS A 224 -8.10 -35.39 -10.51
N GLY A 225 -8.59 -35.36 -11.76
CA GLY A 225 -9.42 -36.43 -12.30
C GLY A 225 -9.25 -37.79 -11.64
N ALA A 226 -8.00 -38.22 -11.49
CA ALA A 226 -7.62 -39.44 -10.75
C ALA A 226 -8.19 -39.48 -9.33
N TYR A 227 -7.87 -38.46 -8.54
CA TYR A 227 -8.32 -38.38 -7.16
C TYR A 227 -9.86 -38.33 -7.11
N LYS A 228 -10.46 -37.49 -7.96
CA LYS A 228 -11.92 -37.38 -8.03
C LYS A 228 -12.56 -38.76 -8.24
N HIS A 229 -12.29 -39.37 -9.38
CA HIS A 229 -12.89 -40.66 -9.75
C HIS A 229 -12.88 -41.67 -8.59
N ARG A 230 -11.77 -41.69 -7.83
CA ARG A 230 -11.56 -42.55 -6.68
C ARG A 230 -12.60 -42.37 -5.58
N ALA A 231 -13.11 -41.15 -5.41
CA ALA A 231 -14.16 -40.87 -4.41
C ALA A 231 -15.54 -41.45 -4.80
N THR A 232 -15.71 -41.76 -6.09
CA THR A 232 -16.93 -42.43 -6.54
C THR A 232 -16.94 -43.95 -6.32
N GLN A 233 -15.77 -44.59 -6.19
CA GLN A 233 -15.69 -46.03 -5.95
C GLN A 233 -16.13 -46.36 -4.53
N MET A 234 -16.84 -47.48 -4.38
CA MET A 234 -17.31 -47.92 -3.06
C MET A 234 -16.16 -48.39 -2.20
N ASP A 235 -16.25 -48.06 -0.90
CA ASP A 235 -15.26 -48.40 0.12
C ASP A 235 -13.92 -47.65 0.04
N ALA A 236 -13.74 -46.84 -1.00
CA ALA A 236 -12.56 -45.99 -1.18
C ALA A 236 -12.04 -45.25 0.08
N PHE A 237 -12.97 -44.83 0.95
CA PHE A 237 -12.67 -44.14 2.21
C PHE A 237 -13.37 -44.88 3.36
N GLN A 238 -12.91 -44.63 4.58
CA GLN A 238 -13.53 -45.22 5.79
C GLN A 238 -13.26 -44.38 7.04
N GLU A 239 -13.97 -44.66 8.14
CA GLU A 239 -13.72 -43.98 9.40
C GLU A 239 -12.26 -44.18 9.79
N ARG A 240 -11.63 -43.14 10.35
CA ARG A 240 -10.26 -43.19 10.83
C ARG A 240 -10.12 -42.24 12.01
N VAL A 241 -9.67 -42.76 13.15
CA VAL A 241 -9.46 -41.91 14.34
C VAL A 241 -8.17 -41.12 14.24
N SER A 242 -7.21 -41.64 13.46
CA SER A 242 -5.95 -40.95 13.17
C SER A 242 -5.79 -40.81 11.67
N PRO A 243 -6.64 -39.97 11.04
CA PRO A 243 -6.56 -39.81 9.58
C PRO A 243 -5.40 -38.95 9.11
N GLU A 244 -4.95 -39.23 7.89
CA GLU A 244 -4.09 -38.36 7.11
C GLU A 244 -4.94 -37.19 6.63
N LEU A 245 -4.30 -36.12 6.18
CA LEU A 245 -5.02 -35.04 5.55
C LEU A 245 -5.88 -35.53 4.38
N GLY A 246 -5.33 -36.38 3.53
CA GLY A 246 -6.00 -36.89 2.35
C GLY A 246 -7.23 -37.72 2.61
N ASP A 247 -7.35 -38.24 3.82
CA ASP A 247 -8.59 -38.91 4.26
C ASP A 247 -9.75 -37.94 4.58
N THR A 248 -9.46 -36.64 4.63
CA THR A 248 -10.42 -35.62 5.05
C THR A 248 -10.85 -34.70 3.90
N LEU A 249 -11.94 -33.98 4.14
CA LEU A 249 -12.57 -33.05 3.21
C LEU A 249 -11.67 -31.99 2.61
N PHE A 250 -10.57 -31.66 3.28
CA PHE A 250 -9.71 -30.59 2.81
C PHE A 250 -8.98 -30.98 1.54
N ALA A 251 -8.64 -32.28 1.42
CA ALA A 251 -7.90 -32.80 0.29
C ALA A 251 -8.50 -32.39 -1.07
N LEU A 252 -9.82 -32.28 -1.16
CA LEU A 252 -10.47 -32.03 -2.43
C LEU A 252 -10.30 -30.60 -2.91
N PHE A 253 -9.84 -29.74 -2.00
CA PHE A 253 -9.63 -28.33 -2.30
C PHE A 253 -8.26 -28.00 -2.86
N LYS A 254 -7.37 -28.98 -2.91
CA LYS A 254 -6.10 -28.77 -3.58
C LYS A 254 -6.17 -29.07 -5.09
N THR A 255 -6.68 -28.12 -5.87
CA THR A 255 -6.85 -28.29 -7.30
C THR A 255 -6.33 -27.06 -8.00
N GLN A 256 -5.94 -27.18 -9.27
CA GLN A 256 -5.39 -26.04 -10.01
C GLN A 256 -6.27 -24.82 -9.89
N GLU A 257 -7.61 -25.03 -9.97
CA GLU A 257 -8.64 -23.98 -9.87
C GLU A 257 -8.33 -22.96 -8.77
N LEU A 258 -7.75 -23.45 -7.68
CA LEU A 258 -7.56 -22.64 -6.48
C LEU A 258 -6.10 -22.31 -6.23
N LEU A 259 -5.24 -22.83 -7.08
CA LEU A 259 -3.79 -22.61 -6.98
C LEU A 259 -3.30 -21.59 -7.99
N ASP A 260 -2.26 -20.86 -7.59
CA ASP A 260 -1.70 -19.76 -8.39
C ASP A 260 -0.77 -20.32 -9.48
N ASP A 261 0.00 -19.43 -10.09
CA ASP A 261 0.89 -19.79 -11.18
C ASP A 261 1.98 -20.81 -10.72
N ARG A 262 2.40 -20.74 -9.45
CA ARG A 262 3.44 -21.66 -8.91
C ARG A 262 2.97 -22.75 -7.89
N GLY A 263 1.68 -23.07 -7.91
CA GLY A 263 1.14 -24.19 -7.14
C GLY A 263 0.74 -23.89 -5.69
N VAL A 264 0.70 -22.61 -5.35
CA VAL A 264 0.36 -22.22 -4.00
C VAL A 264 -1.07 -21.78 -4.06
N ILE A 265 -1.86 -22.28 -3.11
CA ILE A 265 -3.24 -21.84 -2.88
C ILE A 265 -3.32 -20.33 -2.58
N LEU A 266 -4.25 -19.65 -3.24
CA LEU A 266 -4.51 -18.23 -3.01
C LEU A 266 -4.96 -17.95 -1.60
N GLU A 267 -4.49 -16.82 -1.04
CA GLU A 267 -4.84 -16.40 0.31
C GLU A 267 -6.33 -16.37 0.62
N VAL A 268 -7.12 -15.81 -0.30
CA VAL A 268 -8.58 -15.84 -0.22
C VAL A 268 -9.16 -17.26 -0.14
N HIS A 269 -8.56 -18.21 -0.83
CA HIS A 269 -9.02 -19.58 -0.77
C HIS A 269 -8.62 -20.27 0.53
N ALA A 270 -7.48 -19.87 1.08
CA ALA A 270 -7.02 -20.38 2.37
C ALA A 270 -8.00 -19.93 3.43
N TRP A 271 -8.45 -18.69 3.29
CA TRP A 271 -9.46 -18.13 4.16
C TRP A 271 -10.74 -18.99 4.24
N ALA A 272 -11.17 -19.51 3.10
CA ALA A 272 -12.37 -20.34 3.04
C ALA A 272 -12.16 -21.67 3.76
N LEU A 273 -11.00 -22.29 3.52
CA LEU A 273 -10.62 -23.54 4.16
C LEU A 273 -10.51 -23.34 5.64
N ASP A 274 -9.96 -22.20 6.04
CA ASP A 274 -9.97 -21.72 7.44
C ASP A 274 -11.33 -21.64 8.07
N ALA A 275 -12.30 -21.08 7.36
CA ALA A 275 -13.68 -20.91 7.85
C ALA A 275 -14.41 -22.25 8.00
N LEU A 276 -14.24 -23.14 7.03
CA LEU A 276 -14.75 -24.51 7.14
C LEU A 276 -14.26 -25.15 8.44
N MET A 277 -12.94 -25.12 8.64
CA MET A 277 -12.31 -25.69 9.82
C MET A 277 -12.86 -25.02 11.08
N LEU A 278 -13.18 -23.74 11.02
CA LEU A 278 -13.70 -23.07 12.19
C LEU A 278 -15.08 -23.52 12.52
N LYS A 279 -15.90 -23.65 11.47
CA LYS A 279 -17.31 -23.90 11.60
C LYS A 279 -17.61 -25.30 12.09
N LEU A 280 -16.74 -26.26 11.76
CA LEU A 280 -16.95 -27.67 12.09
C LEU A 280 -16.33 -28.05 13.43
N ARG A 281 -15.82 -27.06 14.16
CA ARG A 281 -14.98 -27.35 15.32
C ARG A 281 -15.76 -27.70 16.59
N ASN A 282 -16.97 -27.18 16.73
CA ASN A 282 -17.74 -27.45 17.92
C ASN A 282 -18.65 -28.65 17.73
N LEU A 283 -18.29 -29.46 16.75
CA LEU A 283 -19.05 -30.62 16.34
C LEU A 283 -18.33 -31.87 16.80
N ASN A 284 -18.79 -32.43 17.91
CA ASN A 284 -18.25 -33.63 18.52
C ASN A 284 -18.78 -34.85 17.76
N VAL A 285 -17.88 -35.51 17.05
CA VAL A 285 -18.25 -36.52 16.06
C VAL A 285 -18.35 -38.00 16.52
N PHE A 286 -19.40 -38.67 16.07
CA PHE A 286 -19.62 -40.09 16.36
C PHE A 286 -20.16 -40.85 15.16
N SER A 287 -20.04 -42.16 15.19
CA SER A 287 -20.57 -42.98 14.12
C SER A 287 -21.64 -43.91 14.69
N ALA A 288 -22.52 -44.41 13.84
CA ALA A 288 -23.52 -45.42 14.23
C ALA A 288 -23.89 -46.31 13.05
N ASP A 289 -23.79 -47.62 13.24
CA ASP A 289 -24.16 -48.55 12.17
C ASP A 289 -25.63 -48.94 12.32
N LEU A 290 -26.45 -48.67 11.30
CA LEU A 290 -27.89 -48.84 11.43
C LEU A 290 -28.40 -50.20 10.91
N SER A 291 -27.78 -51.27 11.39
CA SER A 291 -28.00 -52.65 10.92
C SER A 291 -29.19 -53.31 11.52
N GLY A 292 -29.35 -53.16 12.84
CA GLY A 292 -30.49 -53.74 13.52
C GLY A 292 -31.84 -53.10 13.23
N THR A 293 -32.84 -53.46 14.03
CA THR A 293 -34.20 -52.95 13.89
C THR A 293 -34.31 -51.54 14.44
N PRO A 294 -35.25 -50.74 13.93
CA PRO A 294 -35.38 -49.34 14.35
C PRO A 294 -35.20 -49.12 15.84
N ARG A 295 -35.86 -49.93 16.66
CA ARG A 295 -35.68 -49.84 18.10
C ARG A 295 -34.19 -50.05 18.52
N GLN A 296 -33.54 -51.07 17.97
CA GLN A 296 -32.11 -51.31 18.23
C GLN A 296 -31.23 -50.12 17.81
N CYS A 297 -31.43 -49.65 16.59
CA CYS A 297 -30.72 -48.50 16.07
C CYS A 297 -30.77 -47.38 17.09
N ALA A 298 -32.00 -47.06 17.51
CA ALA A 298 -32.26 -46.06 18.53
C ALA A 298 -31.39 -46.25 19.79
N ALA A 299 -31.41 -47.45 20.36
CA ALA A 299 -30.66 -47.65 21.59
C ALA A 299 -29.14 -47.56 21.36
N VAL A 300 -28.70 -47.72 20.09
CA VAL A 300 -27.29 -47.63 19.71
C VAL A 300 -26.84 -46.18 19.76
N VAL A 301 -27.65 -45.29 19.17
CA VAL A 301 -27.49 -43.82 19.29
C VAL A 301 -27.60 -43.36 20.75
N GLU A 302 -28.64 -43.83 21.45
CA GLU A 302 -28.88 -43.45 22.83
C GLU A 302 -27.73 -43.93 23.74
N SER A 303 -26.97 -44.93 23.28
CA SER A 303 -25.91 -45.54 24.10
C SER A 303 -24.68 -44.66 24.20
N LEU A 304 -24.39 -43.90 23.14
CA LEU A 304 -23.29 -42.93 23.16
C LEU A 304 -23.77 -41.59 23.71
N LEU A 305 -24.87 -41.61 24.47
CA LEU A 305 -25.26 -40.42 25.19
C LEU A 305 -24.25 -40.02 26.26
N PRO A 306 -23.80 -40.94 27.13
CA PRO A 306 -22.77 -40.60 28.13
C PRO A 306 -21.50 -39.96 27.55
N LEU A 307 -21.19 -40.21 26.29
CA LEU A 307 -20.00 -39.62 25.67
C LEU A 307 -20.23 -38.21 25.11
N MET A 308 -21.50 -37.83 24.92
CA MET A 308 -21.84 -36.61 24.17
C MET A 308 -21.68 -35.31 24.94
N SER A 309 -21.81 -34.18 24.25
CA SER A 309 -21.63 -32.87 24.84
C SER A 309 -22.96 -32.25 25.32
N SER A 310 -23.02 -31.89 26.61
CA SER A 310 -24.22 -31.26 27.17
C SER A 310 -24.04 -29.77 27.39
N THR A 311 -25.12 -28.98 27.20
CA THR A 311 -25.12 -27.54 27.56
C THR A 311 -26.05 -27.19 28.74
N LEU A 312 -25.84 -26.00 29.31
CA LEU A 312 -26.67 -25.49 30.40
C LEU A 312 -27.64 -24.38 29.95
N SER A 313 -28.94 -24.70 29.84
CA SER A 313 -29.97 -23.73 29.43
C SER A 313 -30.92 -23.25 30.52
N ASP A 314 -31.52 -22.07 30.30
CA ASP A 314 -32.52 -21.49 31.21
C ASP A 314 -33.90 -21.99 30.82
N PHE A 315 -34.80 -22.08 31.81
CA PHE A 315 -36.10 -22.74 31.62
C PHE A 315 -37.06 -22.10 30.61
N ASP A 316 -36.88 -20.83 30.27
CA ASP A 316 -37.66 -20.25 29.18
C ASP A 316 -37.31 -20.86 27.80
N SER A 317 -36.01 -20.91 27.49
CA SER A 317 -35.50 -21.49 26.24
C SER A 317 -35.81 -22.98 26.05
N ALA A 318 -35.60 -23.79 27.08
CA ALA A 318 -36.06 -25.18 27.04
C ALA A 318 -37.48 -25.17 26.46
N SER A 319 -38.38 -24.46 27.14
CA SER A 319 -39.77 -24.39 26.75
C SER A 319 -39.92 -23.97 25.30
N ALA A 320 -39.05 -23.03 24.92
CA ALA A 320 -39.08 -22.43 23.59
C ALA A 320 -38.64 -23.42 22.52
N LEU A 321 -37.70 -24.30 22.87
CA LEU A 321 -37.25 -25.37 21.98
C LEU A 321 -38.36 -26.40 21.74
N GLU A 322 -39.10 -26.74 22.81
CA GLU A 322 -40.19 -27.70 22.74
C GLU A 322 -41.31 -27.13 21.86
N ARG A 323 -41.55 -25.83 21.98
CA ARG A 323 -42.50 -25.18 21.11
C ARG A 323 -41.99 -25.31 19.68
N ALA A 324 -40.70 -25.00 19.48
CA ALA A 324 -40.07 -25.08 18.17
C ALA A 324 -40.16 -26.49 17.62
N ALA A 325 -39.95 -27.47 18.49
CA ALA A 325 -40.24 -28.87 18.13
C ALA A 325 -41.68 -29.08 17.61
N ARG A 326 -42.68 -28.75 18.42
CA ARG A 326 -44.08 -28.90 18.03
C ARG A 326 -44.32 -28.30 16.63
N THR A 327 -43.96 -27.02 16.50
CA THR A 327 -44.21 -26.25 15.29
C THR A 327 -43.52 -26.86 14.09
N PHE A 328 -42.21 -27.13 14.24
CA PHE A 328 -41.45 -27.74 13.15
C PHE A 328 -42.07 -29.02 12.60
N ASN A 329 -42.46 -29.94 13.48
CA ASN A 329 -43.09 -31.19 13.05
C ASN A 329 -44.37 -30.88 12.33
N ALA A 330 -45.10 -29.90 12.86
CA ALA A 330 -46.40 -29.45 12.34
C ALA A 330 -46.38 -28.88 10.91
N GLU A 331 -45.51 -27.90 10.66
CA GLU A 331 -45.43 -27.19 9.38
C GLU A 331 -44.57 -27.91 8.33
N MET A 332 -43.53 -28.62 8.75
CA MET A 332 -42.73 -29.37 7.78
C MET A 332 -43.47 -30.60 7.32
N GLY A 333 -44.74 -30.68 7.75
CA GLY A 333 -45.62 -31.82 7.60
C GLY A 333 -45.22 -32.94 6.66
N VAL A 334 -46.17 -33.30 5.79
CA VAL A 334 -46.00 -34.33 4.76
C VAL A 334 -44.57 -34.86 4.63
N SER B 2 -1.60 -7.63 23.30
CA SER B 2 -2.03 -7.05 24.61
C SER B 2 -2.14 -5.52 24.57
N HIS B 3 -1.61 -4.91 23.50
CA HIS B 3 -1.77 -3.48 23.35
C HIS B 3 -3.14 -3.23 22.70
N MET B 4 -3.90 -2.29 23.24
CA MET B 4 -5.27 -2.12 22.76
C MET B 4 -5.46 -1.09 21.63
N VAL B 5 -5.95 -1.58 20.51
CA VAL B 5 -6.18 -0.78 19.30
C VAL B 5 -7.68 -0.46 19.10
N THR B 6 -8.01 0.81 18.83
CA THR B 6 -9.38 1.22 18.56
C THR B 6 -9.69 1.19 17.07
N ILE B 7 -10.59 0.30 16.68
CA ILE B 7 -10.99 0.16 15.29
C ILE B 7 -12.38 0.69 15.06
N VAL B 8 -12.59 1.36 13.94
CA VAL B 8 -13.92 1.62 13.46
C VAL B 8 -14.00 1.07 12.04
N ARG B 9 -14.98 0.20 11.79
CA ARG B 9 -15.22 -0.30 10.45
C ARG B 9 -16.44 0.30 9.79
N ILE B 10 -16.29 0.66 8.52
CA ILE B 10 -17.37 1.19 7.73
C ILE B 10 -17.62 0.31 6.53
N TYR B 11 -18.88 -0.04 6.31
CA TYR B 11 -19.28 -0.69 5.07
C TYR B 11 -19.94 0.36 4.22
N LEU B 12 -19.30 0.72 3.11
CA LEU B 12 -19.94 1.60 2.15
C LEU B 12 -20.85 0.77 1.26
N ASP B 13 -22.10 1.18 1.15
CA ASP B 13 -23.08 0.47 0.34
C ASP B 13 -24.06 1.38 -0.38
N GLY B 14 -24.90 0.79 -1.23
CA GLY B 14 -25.85 1.55 -2.02
C GLY B 14 -25.89 1.10 -3.46
N VAL B 15 -26.75 1.74 -4.24
CA VAL B 15 -26.86 1.49 -5.67
C VAL B 15 -25.52 1.66 -6.42
N TYR B 16 -25.29 0.85 -7.44
CA TYR B 16 -24.03 0.89 -8.18
C TYR B 16 -23.97 2.11 -9.08
N GLY B 17 -22.75 2.55 -9.43
CA GLY B 17 -22.53 3.70 -10.30
C GLY B 17 -22.71 5.06 -9.65
N ILE B 18 -22.78 5.09 -8.33
CA ILE B 18 -23.07 6.32 -7.58
C ILE B 18 -21.81 7.08 -7.16
N GLY B 19 -20.69 6.37 -7.07
CA GLY B 19 -19.43 6.97 -6.70
C GLY B 19 -18.74 6.30 -5.53
N LYS B 20 -19.43 5.36 -4.90
CA LYS B 20 -18.96 4.77 -3.65
C LYS B 20 -17.54 4.22 -3.67
N SER B 21 -17.16 3.49 -4.73
CA SER B 21 -15.81 2.92 -4.81
C SER B 21 -14.74 3.98 -4.88
N THR B 22 -14.98 5.03 -5.65
CA THR B 22 -14.09 6.18 -5.73
C THR B 22 -13.97 6.90 -4.38
N THR B 23 -15.10 7.08 -3.70
CA THR B 23 -15.12 7.65 -2.35
C THR B 23 -14.20 6.86 -1.42
N GLY B 24 -14.38 5.54 -1.35
CA GLY B 24 -13.60 4.71 -0.47
C GLY B 24 -12.09 4.78 -0.69
N ARG B 25 -11.69 4.80 -1.96
CA ARG B 25 -10.27 4.93 -2.30
C ARG B 25 -9.68 6.24 -1.76
N VAL B 26 -10.49 7.29 -1.71
CA VAL B 26 -10.03 8.58 -1.18
C VAL B 26 -9.90 8.54 0.34
N MET B 27 -10.91 7.97 1.00
CA MET B 27 -10.84 7.76 2.44
C MET B 27 -9.61 6.96 2.86
N ALA B 28 -9.15 6.07 1.98
CA ALA B 28 -7.93 5.30 2.22
C ALA B 28 -6.69 6.15 2.03
N SER B 29 -6.72 6.98 0.97
CA SER B 29 -5.58 7.82 0.59
C SER B 29 -5.23 8.69 1.75
N ALA B 30 -3.96 8.86 2.00
CA ALA B 30 -3.54 9.63 3.16
C ALA B 30 -3.96 11.10 3.03
N ALA B 31 -4.05 11.59 1.79
CA ALA B 31 -4.32 13.00 1.61
C ALA B 31 -5.58 13.48 2.32
N SER B 32 -6.45 12.52 2.69
CA SER B 32 -7.76 12.82 3.25
C SER B 32 -7.72 12.86 4.76
N GLY B 33 -6.50 12.89 5.30
CA GLY B 33 -6.28 12.97 6.74
C GLY B 33 -7.03 11.93 7.53
N GLY B 34 -7.45 12.33 8.73
CA GLY B 34 -8.19 11.46 9.63
C GLY B 34 -7.30 10.44 10.27
N SER B 35 -7.81 9.22 10.40
CA SER B 35 -7.08 8.11 11.01
C SER B 35 -6.71 7.13 9.88
N PRO B 36 -5.61 6.39 10.04
CA PRO B 36 -5.16 5.42 9.05
C PRO B 36 -6.28 4.51 8.58
N THR B 37 -6.38 4.31 7.28
CA THR B 37 -7.54 3.66 6.68
C THR B 37 -7.11 2.52 5.78
N LEU B 38 -7.72 1.37 5.99
CA LEU B 38 -7.53 0.26 5.12
C LEU B 38 -8.81 0.15 4.36
N TYR B 39 -8.73 -0.18 3.09
CA TYR B 39 -9.90 -0.22 2.21
C TYR B 39 -10.00 -1.56 1.50
N PHE B 40 -11.05 -2.31 1.77
CA PHE B 40 -11.24 -3.58 1.08
C PHE B 40 -12.08 -3.30 -0.14
N PRO B 41 -11.54 -3.49 -1.34
CA PRO B 41 -12.29 -3.20 -2.57
C PRO B 41 -13.33 -4.28 -2.93
N GLU B 42 -14.05 -4.05 -4.02
CA GLU B 42 -14.98 -5.03 -4.57
C GLU B 42 -14.21 -6.23 -5.00
N PRO B 43 -14.79 -7.41 -4.82
CA PRO B 43 -14.13 -8.68 -5.17
C PRO B 43 -14.15 -9.01 -6.67
N MET B 44 -13.90 -8.01 -7.53
CA MET B 44 -13.88 -8.15 -8.99
C MET B 44 -13.28 -9.45 -9.52
N ALA B 45 -12.01 -9.70 -9.22
CA ALA B 45 -11.32 -10.91 -9.70
C ALA B 45 -12.10 -12.19 -9.41
N TYR B 46 -12.53 -12.34 -8.17
CA TYR B 46 -13.37 -13.46 -7.83
C TYR B 46 -14.55 -13.65 -8.78
N TRP B 47 -15.24 -12.55 -9.10
CA TRP B 47 -16.41 -12.57 -9.94
C TRP B 47 -16.11 -12.89 -11.40
N ARG B 48 -14.97 -12.40 -11.90
CA ARG B 48 -14.73 -12.34 -13.34
C ARG B 48 -13.63 -13.27 -13.78
N THR B 49 -12.47 -13.17 -13.16
CA THR B 49 -11.29 -13.86 -13.67
C THR B 49 -10.89 -15.15 -12.96
N LEU B 50 -11.17 -15.27 -11.67
CA LEU B 50 -10.64 -16.41 -10.89
C LEU B 50 -11.23 -17.80 -11.22
N PHE B 51 -12.30 -17.84 -12.00
CA PHE B 51 -12.93 -19.10 -12.35
C PHE B 51 -13.32 -19.07 -13.82
N GLU B 52 -13.61 -20.26 -14.37
CA GLU B 52 -14.01 -20.38 -15.76
C GLU B 52 -15.14 -19.43 -16.23
N THR B 53 -16.05 -19.04 -15.33
CA THR B 53 -17.17 -18.22 -15.74
C THR B 53 -17.20 -16.88 -14.99
N ASP B 54 -17.50 -15.83 -15.76
CA ASP B 54 -17.49 -14.47 -15.29
C ASP B 54 -18.95 -14.19 -14.95
N VAL B 55 -19.23 -14.09 -13.65
CA VAL B 55 -20.61 -14.01 -13.18
C VAL B 55 -21.35 -12.80 -13.72
N ILE B 56 -20.58 -11.78 -14.12
CA ILE B 56 -21.16 -10.57 -14.71
C ILE B 56 -21.55 -10.79 -16.16
N SER B 57 -20.65 -11.42 -16.95
CA SER B 57 -20.99 -11.87 -18.31
C SER B 57 -22.19 -12.78 -18.23
N GLY B 58 -21.94 -14.02 -17.81
CA GLY B 58 -23.00 -14.99 -17.53
C GLY B 58 -24.36 -14.38 -17.26
N ILE B 59 -24.49 -13.64 -16.13
CA ILE B 59 -25.81 -13.18 -15.66
C ILE B 59 -26.59 -12.49 -16.76
N TYR B 60 -26.03 -11.39 -17.29
CA TYR B 60 -26.66 -10.67 -18.39
C TYR B 60 -26.76 -11.52 -19.67
N ASP B 61 -25.76 -12.37 -19.93
CA ASP B 61 -25.85 -13.30 -21.09
C ASP B 61 -27.03 -14.29 -20.92
N THR B 62 -27.53 -14.43 -19.69
CA THR B 62 -28.69 -15.29 -19.46
C THR B 62 -30.00 -14.49 -19.40
N GLN B 63 -29.94 -13.21 -19.07
CA GLN B 63 -31.10 -12.33 -19.25
C GLN B 63 -31.37 -12.08 -20.73
N ASN B 64 -30.29 -12.12 -21.52
CA ASN B 64 -30.31 -11.92 -22.96
C ASN B 64 -30.95 -13.10 -23.72
N ARG B 65 -30.48 -14.31 -23.45
CA ARG B 65 -31.08 -15.53 -24.00
C ARG B 65 -32.59 -15.69 -23.60
N LYS B 66 -33.02 -15.01 -22.53
CA LYS B 66 -34.42 -14.90 -22.08
C LYS B 66 -35.31 -14.24 -23.15
N GLN B 67 -35.29 -12.91 -23.20
CA GLN B 67 -36.02 -12.18 -24.25
C GLN B 67 -35.65 -12.69 -25.63
N GLN B 68 -34.37 -13.01 -25.85
CA GLN B 68 -33.89 -13.40 -27.19
C GLN B 68 -33.87 -14.93 -27.44
N GLY B 69 -35.07 -15.53 -27.34
CA GLY B 69 -35.34 -16.95 -27.60
C GLY B 69 -34.19 -17.86 -28.01
N ASN B 70 -33.93 -18.86 -27.15
CA ASN B 70 -32.79 -19.81 -27.22
C ASN B 70 -32.56 -20.46 -25.82
N LEU B 71 -33.32 -19.96 -24.84
CA LEU B 71 -33.36 -20.44 -23.44
C LEU B 71 -34.66 -20.04 -22.70
N ALA B 72 -35.24 -21.00 -21.97
CA ALA B 72 -36.51 -20.84 -21.28
C ALA B 72 -36.60 -19.70 -20.21
N VAL B 73 -37.75 -19.03 -20.19
CA VAL B 73 -38.15 -18.12 -19.10
C VAL B 73 -38.11 -18.80 -17.70
N ASP B 74 -38.32 -20.11 -17.68
CA ASP B 74 -38.34 -20.90 -16.44
C ASP B 74 -36.93 -20.99 -15.85
N ASP B 75 -35.96 -21.16 -16.77
CA ASP B 75 -34.56 -21.46 -16.44
C ASP B 75 -33.79 -20.21 -16.07
N ALA B 76 -34.08 -19.13 -16.79
CA ALA B 76 -33.50 -17.82 -16.53
C ALA B 76 -33.64 -17.45 -15.04
N ALA B 77 -34.84 -17.60 -14.48
CA ALA B 77 -35.09 -17.29 -13.07
C ALA B 77 -34.45 -18.34 -12.13
N LEU B 78 -33.64 -19.23 -12.73
CA LEU B 78 -32.91 -20.26 -12.00
C LEU B 78 -31.39 -20.15 -12.21
N ILE B 79 -30.98 -19.87 -13.45
CA ILE B 79 -29.60 -19.56 -13.72
C ILE B 79 -29.23 -18.15 -13.23
N THR B 80 -30.21 -17.25 -13.20
CA THR B 80 -29.96 -15.88 -12.75
C THR B 80 -29.81 -15.88 -11.24
N ALA B 81 -30.65 -16.69 -10.59
CA ALA B 81 -30.60 -16.83 -9.15
C ALA B 81 -29.24 -17.45 -8.78
N HIS B 82 -28.80 -18.44 -9.56
CA HIS B 82 -27.57 -19.13 -9.25
C HIS B 82 -26.43 -18.16 -9.30
N TYR B 83 -26.54 -17.20 -10.20
CA TYR B 83 -25.49 -16.23 -10.42
C TYR B 83 -25.56 -15.17 -9.35
N GLN B 84 -26.76 -14.79 -8.97
CA GLN B 84 -26.87 -13.89 -7.83
C GLN B 84 -26.18 -14.51 -6.60
N SER B 85 -26.29 -15.82 -6.44
CA SER B 85 -25.67 -16.52 -5.31
C SER B 85 -24.16 -16.49 -5.40
N ARG B 86 -23.65 -16.47 -6.63
CA ARG B 86 -22.22 -16.44 -6.86
C ARG B 86 -21.57 -15.11 -6.50
N PHE B 87 -22.37 -14.06 -6.47
CA PHE B 87 -21.89 -12.74 -6.12
C PHE B 87 -21.55 -12.68 -4.65
N THR B 88 -22.30 -13.41 -3.86
CA THR B 88 -22.18 -13.30 -2.41
C THR B 88 -20.94 -13.99 -1.85
N THR B 89 -20.47 -15.05 -2.50
CA THR B 89 -19.39 -15.88 -1.96
C THR B 89 -18.15 -15.13 -1.43
N PRO B 90 -17.53 -14.27 -2.23
CA PRO B 90 -16.31 -13.57 -1.76
C PRO B 90 -16.57 -12.69 -0.56
N TYR B 91 -17.78 -12.16 -0.43
CA TYR B 91 -18.14 -11.33 0.74
C TYR B 91 -18.27 -12.15 2.02
N LEU B 92 -18.83 -13.35 1.88
CA LEU B 92 -18.98 -14.26 3.00
C LEU B 92 -17.62 -14.70 3.45
N ILE B 93 -16.73 -14.96 2.50
CA ILE B 93 -15.39 -15.42 2.81
C ILE B 93 -14.65 -14.32 3.53
N LEU B 94 -14.71 -13.11 3.01
CA LEU B 94 -14.00 -12.00 3.66
C LEU B 94 -14.54 -11.78 5.05
N HIS B 95 -15.86 -11.72 5.17
CA HIS B 95 -16.54 -11.57 6.45
C HIS B 95 -16.07 -12.58 7.49
N ASP B 96 -16.01 -13.86 7.11
CA ASP B 96 -15.55 -14.91 8.02
C ASP B 96 -14.10 -14.71 8.46
N HIS B 97 -13.27 -14.16 7.56
CA HIS B 97 -11.86 -13.96 7.83
C HIS B 97 -11.62 -12.79 8.77
N THR B 98 -12.33 -11.69 8.54
CA THR B 98 -12.09 -10.50 9.34
C THR B 98 -12.91 -10.41 10.61
N CYS B 99 -14.04 -11.09 10.69
CA CYS B 99 -14.92 -10.95 11.85
C CYS B 99 -14.27 -11.25 13.23
N THR B 100 -13.35 -12.21 13.26
CA THR B 100 -12.73 -12.68 14.50
C THR B 100 -11.48 -11.87 14.85
N LEU B 101 -11.45 -10.61 14.38
CA LEU B 101 -10.28 -9.74 14.46
C LEU B 101 -10.69 -8.37 14.93
N PHE B 102 -11.94 -8.00 14.68
CA PHE B 102 -12.51 -6.73 15.14
C PHE B 102 -12.50 -6.58 16.66
N GLY B 103 -12.54 -7.71 17.36
CA GLY B 103 -12.69 -7.70 18.80
C GLY B 103 -14.01 -7.12 19.28
N GLY B 104 -14.21 -7.09 20.60
CA GLY B 104 -15.45 -6.61 21.16
C GLY B 104 -15.37 -5.24 21.81
N ASN B 105 -16.30 -4.98 22.73
CA ASN B 105 -16.49 -3.69 23.37
C ASN B 105 -16.87 -2.62 22.38
N SER B 106 -18.00 -2.81 21.72
CA SER B 106 -18.49 -1.86 20.75
C SER B 106 -19.22 -0.73 21.46
N LEU B 107 -18.65 0.47 21.44
CA LEU B 107 -19.20 1.58 22.20
C LEU B 107 -19.00 2.91 21.47
N GLN B 108 -20.06 3.53 20.95
CA GLN B 108 -19.92 4.83 20.24
C GLN B 108 -19.10 5.82 21.07
N ARG B 109 -17.82 5.96 20.73
CA ARG B 109 -16.84 6.69 21.57
C ARG B 109 -16.54 8.12 21.14
N GLY B 110 -17.27 8.64 20.16
CA GLY B 110 -17.06 9.98 19.63
C GLY B 110 -15.66 10.57 19.39
N THR B 111 -14.61 9.75 19.40
CA THR B 111 -13.27 10.24 19.08
C THR B 111 -12.77 9.53 17.84
N GLN B 112 -11.64 9.98 17.33
CA GLN B 112 -10.98 9.29 16.25
C GLN B 112 -10.46 7.94 16.75
N PRO B 113 -10.65 6.88 15.94
CA PRO B 113 -10.07 5.56 16.22
C PRO B 113 -8.59 5.39 15.83
N ASP B 114 -7.89 4.49 16.50
CA ASP B 114 -6.55 4.07 16.06
C ASP B 114 -6.52 3.81 14.55
N LEU B 115 -7.50 3.07 14.04
CA LEU B 115 -7.62 2.88 12.60
C LEU B 115 -9.07 2.69 12.11
N THR B 116 -9.21 2.60 10.79
CA THR B 116 -10.49 2.60 10.09
C THR B 116 -10.43 1.60 8.95
N LEU B 117 -11.45 0.76 8.85
CA LEU B 117 -11.58 -0.16 7.76
C LEU B 117 -12.76 0.22 6.90
N VAL B 118 -12.49 0.57 5.65
CA VAL B 118 -13.60 0.75 4.73
C VAL B 118 -13.76 -0.49 3.89
N PHE B 119 -14.88 -1.18 4.05
CA PHE B 119 -15.23 -2.29 3.15
C PHE B 119 -16.17 -1.80 2.07
N ASP B 120 -15.89 -2.16 0.84
CA ASP B 120 -16.80 -1.82 -0.24
C ASP B 120 -17.94 -2.83 -0.28
N ARG B 121 -19.05 -2.45 0.34
CA ARG B 121 -20.25 -3.29 0.45
C ARG B 121 -20.21 -4.27 1.61
N HIS B 122 -21.40 -4.43 2.21
CA HIS B 122 -21.67 -5.39 3.26
C HIS B 122 -22.34 -6.62 2.65
N PRO B 123 -22.15 -7.80 3.21
CA PRO B 123 -22.91 -8.98 2.79
C PRO B 123 -24.40 -8.71 2.52
N VAL B 124 -25.01 -7.74 3.20
CA VAL B 124 -26.44 -7.41 2.98
C VAL B 124 -26.75 -7.08 1.53
N ALA B 125 -25.78 -6.50 0.84
CA ALA B 125 -25.97 -6.06 -0.52
C ALA B 125 -26.34 -7.20 -1.48
N SER B 126 -25.65 -8.33 -1.34
CA SER B 126 -25.76 -9.43 -2.27
C SER B 126 -26.62 -10.55 -1.75
N THR B 127 -26.93 -10.54 -0.46
CA THR B 127 -27.82 -11.55 0.07
C THR B 127 -29.25 -11.07 0.32
N VAL B 128 -29.44 -9.75 0.46
CA VAL B 128 -30.79 -9.19 0.62
C VAL B 128 -31.14 -8.19 -0.47
N CYS B 129 -30.28 -7.22 -0.71
CA CYS B 129 -30.70 -6.04 -1.46
C CYS B 129 -30.85 -6.28 -2.97
N PHE B 130 -29.80 -6.80 -3.58
CA PHE B 130 -29.88 -7.14 -4.99
C PHE B 130 -30.89 -8.26 -5.23
N PRO B 131 -30.87 -9.35 -4.44
CA PRO B 131 -31.92 -10.36 -4.54
C PRO B 131 -33.32 -9.77 -4.42
N ALA B 132 -33.57 -8.93 -3.42
CA ALA B 132 -34.89 -8.30 -3.25
C ALA B 132 -35.33 -7.53 -4.49
N ALA B 133 -34.39 -6.82 -5.11
CA ALA B 133 -34.69 -6.05 -6.29
C ALA B 133 -34.96 -6.95 -7.50
N ARG B 134 -34.19 -8.02 -7.63
CA ARG B 134 -34.41 -8.96 -8.73
C ARG B 134 -35.80 -9.62 -8.62
N TYR B 135 -36.24 -9.85 -7.38
CA TYR B 135 -37.57 -10.43 -7.11
C TYR B 135 -38.70 -9.45 -7.38
N LEU B 136 -38.54 -8.21 -6.95
CA LEU B 136 -39.53 -7.19 -7.24
C LEU B 136 -39.68 -6.97 -8.76
N LEU B 137 -38.61 -7.21 -9.52
CA LEU B 137 -38.68 -7.04 -10.97
C LEU B 137 -39.23 -8.27 -11.70
N GLY B 138 -39.65 -9.29 -10.95
CA GLY B 138 -40.16 -10.52 -11.55
C GLY B 138 -39.10 -11.46 -12.09
N ASP B 139 -37.83 -11.16 -11.89
CA ASP B 139 -36.77 -11.99 -12.44
C ASP B 139 -36.39 -13.18 -11.56
N MET B 140 -37.02 -13.28 -10.39
CA MET B 140 -36.60 -14.22 -9.37
C MET B 140 -37.75 -14.48 -8.38
N SER B 141 -37.89 -15.73 -7.93
CA SER B 141 -39.01 -16.11 -7.10
C SER B 141 -38.81 -15.76 -5.63
N MET B 142 -39.90 -15.66 -4.87
CA MET B 142 -39.83 -15.36 -3.45
C MET B 142 -39.08 -16.44 -2.71
N CYS B 143 -39.16 -17.65 -3.23
CA CYS B 143 -38.51 -18.78 -2.62
C CYS B 143 -37.00 -18.70 -2.85
N ALA B 144 -36.60 -18.30 -4.05
CA ALA B 144 -35.18 -18.04 -4.30
C ALA B 144 -34.64 -16.97 -3.36
N LEU B 145 -35.41 -15.89 -3.21
CA LEU B 145 -35.13 -14.80 -2.26
C LEU B 145 -34.83 -15.28 -0.84
N MET B 146 -35.69 -16.17 -0.36
CA MET B 146 -35.52 -16.75 0.95
C MET B 146 -34.26 -17.60 1.06
N ALA B 147 -33.87 -18.23 -0.05
CA ALA B 147 -32.65 -19.00 -0.12
C ALA B 147 -31.41 -18.12 0.00
N MET B 148 -31.58 -16.82 -0.21
CA MET B 148 -30.45 -15.92 -0.10
C MET B 148 -30.53 -15.06 1.15
N VAL B 149 -31.73 -14.57 1.44
CA VAL B 149 -31.91 -13.85 2.68
C VAL B 149 -31.30 -14.69 3.80
N ALA B 150 -31.58 -15.99 3.81
CA ALA B 150 -31.06 -16.91 4.85
C ALA B 150 -29.54 -16.95 5.01
N THR B 151 -28.82 -16.57 3.95
CA THR B 151 -27.38 -16.67 3.95
C THR B 151 -26.69 -15.36 4.27
N LEU B 152 -27.43 -14.38 4.79
CA LEU B 152 -26.82 -13.24 5.46
C LEU B 152 -26.10 -13.77 6.69
N PRO B 153 -24.83 -13.44 6.84
CA PRO B 153 -24.09 -13.75 8.07
C PRO B 153 -24.52 -12.81 9.22
N ARG B 154 -24.47 -13.25 10.48
CA ARG B 154 -24.74 -12.33 11.58
C ARG B 154 -23.66 -11.28 11.71
N GLU B 155 -24.03 -10.01 11.67
CA GLU B 155 -23.05 -8.98 11.93
C GLU B 155 -22.71 -9.09 13.40
N PRO B 156 -21.42 -9.03 13.75
CA PRO B 156 -21.01 -8.89 15.14
C PRO B 156 -21.13 -7.42 15.60
N GLN B 157 -20.81 -7.15 16.87
CA GLN B 157 -20.91 -5.77 17.41
C GLN B 157 -20.00 -4.80 16.67
N GLY B 158 -20.46 -3.56 16.53
CA GLY B 158 -19.58 -2.49 16.08
C GLY B 158 -19.64 -2.14 14.61
N GLY B 159 -20.45 -2.85 13.85
CA GLY B 159 -20.50 -2.65 12.40
C GLY B 159 -21.23 -1.37 12.07
N ASN B 160 -20.63 -0.54 11.22
CA ASN B 160 -21.31 0.65 10.73
C ASN B 160 -21.49 0.54 9.24
N ILE B 161 -22.71 0.76 8.78
CA ILE B 161 -22.96 0.77 7.35
C ILE B 161 -23.44 2.13 6.92
N VAL B 162 -22.83 2.64 5.84
CA VAL B 162 -23.15 3.94 5.28
C VAL B 162 -23.75 3.77 3.90
N VAL B 163 -25.05 3.96 3.79
CA VAL B 163 -25.71 3.84 2.51
C VAL B 163 -25.55 5.14 1.73
N THR B 164 -24.78 5.08 0.66
CA THR B 164 -24.54 6.24 -0.18
C THR B 164 -25.75 6.57 -1.02
N THR B 165 -26.01 7.86 -1.20
CA THR B 165 -27.15 8.32 -2.00
C THR B 165 -26.73 9.41 -2.99
N LEU B 166 -27.62 9.67 -3.94
CA LEU B 166 -27.38 10.64 -4.98
C LEU B 166 -28.71 10.95 -5.66
N ASN B 167 -28.96 12.22 -5.93
CA ASN B 167 -30.07 12.59 -6.81
C ASN B 167 -29.93 11.89 -8.18
N VAL B 168 -31.05 11.56 -8.81
CA VAL B 168 -31.12 10.71 -10.04
C VAL B 168 -30.39 11.26 -11.31
N GLU B 169 -30.53 12.57 -11.57
CA GLU B 169 -29.79 13.30 -12.62
C GLU B 169 -28.31 12.98 -12.57
N GLU B 170 -27.70 13.29 -11.44
CA GLU B 170 -26.27 13.12 -11.24
C GLU B 170 -25.86 11.67 -11.33
N HIS B 171 -26.68 10.80 -10.74
CA HIS B 171 -26.42 9.35 -10.77
C HIS B 171 -26.36 8.78 -12.18
N ILE B 172 -27.35 9.13 -12.99
CA ILE B 172 -27.38 8.78 -14.40
C ILE B 172 -26.18 9.36 -15.16
N ARG B 173 -25.89 10.65 -14.93
CA ARG B 173 -24.72 11.29 -15.54
C ARG B 173 -23.48 10.42 -15.34
N ARG B 174 -23.21 10.04 -14.09
CA ARG B 174 -22.04 9.22 -13.79
C ARG B 174 -22.12 7.91 -14.59
N LEU B 175 -23.26 7.23 -14.48
CA LEU B 175 -23.44 5.95 -15.13
C LEU B 175 -23.01 5.94 -16.60
N ARG B 176 -23.26 7.06 -17.29
CA ARG B 176 -22.86 7.19 -18.69
C ARG B 176 -21.39 7.56 -18.84
N THR B 177 -20.82 8.16 -17.79
CA THR B 177 -19.41 8.57 -17.77
C THR B 177 -18.43 7.40 -17.89
N ARG B 178 -18.61 6.34 -17.08
CA ARG B 178 -17.99 5.06 -17.42
C ARG B 178 -18.79 4.47 -18.59
N ALA B 179 -19.33 3.27 -18.44
CA ALA B 179 -20.12 2.63 -19.52
C ALA B 179 -19.62 2.93 -20.96
N ARG B 180 -20.17 3.98 -21.59
CA ARG B 180 -19.75 4.47 -22.93
C ARG B 180 -20.16 3.66 -24.17
N ILE B 181 -20.64 4.41 -25.16
CA ILE B 181 -20.83 3.97 -26.55
C ILE B 181 -21.97 2.93 -26.83
N GLY B 182 -23.22 3.38 -26.72
CA GLY B 182 -24.37 2.56 -27.13
C GLY B 182 -24.69 1.38 -26.20
N GLU B 183 -24.09 1.42 -25.02
CA GLU B 183 -24.45 0.53 -23.95
C GLU B 183 -25.71 1.08 -23.31
N GLN B 184 -26.68 0.21 -23.09
CA GLN B 184 -27.89 0.59 -22.41
C GLN B 184 -27.61 0.68 -20.91
N ILE B 185 -28.43 1.45 -20.19
CA ILE B 185 -28.22 1.63 -18.77
C ILE B 185 -29.03 0.65 -17.95
N ASP B 186 -30.33 0.54 -18.24
CA ASP B 186 -31.21 -0.35 -17.45
C ASP B 186 -31.76 0.43 -16.24
N ILE B 187 -32.57 1.42 -16.54
CA ILE B 187 -33.15 2.29 -15.54
C ILE B 187 -33.97 1.48 -14.56
N THR B 188 -34.61 0.43 -15.07
CA THR B 188 -35.64 -0.30 -14.32
C THR B 188 -35.09 -0.84 -13.02
N LEU B 189 -33.98 -1.56 -13.13
CA LEU B 189 -33.24 -2.08 -11.99
C LEU B 189 -32.76 -0.96 -11.07
N ILE B 190 -32.07 0.01 -11.66
CA ILE B 190 -31.55 1.15 -10.91
C ILE B 190 -32.63 1.79 -10.03
N ALA B 191 -33.82 1.95 -10.59
CA ALA B 191 -34.91 2.54 -9.83
C ALA B 191 -35.31 1.64 -8.65
N THR B 192 -35.37 0.33 -8.88
CA THR B 192 -35.77 -0.61 -7.84
C THR B 192 -34.72 -0.71 -6.74
N LEU B 193 -33.45 -0.81 -7.13
CA LEU B 193 -32.33 -0.84 -6.21
C LEU B 193 -32.30 0.41 -5.32
N ARG B 194 -32.61 1.54 -5.91
CA ARG B 194 -32.67 2.76 -5.15
C ARG B 194 -33.74 2.64 -4.09
N ASN B 195 -34.90 2.08 -4.47
CA ASN B 195 -36.00 1.86 -3.51
C ASN B 195 -35.67 0.84 -2.45
N VAL B 196 -35.03 -0.25 -2.85
CA VAL B 196 -34.57 -1.26 -1.91
C VAL B 196 -33.62 -0.66 -0.86
N TYR B 197 -32.69 0.18 -1.30
CA TYR B 197 -31.76 0.75 -0.33
C TYR B 197 -32.40 1.73 0.63
N PHE B 198 -33.41 2.46 0.18
CA PHE B 198 -34.20 3.27 1.11
C PHE B 198 -34.92 2.39 2.11
N MET B 199 -35.52 1.29 1.62
CA MET B 199 -36.16 0.33 2.49
C MET B 199 -35.19 -0.13 3.59
N LEU B 200 -33.91 -0.29 3.22
CA LEU B 200 -32.88 -0.80 4.13
C LEU B 200 -32.48 0.23 5.19
N VAL B 201 -32.18 1.46 4.77
CA VAL B 201 -31.96 2.55 5.72
C VAL B 201 -33.14 2.69 6.68
N ASN B 202 -34.36 2.68 6.13
CA ASN B 202 -35.55 2.69 6.97
C ASN B 202 -35.62 1.45 7.85
N THR B 203 -35.17 0.31 7.36
CA THR B 203 -35.30 -0.89 8.15
C THR B 203 -34.50 -0.81 9.46
N CYS B 204 -33.20 -0.53 9.34
CA CYS B 204 -32.33 -0.41 10.51
C CYS B 204 -32.72 0.73 11.44
N HIS B 205 -33.14 1.88 10.91
CA HIS B 205 -33.80 2.91 11.74
C HIS B 205 -34.94 2.30 12.59
N PHE B 206 -35.94 1.77 11.91
CA PHE B 206 -37.07 1.07 12.54
C PHE B 206 -36.59 0.19 13.69
N LEU B 207 -35.48 -0.49 13.42
CA LEU B 207 -34.98 -1.50 14.34
C LEU B 207 -34.22 -0.86 15.48
N ARG B 208 -33.26 0.02 15.19
CA ARG B 208 -32.65 0.81 16.27
C ARG B 208 -33.77 1.50 17.09
N SER B 209 -34.78 2.06 16.43
CA SER B 209 -35.93 2.64 17.12
C SER B 209 -36.39 1.71 18.20
N GLY B 210 -36.22 0.41 17.97
CA GLY B 210 -36.56 -0.60 18.95
C GLY B 210 -37.89 -1.23 18.63
N ARG B 211 -38.29 -1.12 17.37
CA ARG B 211 -39.49 -1.78 16.90
C ARG B 211 -39.16 -3.17 16.37
N VAL B 212 -40.12 -4.08 16.41
CA VAL B 212 -39.98 -5.40 15.78
C VAL B 212 -40.81 -5.52 14.47
N TRP B 213 -40.55 -6.55 13.68
CA TRP B 213 -41.27 -6.69 12.40
C TRP B 213 -42.76 -6.98 12.60
N ARG B 214 -43.12 -7.48 13.77
CA ARG B 214 -44.51 -7.75 14.07
C ARG B 214 -45.36 -6.49 14.28
N ASP B 215 -44.83 -5.50 15.00
CA ASP B 215 -45.52 -4.23 15.26
C ASP B 215 -46.11 -3.60 14.02
N GLY B 216 -47.42 -3.70 13.84
CA GLY B 216 -48.09 -3.12 12.70
C GLY B 216 -48.26 -4.07 11.51
N TRP B 217 -47.98 -5.35 11.72
CA TRP B 217 -47.95 -6.34 10.64
C TRP B 217 -49.35 -6.74 10.20
N GLY B 218 -50.15 -7.26 11.13
CA GLY B 218 -51.50 -7.70 10.85
C GLY B 218 -52.49 -6.60 10.47
N GLU B 219 -52.01 -5.39 10.26
CA GLU B 219 -52.90 -4.32 9.87
C GLU B 219 -52.36 -3.70 8.57
N LEU B 220 -51.17 -4.15 8.20
CA LEU B 220 -50.54 -3.78 6.93
C LEU B 220 -51.19 -4.54 5.74
N PRO B 221 -51.43 -3.80 4.66
CA PRO B 221 -52.02 -4.38 3.46
C PRO B 221 -51.17 -5.50 2.89
N THR B 222 -51.79 -6.66 2.74
CA THR B 222 -51.12 -7.84 2.22
C THR B 222 -50.51 -7.47 0.91
N SER B 223 -49.19 -7.54 0.87
CA SER B 223 -48.41 -7.00 -0.24
C SER B 223 -48.40 -7.98 -1.37
N CYS B 224 -48.82 -7.57 -2.57
CA CYS B 224 -48.69 -8.47 -3.72
C CYS B 224 -48.43 -7.77 -5.05
N GLY B 225 -49.43 -7.76 -5.92
CA GLY B 225 -49.31 -7.17 -7.23
C GLY B 225 -48.87 -5.72 -7.21
N ALA B 226 -49.77 -4.84 -6.73
CA ALA B 226 -49.49 -3.43 -6.63
C ALA B 226 -48.13 -3.17 -6.01
N TYR B 227 -47.90 -3.74 -4.82
CA TYR B 227 -46.67 -3.49 -4.07
C TYR B 227 -45.39 -3.70 -4.89
N LYS B 228 -45.40 -4.69 -5.78
CA LYS B 228 -44.23 -4.97 -6.61
C LYS B 228 -44.03 -3.88 -7.65
N HIS B 229 -45.12 -3.44 -8.28
CA HIS B 229 -45.04 -2.31 -9.19
C HIS B 229 -44.49 -1.10 -8.49
N ARG B 230 -45.00 -0.84 -7.30
CA ARG B 230 -44.65 0.41 -6.64
C ARG B 230 -43.19 0.46 -6.19
N ALA B 231 -42.67 -0.70 -5.80
CA ALA B 231 -41.25 -0.90 -5.50
C ALA B 231 -40.32 -0.63 -6.68
N THR B 232 -40.82 -0.80 -7.91
CA THR B 232 -39.99 -0.56 -9.08
C THR B 232 -40.18 0.83 -9.63
N GLN B 233 -41.08 1.61 -9.07
CA GLN B 233 -41.32 3.00 -9.52
C GLN B 233 -40.37 4.01 -8.85
N MET B 234 -39.86 4.96 -9.63
CA MET B 234 -38.77 5.82 -9.19
C MET B 234 -39.27 6.70 -8.07
N ASP B 235 -38.48 6.79 -7.01
CA ASP B 235 -38.76 7.60 -5.81
C ASP B 235 -40.09 7.29 -5.08
N ALA B 236 -40.66 6.12 -5.30
CA ALA B 236 -41.79 5.66 -4.51
C ALA B 236 -41.45 5.59 -3.02
N PHE B 237 -40.16 5.41 -2.73
CA PHE B 237 -39.65 5.23 -1.38
C PHE B 237 -38.54 6.23 -1.08
N GLN B 238 -38.46 6.64 0.18
CA GLN B 238 -37.45 7.59 0.61
C GLN B 238 -37.01 7.28 2.00
N GLU B 239 -36.06 8.07 2.48
CA GLU B 239 -35.60 7.94 3.84
C GLU B 239 -36.62 8.62 4.71
N ARG B 240 -37.30 7.81 5.51
CA ARG B 240 -38.28 8.34 6.42
C ARG B 240 -37.61 8.67 7.73
N VAL B 241 -38.05 9.79 8.31
CA VAL B 241 -37.65 10.27 9.64
C VAL B 241 -38.21 9.37 10.75
N SER B 242 -39.49 9.03 10.64
CA SER B 242 -40.11 8.11 11.61
C SER B 242 -40.75 6.96 10.85
N PRO B 243 -39.89 6.05 10.39
CA PRO B 243 -40.31 4.93 9.54
C PRO B 243 -41.23 3.98 10.27
N GLU B 244 -42.21 3.48 9.51
CA GLU B 244 -43.10 2.45 9.98
C GLU B 244 -42.88 1.22 9.11
N LEU B 245 -43.47 0.11 9.52
CA LEU B 245 -43.37 -1.18 8.83
C LEU B 245 -43.50 -1.10 7.31
N GLY B 246 -44.50 -0.36 6.85
CA GLY B 246 -44.69 -0.10 5.45
C GLY B 246 -43.46 0.39 4.71
N ASP B 247 -42.63 1.17 5.39
CA ASP B 247 -41.42 1.72 4.79
C ASP B 247 -40.24 0.75 4.77
N THR B 248 -40.36 -0.42 5.41
CA THR B 248 -39.20 -1.29 5.61
C THR B 248 -39.11 -2.47 4.66
N LEU B 249 -38.01 -3.20 4.73
CA LEU B 249 -37.84 -4.44 3.97
C LEU B 249 -38.80 -5.54 4.36
N PHE B 250 -39.40 -5.44 5.54
CA PHE B 250 -40.29 -6.50 6.00
C PHE B 250 -41.58 -6.57 5.20
N ALA B 251 -42.05 -5.41 4.76
CA ALA B 251 -43.31 -5.30 4.06
C ALA B 251 -43.43 -6.26 2.90
N LEU B 252 -42.33 -6.50 2.19
CA LEU B 252 -42.40 -7.30 0.98
C LEU B 252 -42.60 -8.78 1.25
N PHE B 253 -42.43 -9.20 2.50
CA PHE B 253 -42.61 -10.61 2.85
C PHE B 253 -44.04 -10.96 3.26
N LYS B 254 -44.94 -9.97 3.28
CA LYS B 254 -46.35 -10.29 3.49
C LYS B 254 -47.04 -10.60 2.16
N THR B 255 -46.80 -11.79 1.62
CA THR B 255 -47.42 -12.25 0.37
C THR B 255 -48.11 -13.58 0.62
N GLN B 256 -49.19 -13.85 -0.11
CA GLN B 256 -49.86 -15.17 -0.11
C GLN B 256 -48.88 -16.34 -0.05
N GLU B 257 -47.80 -16.29 -0.83
CA GLU B 257 -46.81 -17.36 -0.85
C GLU B 257 -46.41 -17.84 0.53
N LEU B 258 -46.45 -16.96 1.52
CA LEU B 258 -45.94 -17.31 2.85
C LEU B 258 -47.00 -17.30 3.97
N LEU B 259 -48.28 -17.21 3.62
CA LEU B 259 -49.37 -17.32 4.60
C LEU B 259 -50.14 -18.61 4.42
N ASP B 260 -50.89 -19.01 5.45
CA ASP B 260 -51.80 -20.16 5.38
C ASP B 260 -53.22 -19.75 4.90
N ASP B 261 -54.20 -20.64 5.06
CA ASP B 261 -55.58 -20.40 4.60
C ASP B 261 -56.31 -19.34 5.41
N ARG B 262 -55.71 -18.95 6.52
CA ARG B 262 -56.26 -17.98 7.45
C ARG B 262 -55.65 -16.58 7.28
N GLY B 263 -54.68 -16.44 6.37
CA GLY B 263 -53.96 -15.18 6.20
C GLY B 263 -52.85 -14.96 7.22
N VAL B 264 -52.54 -16.01 7.97
CA VAL B 264 -51.47 -15.98 8.99
C VAL B 264 -50.12 -16.52 8.44
N ILE B 265 -49.07 -15.70 8.53
CA ILE B 265 -47.69 -16.13 8.20
C ILE B 265 -47.34 -17.43 8.88
N LEU B 266 -46.78 -18.39 8.14
CA LEU B 266 -46.33 -19.64 8.75
C LEU B 266 -45.20 -19.37 9.72
N GLU B 267 -45.15 -20.16 10.77
CA GLU B 267 -44.17 -19.96 11.84
C GLU B 267 -42.72 -20.08 11.38
N VAL B 268 -42.44 -21.04 10.48
CA VAL B 268 -41.12 -21.19 9.88
C VAL B 268 -40.72 -19.92 9.10
N HIS B 269 -41.70 -19.24 8.48
CA HIS B 269 -41.44 -17.97 7.78
C HIS B 269 -41.20 -16.79 8.73
N ALA B 270 -41.88 -16.82 9.87
CA ALA B 270 -41.68 -15.81 10.92
C ALA B 270 -40.27 -15.93 11.45
N TRP B 271 -39.79 -17.16 11.54
CA TRP B 271 -38.42 -17.42 11.95
C TRP B 271 -37.40 -16.78 11.01
N ALA B 272 -37.60 -16.95 9.71
CA ALA B 272 -36.70 -16.40 8.72
C ALA B 272 -36.68 -14.91 8.89
N LEU B 273 -37.86 -14.37 9.17
CA LEU B 273 -38.07 -12.96 9.51
C LEU B 273 -37.34 -12.58 10.77
N ASP B 274 -37.38 -13.43 11.79
CA ASP B 274 -36.62 -13.16 13.01
C ASP B 274 -35.12 -13.08 12.78
N ALA B 275 -34.57 -14.07 12.11
CA ALA B 275 -33.16 -14.09 11.80
C ALA B 275 -32.73 -12.76 11.24
N LEU B 276 -33.35 -12.36 10.14
CA LEU B 276 -32.99 -11.14 9.43
C LEU B 276 -33.02 -9.93 10.37
N MET B 277 -34.10 -9.80 11.15
CA MET B 277 -34.21 -8.74 12.14
C MET B 277 -33.05 -8.76 13.14
N LEU B 278 -32.53 -9.95 13.46
CA LEU B 278 -31.44 -10.04 14.41
C LEU B 278 -30.13 -9.61 13.84
N LYS B 279 -29.81 -10.09 12.65
CA LYS B 279 -28.59 -9.66 11.97
C LYS B 279 -28.59 -8.15 11.71
N LEU B 280 -29.71 -7.62 11.24
CA LEU B 280 -29.87 -6.17 11.05
C LEU B 280 -29.92 -5.32 12.34
N ARG B 281 -29.42 -5.86 13.45
CA ARG B 281 -29.46 -5.11 14.70
C ARG B 281 -28.09 -4.64 15.20
N ASN B 282 -27.02 -5.23 14.67
CA ASN B 282 -25.67 -4.78 14.93
C ASN B 282 -25.14 -3.78 13.91
N LEU B 283 -25.96 -3.40 12.95
CA LEU B 283 -25.53 -2.40 12.01
C LEU B 283 -26.09 -1.03 12.42
N ASN B 284 -25.15 -0.16 12.72
CA ASN B 284 -25.38 1.25 12.88
C ASN B 284 -25.48 1.83 11.47
N VAL B 285 -26.64 2.38 11.13
CA VAL B 285 -26.91 2.87 9.78
C VAL B 285 -26.80 4.37 9.67
N PHE B 286 -26.30 4.81 8.52
CA PHE B 286 -26.13 6.22 8.17
C PHE B 286 -26.32 6.36 6.68
N SER B 287 -26.73 7.53 6.25
CA SER B 287 -26.78 7.82 4.83
C SER B 287 -25.84 8.98 4.52
N ALA B 288 -25.23 8.92 3.32
CA ALA B 288 -24.25 9.91 2.89
C ALA B 288 -24.51 10.27 1.44
N ASP B 289 -24.39 11.55 1.10
CA ASP B 289 -24.67 12.01 -0.25
C ASP B 289 -23.38 12.31 -0.98
N LEU B 290 -23.32 11.94 -2.24
CA LEU B 290 -22.07 12.01 -3.03
C LEU B 290 -22.14 12.91 -4.26
N SER B 291 -22.81 14.06 -4.11
CA SER B 291 -22.94 15.09 -5.17
C SER B 291 -21.72 16.00 -5.25
N GLY B 292 -21.02 16.08 -4.12
CA GLY B 292 -19.73 16.73 -4.04
C GLY B 292 -18.71 16.04 -4.91
N THR B 293 -17.46 16.49 -4.78
CA THR B 293 -16.31 15.89 -5.44
C THR B 293 -15.75 14.73 -4.58
N PRO B 294 -14.92 13.88 -5.19
CA PRO B 294 -14.37 12.75 -4.45
C PRO B 294 -13.93 13.18 -3.04
N ARG B 295 -13.07 14.18 -2.92
CA ARG B 295 -12.70 14.73 -1.61
C ARG B 295 -13.92 15.11 -0.73
N GLN B 296 -14.87 15.86 -1.29
CA GLN B 296 -16.06 16.27 -0.54
C GLN B 296 -16.76 15.04 0.01
N CYS B 297 -16.95 14.04 -0.85
CA CYS B 297 -17.60 12.80 -0.48
C CYS B 297 -16.88 12.12 0.67
N ALA B 298 -15.55 12.06 0.55
CA ALA B 298 -14.68 11.41 1.52
C ALA B 298 -14.81 12.10 2.86
N ALA B 299 -14.97 13.42 2.81
CA ALA B 299 -15.15 14.23 4.01
C ALA B 299 -16.55 14.08 4.60
N VAL B 300 -17.56 13.94 3.75
CA VAL B 300 -18.92 13.74 4.24
C VAL B 300 -19.06 12.47 5.07
N VAL B 301 -18.59 11.34 4.54
CA VAL B 301 -18.56 10.07 5.28
C VAL B 301 -17.72 10.24 6.55
N GLU B 302 -16.59 10.95 6.43
CA GLU B 302 -15.65 11.12 7.54
C GLU B 302 -16.26 11.85 8.73
N SER B 303 -16.91 12.98 8.44
CA SER B 303 -17.48 13.79 9.50
C SER B 303 -18.46 13.02 10.38
N LEU B 304 -18.99 11.89 9.89
CA LEU B 304 -19.91 11.05 10.67
C LEU B 304 -19.23 10.37 11.86
N LEU B 305 -17.94 10.17 11.77
CA LEU B 305 -17.22 9.32 12.74
C LEU B 305 -17.57 9.50 14.24
N PRO B 306 -17.73 10.74 14.73
CA PRO B 306 -18.30 11.02 16.07
C PRO B 306 -19.52 10.15 16.45
N LEU B 307 -20.35 9.86 15.44
CA LEU B 307 -21.57 9.08 15.60
C LEU B 307 -21.33 7.56 15.51
N MET B 308 -20.19 7.14 14.98
CA MET B 308 -20.00 5.70 14.68
C MET B 308 -19.50 4.92 15.89
N SER B 309 -19.62 3.60 15.86
CA SER B 309 -19.21 2.79 17.01
C SER B 309 -17.90 2.07 16.77
N SER B 310 -17.16 1.88 17.86
CA SER B 310 -15.83 1.33 17.76
C SER B 310 -15.71 0.09 18.58
N THR B 311 -14.86 -0.82 18.14
CA THR B 311 -14.55 -2.02 18.89
C THR B 311 -13.09 -1.97 19.36
N LEU B 312 -12.75 -2.71 20.41
CA LEU B 312 -11.39 -2.76 20.86
C LEU B 312 -10.77 -4.06 20.39
N SER B 313 -9.73 -3.94 19.58
CA SER B 313 -8.96 -5.07 19.14
C SER B 313 -7.57 -4.99 19.73
N ASP B 314 -6.74 -5.99 19.48
CA ASP B 314 -5.35 -5.93 19.86
C ASP B 314 -4.45 -5.65 18.64
N PHE B 315 -3.20 -5.25 18.89
CA PHE B 315 -2.22 -4.91 17.85
C PHE B 315 -1.99 -6.05 16.83
N ASP B 316 -1.85 -7.29 17.30
CA ASP B 316 -1.62 -8.41 16.39
C ASP B 316 -2.82 -8.67 15.47
N SER B 317 -4.02 -8.35 15.95
CA SER B 317 -5.21 -8.49 15.13
C SER B 317 -5.30 -7.34 14.10
N ALA B 318 -5.05 -6.12 14.58
CA ALA B 318 -5.02 -4.96 13.71
C ALA B 318 -4.05 -5.21 12.56
N SER B 319 -2.90 -5.79 12.89
CA SER B 319 -1.83 -6.05 11.94
C SER B 319 -2.15 -7.16 10.93
N ALA B 320 -3.05 -8.06 11.27
CA ALA B 320 -3.51 -9.07 10.33
C ALA B 320 -4.58 -8.49 9.42
N LEU B 321 -5.26 -7.44 9.87
CA LEU B 321 -6.24 -6.80 9.03
C LEU B 321 -5.47 -6.08 7.92
N GLU B 322 -4.33 -5.47 8.28
CA GLU B 322 -3.50 -4.77 7.33
C GLU B 322 -3.02 -5.69 6.23
N ARG B 323 -2.59 -6.90 6.59
CA ARG B 323 -2.27 -7.93 5.59
C ARG B 323 -3.54 -8.28 4.85
N ALA B 324 -4.57 -8.68 5.58
CA ALA B 324 -5.85 -9.06 5.00
C ALA B 324 -6.25 -8.12 3.87
N ALA B 325 -6.12 -6.81 4.13
CA ALA B 325 -6.42 -5.74 3.19
C ALA B 325 -5.44 -5.72 2.04
N ARG B 326 -4.15 -5.85 2.35
CA ARG B 326 -3.12 -5.91 1.31
C ARG B 326 -3.39 -7.12 0.39
N THR B 327 -3.62 -8.29 0.97
CA THR B 327 -3.88 -9.50 0.22
C THR B 327 -5.10 -9.35 -0.66
N PHE B 328 -6.21 -8.96 -0.04
CA PHE B 328 -7.46 -8.84 -0.76
C PHE B 328 -7.28 -7.93 -1.96
N ASN B 329 -6.54 -6.84 -1.79
CA ASN B 329 -6.38 -5.84 -2.85
C ASN B 329 -5.66 -6.40 -4.04
N ALA B 330 -4.57 -7.12 -3.77
CA ALA B 330 -3.80 -7.77 -4.83
C ALA B 330 -4.68 -8.78 -5.56
N GLU B 331 -5.04 -9.85 -4.86
CA GLU B 331 -5.79 -10.96 -5.46
C GLU B 331 -7.09 -10.59 -6.16
N MET B 332 -7.58 -9.35 -6.01
CA MET B 332 -8.88 -8.97 -6.58
C MET B 332 -8.89 -7.93 -7.71
N GLY B 333 -7.73 -7.31 -8.00
CA GLY B 333 -7.62 -6.25 -9.01
C GLY B 333 -7.88 -6.63 -10.47
N VAL B 334 -7.74 -5.67 -11.38
CA VAL B 334 -7.98 -5.88 -12.84
C VAL B 334 -9.47 -5.97 -13.12
N SER C 2 -5.48 23.25 -3.65
CA SER C 2 -6.53 24.13 -3.01
C SER C 2 -6.78 23.82 -1.53
N HIS C 3 -7.57 22.78 -1.25
CA HIS C 3 -7.88 22.32 0.13
C HIS C 3 -6.61 22.06 0.93
N MET C 4 -6.67 22.31 2.25
CA MET C 4 -5.48 22.43 3.12
C MET C 4 -5.23 21.24 4.02
N VAL C 5 -3.98 20.77 4.03
CA VAL C 5 -3.57 19.52 4.68
C VAL C 5 -2.35 19.78 5.56
N THR C 6 -2.37 19.31 6.80
CA THR C 6 -1.21 19.43 7.67
C THR C 6 -0.25 18.25 7.51
N ILE C 7 1.05 18.51 7.52
CA ILE C 7 2.07 17.46 7.41
C ILE C 7 3.12 17.59 8.50
N VAL C 8 3.51 16.46 9.08
CA VAL C 8 4.74 16.38 9.88
C VAL C 8 5.64 15.37 9.20
N ARG C 9 6.86 15.79 8.91
CA ARG C 9 7.85 14.89 8.35
C ARG C 9 8.95 14.52 9.33
N ILE C 10 9.24 13.23 9.40
CA ILE C 10 10.32 12.72 10.24
C ILE C 10 11.37 12.04 9.37
N TYR C 11 12.63 12.37 9.59
CA TYR C 11 13.72 11.59 9.07
C TYR C 11 14.27 10.74 10.19
N LEU C 12 14.12 9.43 10.06
CA LEU C 12 14.75 8.50 10.98
C LEU C 12 16.21 8.34 10.56
N ASP C 13 17.12 8.49 11.51
CA ASP C 13 18.54 8.41 11.20
C ASP C 13 19.37 7.81 12.34
N GLY C 14 20.65 7.54 12.07
CA GLY C 14 21.51 6.92 13.06
C GLY C 14 22.33 5.79 12.45
N VAL C 15 23.07 5.09 13.30
CA VAL C 15 23.97 4.04 12.84
C VAL C 15 23.17 2.86 12.29
N TYR C 16 23.73 2.17 11.30
CA TYR C 16 23.01 1.10 10.64
C TYR C 16 22.95 -0.14 11.52
N GLY C 17 21.98 -1.01 11.23
CA GLY C 17 21.79 -2.25 11.97
C GLY C 17 21.15 -2.10 13.35
N ILE C 18 20.63 -0.91 13.65
CA ILE C 18 20.04 -0.56 14.96
C ILE C 18 18.55 -0.88 15.07
N GLY C 19 17.85 -0.97 13.95
CA GLY C 19 16.43 -1.28 13.98
C GLY C 19 15.57 -0.24 13.31
N LYS C 20 16.21 0.85 12.90
CA LYS C 20 15.50 2.01 12.39
C LYS C 20 14.57 1.73 11.20
N SER C 21 15.00 0.89 10.26
CA SER C 21 14.16 0.57 9.09
C SER C 21 12.91 -0.21 9.50
N THR C 22 13.02 -1.01 10.57
CA THR C 22 11.88 -1.70 11.20
C THR C 22 10.90 -0.73 11.87
N THR C 23 11.44 0.26 12.60
CA THR C 23 10.62 1.21 13.33
C THR C 23 9.84 1.95 12.28
N GLY C 24 10.53 2.33 11.21
CA GLY C 24 9.90 3.01 10.10
C GLY C 24 8.72 2.23 9.57
N ARG C 25 8.99 1.02 9.10
CA ARG C 25 7.96 0.15 8.56
C ARG C 25 6.73 0.03 9.47
N VAL C 26 6.92 0.17 10.77
CA VAL C 26 5.82 0.07 11.72
C VAL C 26 5.03 1.36 11.88
N MET C 27 5.74 2.48 12.04
CA MET C 27 5.10 3.79 12.09
C MET C 27 4.08 3.89 10.95
N ALA C 28 4.53 3.44 9.79
CA ALA C 28 3.74 3.42 8.57
C ALA C 28 2.61 2.39 8.55
N SER C 29 2.63 1.44 9.49
CA SER C 29 1.58 0.43 9.54
C SER C 29 0.36 1.04 10.21
N ALA C 30 -0.82 0.65 9.77
CA ALA C 30 -2.07 1.17 10.33
C ALA C 30 -2.27 0.71 11.76
N ALA C 31 -1.64 -0.40 12.14
CA ALA C 31 -1.79 -0.90 13.50
C ALA C 31 -1.18 -0.01 14.58
N SER C 32 -0.25 0.88 14.17
CA SER C 32 0.38 1.82 15.10
C SER C 32 -0.55 3.01 15.31
N GLY C 33 -1.76 2.90 14.79
CA GLY C 33 -2.70 3.98 14.86
C GLY C 33 -2.01 5.27 14.49
N GLY C 34 -2.32 6.35 15.20
CA GLY C 34 -1.68 7.63 14.97
C GLY C 34 -2.38 8.28 13.81
N SER C 35 -1.61 8.91 12.94
CA SER C 35 -2.10 9.59 11.75
C SER C 35 -1.73 8.76 10.51
N PRO C 36 -2.38 8.99 9.36
CA PRO C 36 -1.96 8.32 8.13
C PRO C 36 -0.49 8.56 7.91
N THR C 37 0.34 7.53 7.94
CA THR C 37 1.77 7.74 7.79
C THR C 37 2.31 7.12 6.51
N LEU C 38 3.13 7.89 5.82
CA LEU C 38 3.79 7.44 4.61
C LEU C 38 5.27 7.21 4.84
N TYR C 39 5.74 6.04 4.38
CA TYR C 39 7.10 5.61 4.60
C TYR C 39 7.95 5.57 3.33
N PHE C 40 9.00 6.38 3.30
CA PHE C 40 10.00 6.31 2.24
C PHE C 40 11.19 5.47 2.71
N PRO C 41 11.43 4.34 2.04
CA PRO C 41 12.52 3.45 2.41
C PRO C 41 13.87 3.90 1.91
N GLU C 42 14.89 3.14 2.28
CA GLU C 42 16.23 3.34 1.78
C GLU C 42 16.29 3.05 0.29
N PRO C 43 17.04 3.86 -0.43
CA PRO C 43 17.15 3.73 -1.90
C PRO C 43 17.97 2.54 -2.40
N MET C 44 17.85 1.37 -1.76
CA MET C 44 18.63 0.17 -2.13
C MET C 44 18.77 -0.15 -3.67
N ALA C 45 17.68 -0.26 -4.41
CA ALA C 45 17.77 -0.45 -5.85
C ALA C 45 18.78 0.49 -6.49
N TYR C 46 18.66 1.77 -6.18
CA TYR C 46 19.56 2.79 -6.69
C TYR C 46 21.01 2.45 -6.45
N TRP C 47 21.31 2.02 -5.24
CA TRP C 47 22.68 1.65 -4.88
C TRP C 47 23.19 0.36 -5.51
N ARG C 48 22.31 -0.62 -5.72
CA ARG C 48 22.74 -1.98 -6.05
C ARG C 48 22.41 -2.43 -7.46
N THR C 49 21.15 -2.30 -7.87
CA THR C 49 20.75 -2.94 -9.10
C THR C 49 20.49 -2.02 -10.29
N LEU C 50 20.23 -0.73 -10.06
CA LEU C 50 19.82 0.15 -11.16
C LEU C 50 20.91 0.55 -12.14
N PHE C 51 22.17 0.30 -11.76
CA PHE C 51 23.32 0.64 -12.58
C PHE C 51 24.33 -0.51 -12.59
N GLU C 52 25.23 -0.48 -13.56
CA GLU C 52 26.28 -1.50 -13.70
C GLU C 52 26.96 -1.90 -12.39
N THR C 53 27.16 -0.94 -11.49
CA THR C 53 27.95 -1.16 -10.28
C THR C 53 27.13 -1.01 -8.99
N ASP C 54 27.28 -2.00 -8.12
CA ASP C 54 26.64 -2.06 -6.82
C ASP C 54 27.58 -1.33 -5.89
N VAL C 55 27.18 -0.13 -5.47
CA VAL C 55 27.97 0.76 -4.60
C VAL C 55 28.42 0.12 -3.27
N ILE C 56 27.54 -0.68 -2.64
CA ILE C 56 27.86 -1.14 -1.28
C ILE C 56 29.00 -2.12 -1.34
N SER C 57 28.93 -3.06 -2.27
CA SER C 57 30.02 -4.03 -2.46
C SER C 57 31.18 -3.37 -3.18
N GLY C 58 30.95 -2.18 -3.72
CA GLY C 58 31.97 -1.36 -4.32
C GLY C 58 32.82 -0.66 -3.27
N ILE C 59 32.21 -0.19 -2.20
CA ILE C 59 32.94 0.49 -1.13
C ILE C 59 33.83 -0.48 -0.32
N TYR C 60 33.24 -1.58 0.18
CA TYR C 60 34.00 -2.56 0.94
C TYR C 60 35.06 -3.16 0.01
N ASP C 61 34.69 -3.41 -1.25
CA ASP C 61 35.67 -3.82 -2.23
C ASP C 61 36.95 -2.97 -2.16
N THR C 62 36.78 -1.66 -2.14
CA THR C 62 37.92 -0.76 -2.14
C THR C 62 38.79 -0.97 -0.91
N GLN C 63 38.16 -1.19 0.25
CA GLN C 63 38.90 -1.30 1.51
C GLN C 63 39.60 -2.64 1.72
N ASN C 64 39.28 -3.62 0.88
CA ASN C 64 40.10 -4.84 0.82
C ASN C 64 41.22 -4.71 -0.17
N ARG C 65 40.97 -4.13 -1.34
CA ARG C 65 42.03 -3.94 -2.29
C ARG C 65 43.13 -3.08 -1.67
N LYS C 66 42.73 -2.00 -1.00
CA LYS C 66 43.68 -1.13 -0.32
C LYS C 66 44.54 -1.96 0.63
N GLN C 67 43.91 -2.77 1.46
CA GLN C 67 44.63 -3.45 2.52
C GLN C 67 45.49 -4.62 2.00
N GLN C 68 44.89 -5.44 1.14
CA GLN C 68 45.60 -6.48 0.38
C GLN C 68 46.83 -6.00 -0.41
N GLY C 69 46.99 -4.67 -0.55
CA GLY C 69 47.87 -4.08 -1.54
C GLY C 69 47.27 -4.37 -2.90
N ASN C 70 47.47 -3.48 -3.88
CA ASN C 70 46.75 -3.56 -5.16
C ASN C 70 46.25 -2.19 -5.57
N LEU C 71 45.21 -1.73 -4.91
CA LEU C 71 44.92 -0.33 -4.95
C LEU C 71 45.94 0.35 -4.08
N ALA C 72 46.57 1.37 -4.63
CA ALA C 72 47.48 2.17 -3.87
C ALA C 72 46.63 2.92 -2.85
N VAL C 73 47.14 3.06 -1.62
CA VAL C 73 46.45 3.81 -0.56
C VAL C 73 45.88 5.14 -1.08
N ASP C 74 46.61 5.79 -1.98
CA ASP C 74 46.23 7.08 -2.53
C ASP C 74 44.96 6.96 -3.34
N ASP C 75 45.01 6.04 -4.31
CA ASP C 75 43.88 5.77 -5.19
C ASP C 75 42.67 5.25 -4.39
N ALA C 76 42.94 4.63 -3.24
CA ALA C 76 41.87 4.14 -2.36
C ALA C 76 41.07 5.28 -1.73
N ALA C 77 41.80 6.26 -1.19
CA ALA C 77 41.19 7.51 -0.70
C ALA C 77 40.18 8.16 -1.68
N LEU C 78 40.59 8.35 -2.93
CA LEU C 78 39.73 8.98 -3.93
C LEU C 78 38.64 8.03 -4.41
N ILE C 79 38.96 6.76 -4.62
CA ILE C 79 37.91 5.88 -5.07
C ILE C 79 36.87 5.75 -3.95
N THR C 80 37.32 5.79 -2.70
CA THR C 80 36.36 5.72 -1.59
C THR C 80 35.47 6.93 -1.63
N ALA C 81 36.07 8.11 -1.76
CA ALA C 81 35.34 9.37 -1.83
C ALA C 81 34.16 9.29 -2.82
N HIS C 82 34.44 8.75 -3.99
CA HIS C 82 33.48 8.77 -5.07
C HIS C 82 32.31 7.84 -4.81
N TYR C 83 32.54 6.78 -4.05
CA TYR C 83 31.49 5.79 -3.83
C TYR C 83 30.64 6.34 -2.76
N GLN C 84 31.30 6.85 -1.73
CA GLN C 84 30.59 7.59 -0.72
C GLN C 84 29.70 8.62 -1.38
N SER C 85 30.20 9.30 -2.40
CA SER C 85 29.37 10.25 -3.14
C SER C 85 28.18 9.61 -3.82
N ARG C 86 28.32 8.38 -4.26
CA ARG C 86 27.27 7.72 -5.02
C ARG C 86 26.12 7.27 -4.12
N PHE C 87 26.39 7.17 -2.83
CA PHE C 87 25.35 6.94 -1.82
C PHE C 87 24.39 8.09 -1.73
N THR C 88 24.91 9.28 -1.91
CA THR C 88 24.20 10.54 -1.71
C THR C 88 23.12 10.80 -2.78
N THR C 89 23.44 10.46 -4.03
CA THR C 89 22.60 10.78 -5.16
C THR C 89 21.09 10.56 -4.98
N PRO C 90 20.63 9.38 -4.59
CA PRO C 90 19.18 9.14 -4.49
C PRO C 90 18.49 9.99 -3.45
N TYR C 91 19.22 10.34 -2.40
CA TYR C 91 18.68 11.19 -1.33
C TYR C 91 18.44 12.61 -1.81
N LEU C 92 19.38 13.16 -2.59
CA LEU C 92 19.26 14.51 -3.06
C LEU C 92 18.17 14.56 -4.07
N ILE C 93 18.02 13.52 -4.87
CA ILE C 93 16.97 13.48 -5.86
C ILE C 93 15.61 13.45 -5.17
N LEU C 94 15.44 12.58 -4.18
CA LEU C 94 14.24 12.53 -3.38
C LEU C 94 13.97 13.87 -2.72
N HIS C 95 14.94 14.41 -2.00
CA HIS C 95 14.80 15.73 -1.38
C HIS C 95 14.35 16.81 -2.38
N ASP C 96 14.93 16.85 -3.57
CA ASP C 96 14.54 17.83 -4.59
C ASP C 96 13.07 17.71 -4.94
N HIS C 97 12.58 16.47 -5.04
CA HIS C 97 11.23 16.16 -5.52
C HIS C 97 10.18 16.46 -4.47
N THR C 98 10.47 16.14 -3.23
CA THR C 98 9.50 16.26 -2.16
C THR C 98 9.51 17.65 -1.51
N CYS C 99 10.61 18.38 -1.69
CA CYS C 99 10.70 19.72 -1.15
C CYS C 99 9.57 20.60 -1.66
N THR C 100 9.07 20.28 -2.85
CA THR C 100 8.10 21.13 -3.51
C THR C 100 6.69 20.90 -2.96
N LEU C 101 6.49 19.73 -2.36
CA LEU C 101 5.18 19.28 -1.92
C LEU C 101 4.88 19.41 -0.42
N PHE C 102 5.88 19.81 0.37
CA PHE C 102 5.73 19.86 1.83
C PHE C 102 5.00 21.11 2.21
N GLY C 103 4.95 22.07 1.28
CA GLY C 103 4.45 23.41 1.53
C GLY C 103 5.26 24.21 2.55
N GLY C 104 4.79 25.41 2.84
CA GLY C 104 5.43 26.29 3.81
C GLY C 104 4.69 26.36 5.13
N ASN C 105 4.76 27.54 5.76
CA ASN C 105 4.28 27.79 7.11
C ASN C 105 4.74 26.74 8.10
N SER C 106 6.02 26.73 8.41
CA SER C 106 6.51 25.80 9.42
C SER C 106 6.10 26.30 10.78
N LEU C 107 5.67 25.38 11.64
CA LEU C 107 5.33 25.72 13.00
C LEU C 107 5.17 24.47 13.88
N GLN C 108 5.37 24.66 15.17
CA GLN C 108 5.00 23.63 16.13
C GLN C 108 3.59 23.94 16.57
N ARG C 109 2.71 22.96 16.36
CA ARG C 109 1.28 23.12 16.50
C ARG C 109 0.73 22.13 17.49
N GLY C 110 1.54 21.12 17.82
CA GLY C 110 1.23 20.20 18.91
C GLY C 110 0.07 19.24 18.71
N THR C 111 -0.79 19.47 17.72
CA THR C 111 -1.85 18.51 17.42
C THR C 111 -1.42 17.55 16.31
N GLN C 112 -1.89 16.30 16.38
CA GLN C 112 -1.66 15.36 15.30
C GLN C 112 -1.95 15.96 13.88
N PRO C 113 -1.02 15.75 12.93
CA PRO C 113 -1.13 16.31 11.58
C PRO C 113 -2.12 15.52 10.73
N ASP C 114 -2.56 16.03 9.59
CA ASP C 114 -3.43 15.24 8.72
C ASP C 114 -2.66 14.02 8.18
N LEU C 115 -1.37 14.23 7.99
CA LEU C 115 -0.48 13.31 7.33
C LEU C 115 0.84 13.28 8.09
N THR C 116 1.50 12.13 8.10
CA THR C 116 2.88 12.01 8.57
C THR C 116 3.73 11.35 7.48
N LEU C 117 4.92 11.89 7.23
CA LEU C 117 5.90 11.26 6.37
C LEU C 117 7.01 10.71 7.24
N VAL C 118 7.51 9.52 6.92
CA VAL C 118 8.75 9.05 7.53
C VAL C 118 9.76 8.70 6.45
N PHE C 119 10.86 9.43 6.45
CA PHE C 119 11.96 9.14 5.55
C PHE C 119 13.02 8.34 6.27
N ASP C 120 13.48 7.29 5.63
CA ASP C 120 14.60 6.53 6.14
C ASP C 120 15.88 7.25 5.76
N ARG C 121 16.35 8.09 6.69
CA ARG C 121 17.59 8.85 6.57
C ARG C 121 17.37 10.20 5.93
N HIS C 122 18.11 11.19 6.43
CA HIS C 122 18.16 12.55 5.89
C HIS C 122 19.47 12.68 5.09
N PRO C 123 19.50 13.51 4.06
CA PRO C 123 20.74 13.73 3.32
C PRO C 123 21.97 13.95 4.20
N VAL C 124 21.80 14.42 5.44
CA VAL C 124 22.92 14.58 6.35
C VAL C 124 23.73 13.28 6.56
N ALA C 125 23.06 12.14 6.55
CA ALA C 125 23.70 10.86 6.80
C ALA C 125 24.85 10.58 5.83
N SER C 126 24.61 10.81 4.55
CA SER C 126 25.52 10.43 3.49
C SER C 126 26.40 11.60 3.00
N THR C 127 26.08 12.80 3.44
CA THR C 127 26.82 13.97 3.04
C THR C 127 27.70 14.49 4.15
N VAL C 128 27.37 14.15 5.40
CA VAL C 128 28.11 14.63 6.56
C VAL C 128 28.60 13.46 7.43
N CYS C 129 27.67 12.60 7.85
CA CYS C 129 27.93 11.65 8.92
C CYS C 129 28.83 10.50 8.54
N PHE C 130 28.48 9.79 7.47
CA PHE C 130 29.31 8.69 6.99
C PHE C 130 30.65 9.20 6.47
N PRO C 131 30.67 10.27 5.66
CA PRO C 131 31.95 10.87 5.26
C PRO C 131 32.80 11.23 6.45
N ALA C 132 32.24 11.90 7.45
CA ALA C 132 33.02 12.25 8.63
C ALA C 132 33.63 11.00 9.28
N ALA C 133 32.87 9.91 9.32
CA ALA C 133 33.35 8.65 9.90
C ALA C 133 34.53 8.08 9.12
N ARG C 134 34.36 7.96 7.79
CA ARG C 134 35.41 7.47 6.91
C ARG C 134 36.69 8.30 7.02
N TYR C 135 36.55 9.60 7.27
CA TYR C 135 37.65 10.53 7.45
C TYR C 135 38.38 10.27 8.77
N LEU C 136 37.62 10.12 9.85
CA LEU C 136 38.20 9.83 11.15
C LEU C 136 38.96 8.51 11.10
N LEU C 137 38.46 7.59 10.29
CA LEU C 137 39.07 6.28 10.13
C LEU C 137 40.33 6.32 9.27
N GLY C 138 40.69 7.49 8.76
CA GLY C 138 41.81 7.60 7.85
C GLY C 138 41.53 7.01 6.46
N ASP C 139 40.28 6.59 6.20
CA ASP C 139 39.87 6.08 4.89
C ASP C 139 39.72 7.12 3.79
N MET C 140 39.83 8.40 4.13
CA MET C 140 39.35 9.51 3.30
C MET C 140 39.90 10.85 3.81
N SER C 141 40.27 11.72 2.88
CA SER C 141 40.93 12.98 3.24
C SER C 141 39.95 14.06 3.66
N MET C 142 40.42 15.06 4.42
CA MET C 142 39.58 16.21 4.83
C MET C 142 38.94 16.92 3.63
N CYS C 143 39.76 17.08 2.60
CA CYS C 143 39.32 17.60 1.33
C CYS C 143 38.01 16.94 0.91
N ALA C 144 37.99 15.62 0.86
CA ALA C 144 36.79 14.92 0.43
C ALA C 144 35.65 15.24 1.37
N LEU C 145 35.93 15.15 2.66
CA LEU C 145 34.92 15.45 3.68
C LEU C 145 34.26 16.78 3.36
N MET C 146 35.08 17.69 2.84
CA MET C 146 34.60 19.01 2.50
C MET C 146 33.79 19.02 1.20
N ALA C 147 34.07 18.09 0.29
CA ALA C 147 33.34 18.02 -0.97
C ALA C 147 31.92 17.57 -0.69
N MET C 148 31.81 16.62 0.24
CA MET C 148 30.53 16.09 0.67
C MET C 148 29.74 17.11 1.49
N VAL C 149 30.21 17.44 2.69
CA VAL C 149 29.56 18.49 3.48
C VAL C 149 28.96 19.60 2.61
N ALA C 150 29.74 20.13 1.69
CA ALA C 150 29.22 21.11 0.74
C ALA C 150 27.85 20.67 0.24
N THR C 151 27.79 19.51 -0.37
CA THR C 151 26.57 19.04 -0.99
C THR C 151 25.34 18.91 -0.05
N LEU C 152 25.50 19.06 1.26
CA LEU C 152 24.35 19.12 2.16
C LEU C 152 23.44 20.22 1.64
N PRO C 153 22.23 19.85 1.21
CA PRO C 153 21.31 20.80 0.54
C PRO C 153 20.55 21.78 1.47
N ARG C 154 20.22 22.97 0.94
CA ARG C 154 19.50 23.99 1.68
C ARG C 154 18.02 23.62 1.75
N GLU C 155 17.49 23.47 2.96
CA GLU C 155 16.12 23.03 3.16
C GLU C 155 15.11 24.16 3.34
N PRO C 156 13.82 23.90 3.11
CA PRO C 156 12.77 24.74 3.69
C PRO C 156 12.62 24.42 5.18
N GLN C 157 11.84 25.20 5.91
CA GLN C 157 11.67 24.94 7.34
C GLN C 157 10.68 23.81 7.58
N GLY C 158 10.93 23.01 8.59
CA GLY C 158 9.96 22.03 9.02
C GLY C 158 10.41 20.59 9.09
N GLY C 159 11.66 20.32 8.78
CA GLY C 159 12.19 18.98 8.92
C GLY C 159 12.35 18.64 10.38
N ASN C 160 12.05 17.39 10.72
CA ASN C 160 12.33 16.84 12.05
C ASN C 160 13.19 15.60 11.85
N ILE C 161 14.34 15.53 12.51
CA ILE C 161 15.13 14.32 12.43
C ILE C 161 15.25 13.66 13.78
N VAL C 162 15.03 12.35 13.77
CA VAL C 162 15.11 11.55 14.97
C VAL C 162 16.31 10.61 14.83
N VAL C 163 17.33 10.89 15.63
CA VAL C 163 18.50 10.03 15.67
C VAL C 163 18.22 8.85 16.61
N THR C 164 18.12 7.67 16.03
CA THR C 164 17.87 6.44 16.78
C THR C 164 19.13 5.98 17.51
N THR C 165 18.96 5.50 18.72
CA THR C 165 20.10 5.03 19.51
C THR C 165 19.84 3.66 20.15
N LEU C 166 20.91 3.01 20.56
CA LEU C 166 20.78 1.71 21.19
C LEU C 166 22.03 1.42 21.98
N ASN C 167 21.86 0.79 23.13
CA ASN C 167 23.00 0.35 23.90
C ASN C 167 23.81 -0.63 23.05
N VAL C 168 25.12 -0.57 23.24
CA VAL C 168 26.05 -1.20 22.33
C VAL C 168 25.93 -2.71 22.29
N GLU C 169 25.53 -3.31 23.41
CA GLU C 169 25.37 -4.77 23.44
C GLU C 169 24.20 -5.23 22.55
N GLU C 170 23.03 -4.59 22.70
CA GLU C 170 21.91 -4.87 21.80
C GLU C 170 22.25 -4.48 20.36
N HIS C 171 23.08 -3.45 20.19
CA HIS C 171 23.45 -2.99 18.86
C HIS C 171 24.13 -4.11 18.12
N ILE C 172 25.14 -4.70 18.76
CA ILE C 172 25.89 -5.78 18.12
C ILE C 172 24.96 -6.97 17.94
N ARG C 173 24.28 -7.36 19.01
CA ARG C 173 23.39 -8.49 18.95
C ARG C 173 22.45 -8.34 17.75
N ARG C 174 22.07 -7.10 17.46
CA ARG C 174 21.15 -6.81 16.36
C ARG C 174 21.80 -6.89 14.98
N LEU C 175 23.09 -6.57 14.90
CA LEU C 175 23.83 -6.66 13.63
C LEU C 175 24.08 -8.12 13.28
N ARG C 176 24.42 -8.91 14.29
CA ARG C 176 24.68 -10.33 14.08
C ARG C 176 23.51 -11.01 13.38
N THR C 177 22.29 -10.66 13.80
CA THR C 177 21.03 -11.22 13.29
C THR C 177 20.74 -11.10 11.79
N ARG C 178 21.13 -9.97 11.17
CA ARG C 178 20.77 -9.74 9.76
C ARG C 178 21.97 -9.86 8.84
N GLY C 182 27.48 -12.73 6.09
CA GLY C 182 28.78 -12.13 5.78
C GLY C 182 29.79 -12.29 6.90
N GLU C 183 29.80 -13.46 7.55
CA GLU C 183 30.70 -13.74 8.67
C GLU C 183 30.84 -12.58 9.72
N GLN C 184 32.01 -11.93 9.76
CA GLN C 184 32.31 -10.85 10.71
C GLN C 184 31.51 -9.59 10.36
N ILE C 185 31.35 -8.71 11.35
CA ILE C 185 30.49 -7.52 11.21
C ILE C 185 31.19 -6.30 10.59
N ASP C 186 32.41 -6.01 11.08
CA ASP C 186 33.15 -4.77 10.80
C ASP C 186 32.93 -3.74 11.90
N ILE C 187 33.55 -3.99 13.06
CA ILE C 187 33.23 -3.32 14.32
C ILE C 187 33.87 -1.94 14.54
N THR C 188 34.95 -1.67 13.80
CA THR C 188 35.63 -0.38 13.96
C THR C 188 34.82 0.77 13.39
N LEU C 189 34.07 0.48 12.33
CA LEU C 189 33.29 1.45 11.60
C LEU C 189 32.10 1.91 12.43
N ILE C 190 31.52 0.95 13.15
CA ILE C 190 30.31 1.16 13.94
C ILE C 190 30.58 2.01 15.16
N ALA C 191 31.78 1.91 15.72
CA ALA C 191 32.15 2.69 16.88
C ALA C 191 32.21 4.16 16.47
N THR C 192 32.83 4.38 15.31
CA THR C 192 33.02 5.71 14.76
C THR C 192 31.69 6.40 14.47
N LEU C 193 30.89 5.69 13.70
CA LEU C 193 29.58 6.16 13.32
C LEU C 193 28.74 6.51 14.54
N ARG C 194 28.81 5.69 15.59
CA ARG C 194 28.07 5.99 16.80
C ARG C 194 28.53 7.33 17.39
N ASN C 195 29.84 7.58 17.37
CA ASN C 195 30.38 8.85 17.86
C ASN C 195 29.96 10.02 16.99
N VAL C 196 29.99 9.83 15.67
CA VAL C 196 29.59 10.88 14.75
C VAL C 196 28.14 11.28 15.02
N TYR C 197 27.27 10.31 15.20
CA TYR C 197 25.85 10.62 15.42
C TYR C 197 25.59 11.33 16.75
N PHE C 198 26.35 10.96 17.79
CA PHE C 198 26.36 11.70 19.05
C PHE C 198 26.80 13.15 18.79
N MET C 199 27.89 13.30 18.03
CA MET C 199 28.38 14.64 17.68
C MET C 199 27.30 15.45 16.97
N LEU C 200 26.53 14.78 16.11
CA LEU C 200 25.45 15.42 15.40
C LEU C 200 24.38 15.83 16.40
N VAL C 201 23.98 14.86 17.23
CA VAL C 201 22.97 15.14 18.23
C VAL C 201 23.45 16.25 19.14
N ASN C 202 24.75 16.23 19.48
CA ASN C 202 25.38 17.24 20.35
C ASN C 202 25.57 18.59 19.67
N THR C 203 25.87 18.55 18.37
CA THR C 203 26.02 19.77 17.59
C THR C 203 24.72 20.53 17.65
N CYS C 204 23.62 19.78 17.48
CA CYS C 204 22.30 20.42 17.46
C CYS C 204 21.87 20.91 18.83
N HIS C 205 22.27 20.21 19.89
CA HIS C 205 22.08 20.68 21.26
C HIS C 205 22.90 21.95 21.49
N PHE C 206 24.12 21.94 20.94
CA PHE C 206 25.06 23.04 21.06
C PHE C 206 24.50 24.32 20.43
N LEU C 207 23.93 24.15 19.23
CA LEU C 207 23.25 25.20 18.50
C LEU C 207 21.93 25.67 19.16
N ARG C 208 21.24 24.74 19.81
CA ARG C 208 20.00 25.01 20.52
C ARG C 208 20.28 25.83 21.77
N SER C 209 21.52 25.73 22.25
CA SER C 209 21.97 26.39 23.47
C SER C 209 22.61 27.75 23.18
N GLY C 210 22.03 28.49 22.25
CA GLY C 210 22.49 29.82 21.89
C GLY C 210 23.93 29.97 21.40
N ARG C 211 24.70 28.87 21.38
CA ARG C 211 26.11 28.92 20.99
C ARG C 211 26.30 28.80 19.47
N VAL C 212 27.52 29.01 19.01
CA VAL C 212 27.91 28.81 17.59
C VAL C 212 29.33 28.24 17.54
N TRP C 213 29.79 27.85 16.35
CA TRP C 213 31.07 27.14 16.21
C TRP C 213 32.30 27.97 16.62
N ARG C 214 32.18 29.30 16.55
CA ARG C 214 33.26 30.20 16.95
C ARG C 214 33.46 30.25 18.46
N ASP C 215 32.35 30.26 19.20
CA ASP C 215 32.36 30.25 20.67
C ASP C 215 33.01 28.98 21.17
N GLY C 216 34.23 29.10 21.68
CA GLY C 216 34.95 27.97 22.21
C GLY C 216 36.02 27.46 21.28
N TRP C 217 36.04 27.98 20.05
CA TRP C 217 37.01 27.63 19.01
C TRP C 217 38.43 27.94 19.47
N GLY C 218 38.74 29.22 19.60
CA GLY C 218 40.05 29.67 20.06
C GLY C 218 40.66 28.69 21.05
N GLU C 219 39.91 28.40 22.11
CA GLU C 219 40.46 27.74 23.28
C GLU C 219 40.47 26.21 23.15
N LEU C 220 40.51 25.70 21.91
CA LEU C 220 40.32 24.26 21.66
C LEU C 220 41.43 23.51 20.90
N PRO C 221 41.81 22.33 21.41
CA PRO C 221 42.83 21.48 20.78
C PRO C 221 42.65 21.26 19.27
N THR C 222 43.68 21.62 18.50
CA THR C 222 43.78 21.26 17.09
C THR C 222 43.67 19.76 16.94
N SER C 223 42.83 19.30 15.99
CA SER C 223 42.63 17.87 15.79
C SER C 223 43.73 17.20 14.97
N CYS C 224 44.14 16.02 15.43
CA CYS C 224 45.31 15.30 14.91
C CYS C 224 45.14 13.82 15.20
N GLY C 225 46.06 13.00 14.66
CA GLY C 225 46.09 11.54 14.80
C GLY C 225 45.42 10.86 15.99
N ALA C 226 45.58 11.44 17.18
CA ALA C 226 44.97 10.89 18.39
C ALA C 226 43.50 11.31 18.61
N TYR C 227 43.14 12.54 18.23
CA TYR C 227 41.72 12.92 18.22
C TYR C 227 40.95 11.97 17.31
N LYS C 228 41.53 11.72 16.13
CA LYS C 228 41.00 10.77 15.16
C LYS C 228 40.92 9.35 15.73
N HIS C 229 41.99 8.86 16.36
CA HIS C 229 41.95 7.56 17.03
C HIS C 229 40.84 7.49 18.08
N ARG C 230 40.69 8.58 18.85
CA ARG C 230 39.69 8.66 19.91
C ARG C 230 38.28 8.37 19.35
N ALA C 231 37.97 8.96 18.19
CA ALA C 231 36.64 8.87 17.61
C ALA C 231 36.42 7.59 16.81
N THR C 232 37.41 6.70 16.79
CA THR C 232 37.20 5.35 16.22
C THR C 232 37.01 4.28 17.29
N GLN C 233 37.11 4.70 18.56
CA GLN C 233 36.92 3.82 19.72
C GLN C 233 35.46 3.81 20.22
N MET C 234 35.01 2.63 20.64
CA MET C 234 33.69 2.43 21.25
C MET C 234 33.42 3.34 22.45
N ASP C 235 32.25 3.94 22.47
CA ASP C 235 31.80 4.76 23.60
C ASP C 235 32.77 5.88 24.01
N ALA C 236 33.57 6.33 23.06
CA ALA C 236 34.49 7.43 23.29
C ALA C 236 33.77 8.79 23.26
N PHE C 237 32.62 8.83 22.61
CA PHE C 237 31.70 9.98 22.66
C PHE C 237 30.36 9.56 23.22
N GLN C 238 29.65 10.52 23.81
CA GLN C 238 28.29 10.31 24.30
C GLN C 238 27.40 11.54 24.13
N GLU C 239 26.11 11.31 23.97
CA GLU C 239 25.13 12.38 23.89
C GLU C 239 25.27 13.25 25.14
N ARG C 240 25.21 14.57 24.99
CA ARG C 240 25.50 15.44 26.13
C ARG C 240 24.57 16.66 26.28
N VAL C 241 23.66 16.56 27.25
CA VAL C 241 22.68 17.61 27.58
C VAL C 241 23.26 19.02 27.52
N SER C 242 24.52 19.16 27.92
CA SER C 242 25.17 20.46 27.95
C SER C 242 26.56 20.40 27.28
N PRO C 243 26.58 20.49 25.94
CA PRO C 243 27.75 20.12 25.14
C PRO C 243 28.88 21.15 25.14
N GLU C 244 30.12 20.68 25.24
CA GLU C 244 31.27 21.50 24.90
C GLU C 244 31.55 21.40 23.40
N LEU C 245 32.10 22.47 22.82
CA LEU C 245 32.43 22.47 21.38
C LEU C 245 33.14 21.20 20.88
N GLY C 246 33.90 20.57 21.78
CA GLY C 246 34.68 19.40 21.45
C GLY C 246 33.85 18.16 21.30
N ASP C 247 32.64 18.18 21.85
CA ASP C 247 31.71 17.09 21.62
C ASP C 247 31.00 17.12 20.25
N THR C 248 31.17 18.21 19.51
CA THR C 248 30.34 18.43 18.32
C THR C 248 31.00 18.12 16.95
N LEU C 249 30.26 18.39 15.87
CA LEU C 249 30.79 18.16 14.55
C LEU C 249 31.81 19.21 14.13
N PHE C 250 31.70 20.42 14.67
CA PHE C 250 32.59 21.53 14.30
C PHE C 250 34.02 21.28 14.71
N ALA C 251 34.17 20.65 15.87
CA ALA C 251 35.48 20.34 16.45
C ALA C 251 36.43 19.68 15.46
N LEU C 252 35.92 18.84 14.59
CA LEU C 252 36.80 18.04 13.76
C LEU C 252 37.41 18.85 12.61
N PHE C 253 36.87 20.06 12.41
CA PHE C 253 37.33 20.93 11.33
C PHE C 253 38.44 21.86 11.74
N LYS C 254 38.84 21.82 13.01
CA LYS C 254 40.02 22.59 13.43
C LYS C 254 41.26 21.74 13.26
N THR C 255 41.74 21.66 12.04
CA THR C 255 42.91 20.86 11.74
C THR C 255 43.88 21.68 10.91
N GLN C 256 45.16 21.25 10.96
CA GLN C 256 46.28 21.86 10.22
C GLN C 256 45.89 22.23 8.78
N GLU C 257 45.26 21.27 8.09
CA GLU C 257 44.88 21.46 6.69
C GLU C 257 44.08 22.73 6.41
N LEU C 258 43.36 23.25 7.39
CA LEU C 258 42.42 24.34 7.12
C LEU C 258 42.82 25.68 7.69
N LEU C 259 44.01 25.75 8.29
CA LEU C 259 44.47 27.00 8.91
C LEU C 259 45.60 27.69 8.12
N ASP C 260 45.67 29.01 8.24
CA ASP C 260 46.72 29.79 7.57
C ASP C 260 48.04 29.66 8.29
N ASP C 261 49.08 30.25 7.73
CA ASP C 261 50.41 30.29 8.35
C ASP C 261 50.29 30.41 9.88
N ARG C 262 49.65 31.49 10.35
CA ARG C 262 49.58 31.85 11.77
C ARG C 262 48.79 30.85 12.64
N GLY C 263 47.92 30.06 12.02
CA GLY C 263 47.13 29.07 12.74
C GLY C 263 45.62 29.31 12.75
N VAL C 264 45.18 30.41 12.12
CA VAL C 264 43.79 30.84 12.13
C VAL C 264 43.09 30.47 10.81
N ILE C 265 41.94 29.78 10.92
CA ILE C 265 41.19 29.21 9.79
C ILE C 265 40.92 30.19 8.63
N LEU C 266 41.18 29.71 7.42
CA LEU C 266 41.01 30.46 6.18
C LEU C 266 39.53 30.87 6.04
N GLU C 267 39.30 32.07 5.52
CA GLU C 267 37.93 32.59 5.43
C GLU C 267 36.99 31.75 4.57
N VAL C 268 37.48 31.24 3.44
CA VAL C 268 36.73 30.32 2.59
C VAL C 268 36.31 29.04 3.36
N HIS C 269 37.14 28.57 4.28
CA HIS C 269 36.80 27.45 5.13
C HIS C 269 35.75 27.79 6.21
N ALA C 270 35.79 29.01 6.75
CA ALA C 270 34.78 29.39 7.71
C ALA C 270 33.45 29.50 6.98
N TRP C 271 33.47 29.94 5.72
CA TRP C 271 32.27 29.97 4.90
C TRP C 271 31.62 28.59 4.88
N ALA C 272 32.42 27.55 4.75
CA ALA C 272 31.91 26.19 4.84
C ALA C 272 31.24 25.99 6.20
N LEU C 273 31.93 26.35 7.27
CA LEU C 273 31.43 26.07 8.62
C LEU C 273 30.17 26.88 8.94
N ASP C 274 30.06 28.07 8.33
CA ASP C 274 28.87 28.88 8.48
C ASP C 274 27.66 28.18 7.82
N ALA C 275 27.87 27.71 6.59
CA ALA C 275 26.83 27.07 5.78
C ALA C 275 26.20 25.91 6.52
N LEU C 276 27.03 24.97 6.97
CA LEU C 276 26.56 23.77 7.65
C LEU C 276 25.74 24.10 8.90
N MET C 277 26.09 25.19 9.56
CA MET C 277 25.50 25.54 10.85
C MET C 277 24.09 26.15 10.73
N LEU C 278 23.89 27.01 9.74
CA LEU C 278 22.58 27.62 9.58
C LEU C 278 21.68 26.59 8.89
N LYS C 279 22.32 25.64 8.20
CA LYS C 279 21.69 24.48 7.58
C LYS C 279 21.25 23.53 8.66
N LEU C 280 22.06 23.41 9.70
CA LEU C 280 21.72 22.49 10.79
C LEU C 280 20.67 23.07 11.72
N ARG C 281 20.68 24.40 11.86
CA ARG C 281 19.72 25.13 12.70
C ARG C 281 18.30 25.07 12.12
N ASN C 282 18.18 24.70 10.84
CA ASN C 282 16.88 24.56 10.22
C ASN C 282 16.21 23.25 10.56
N LEU C 283 16.80 22.50 11.47
CA LEU C 283 16.31 21.15 11.72
C LEU C 283 15.93 20.88 13.17
N ASN C 284 14.79 20.24 13.34
CA ASN C 284 14.30 19.93 14.65
C ASN C 284 14.79 18.54 14.94
N VAL C 285 15.75 18.44 15.85
CA VAL C 285 16.46 17.17 16.08
C VAL C 285 16.14 16.60 17.45
N PHE C 286 15.85 15.30 17.46
CA PHE C 286 15.44 14.61 18.66
C PHE C 286 16.24 13.31 18.68
N SER C 287 16.05 12.51 19.71
CA SER C 287 16.71 11.21 19.79
C SER C 287 15.72 10.21 20.36
N ALA C 288 15.86 8.95 19.94
CA ALA C 288 14.96 7.92 20.44
C ALA C 288 15.70 6.63 20.72
N ASP C 289 15.38 6.03 21.86
CA ASP C 289 15.96 4.74 22.24
C ASP C 289 15.16 3.61 21.66
N LEU C 290 15.85 2.64 21.08
CA LEU C 290 15.21 1.56 20.33
C LEU C 290 15.32 0.17 20.97
N SER C 291 15.39 0.12 22.30
CA SER C 291 15.58 -1.14 23.01
C SER C 291 14.31 -2.02 23.15
N GLY C 292 13.15 -1.44 22.83
CA GLY C 292 11.89 -2.16 22.96
C GLY C 292 11.68 -3.12 21.82
N THR C 293 10.41 -3.45 21.60
CA THR C 293 9.99 -4.23 20.44
C THR C 293 9.61 -3.18 19.42
N PRO C 294 9.55 -3.52 18.13
CA PRO C 294 9.26 -2.52 17.10
C PRO C 294 8.00 -1.72 17.42
N ARG C 295 6.97 -2.39 17.94
CA ARG C 295 5.75 -1.69 18.37
C ARG C 295 6.05 -0.64 19.46
N GLN C 296 6.82 -1.03 20.48
CA GLN C 296 7.29 -0.10 21.51
C GLN C 296 8.14 1.04 20.95
N CYS C 297 8.94 0.75 19.92
CA CYS C 297 9.82 1.73 19.33
C CYS C 297 9.02 2.84 18.64
N ALA C 298 8.01 2.46 17.87
CA ALA C 298 7.21 3.43 17.12
C ALA C 298 6.48 4.32 18.11
N ALA C 299 5.85 3.70 19.10
CA ALA C 299 5.33 4.42 20.27
C ALA C 299 6.28 5.56 20.73
N VAL C 300 7.57 5.24 20.87
CA VAL C 300 8.56 6.22 21.32
C VAL C 300 8.78 7.37 20.35
N VAL C 301 8.94 7.08 19.05
CA VAL C 301 9.15 8.15 18.10
C VAL C 301 7.90 9.03 18.07
N GLU C 302 6.76 8.40 18.29
CA GLU C 302 5.49 9.08 18.21
C GLU C 302 5.24 10.00 19.39
N SER C 303 5.71 9.60 20.57
CA SER C 303 5.50 10.44 21.75
C SER C 303 6.17 11.82 21.58
N LEU C 304 7.18 11.87 20.70
CA LEU C 304 7.86 13.09 20.29
C LEU C 304 7.00 14.03 19.43
N LEU C 305 5.83 13.60 19.03
CA LEU C 305 5.03 14.40 18.11
C LEU C 305 4.68 15.83 18.58
N PRO C 306 4.29 16.03 19.84
CA PRO C 306 3.79 17.34 20.29
C PRO C 306 4.84 18.43 20.15
N LEU C 307 6.11 18.06 20.15
CA LEU C 307 7.19 19.03 19.94
C LEU C 307 7.59 19.32 18.49
N MET C 308 7.02 18.60 17.51
CA MET C 308 7.58 18.57 16.14
C MET C 308 7.05 19.65 15.21
N SER C 309 7.94 20.23 14.39
CA SER C 309 7.51 21.21 13.40
C SER C 309 6.58 20.60 12.35
N SER C 310 5.54 21.33 11.98
CA SER C 310 4.66 20.93 10.89
C SER C 310 4.51 22.05 9.87
N THR C 311 4.19 21.68 8.63
CA THR C 311 3.91 22.65 7.59
C THR C 311 2.44 22.57 7.21
N LEU C 312 1.98 23.50 6.36
CA LEU C 312 0.67 23.38 5.70
C LEU C 312 0.80 23.11 4.20
N SER C 313 0.27 21.98 3.75
CA SER C 313 0.20 21.70 2.32
C SER C 313 -1.22 21.74 1.80
N ASP C 314 -1.43 21.14 0.66
CA ASP C 314 -2.76 21.06 0.10
C ASP C 314 -3.10 19.61 -0.23
N PHE C 315 -4.33 19.38 -0.71
CA PHE C 315 -4.75 18.07 -1.10
C PHE C 315 -3.87 17.50 -2.20
N ASP C 316 -3.68 18.27 -3.27
CA ASP C 316 -2.98 17.78 -4.48
C ASP C 316 -1.52 17.43 -4.23
N SER C 317 -0.87 18.26 -3.40
CA SER C 317 0.50 17.99 -2.99
C SER C 317 0.58 16.75 -2.13
N ALA C 318 -0.38 16.58 -1.21
CA ALA C 318 -0.44 15.36 -0.38
C ALA C 318 -0.59 14.08 -1.20
N SER C 319 -1.43 14.11 -2.25
CA SER C 319 -1.65 12.94 -3.10
C SER C 319 -0.40 12.66 -3.92
N ALA C 320 0.33 13.71 -4.28
CA ALA C 320 1.56 13.58 -5.06
C ALA C 320 2.64 12.88 -4.25
N LEU C 321 2.62 13.15 -2.94
CA LEU C 321 3.56 12.55 -2.01
C LEU C 321 3.23 11.08 -1.85
N GLU C 322 1.94 10.77 -1.86
CA GLU C 322 1.53 9.40 -1.63
C GLU C 322 1.96 8.62 -2.84
N ARG C 323 1.77 9.21 -4.02
CA ARG C 323 2.10 8.63 -5.33
C ARG C 323 3.59 8.33 -5.36
N ALA C 324 4.36 9.24 -4.78
CA ALA C 324 5.82 9.17 -4.74
C ALA C 324 6.33 8.14 -3.75
N ALA C 325 5.74 8.10 -2.55
CA ALA C 325 6.09 7.09 -1.57
C ALA C 325 5.96 5.72 -2.19
N ARG C 326 4.82 5.47 -2.83
CA ARG C 326 4.49 4.19 -3.45
C ARG C 326 5.52 3.82 -4.51
N THR C 327 5.77 4.79 -5.37
CA THR C 327 6.69 4.71 -6.49
C THR C 327 8.13 4.37 -6.05
N PHE C 328 8.54 5.02 -4.96
CA PHE C 328 9.86 4.86 -4.40
C PHE C 328 10.00 3.51 -3.73
N ASN C 329 8.87 3.01 -3.20
CA ASN C 329 8.84 1.71 -2.55
C ASN C 329 9.02 0.62 -3.56
N ALA C 330 8.42 0.80 -4.74
CA ALA C 330 8.56 -0.14 -5.85
C ALA C 330 9.97 -0.11 -6.46
N GLU C 331 10.32 1.01 -7.09
CA GLU C 331 11.59 1.19 -7.80
C GLU C 331 12.83 1.00 -6.94
N MET C 332 12.69 0.97 -5.62
CA MET C 332 13.85 0.79 -4.75
C MET C 332 13.84 -0.57 -4.11
N GLY C 333 13.46 -1.57 -4.90
CA GLY C 333 13.06 -2.88 -4.40
C GLY C 333 14.14 -3.85 -3.94
N VAL C 334 15.01 -4.31 -4.85
CA VAL C 334 15.97 -5.43 -4.60
C VAL C 334 15.43 -6.62 -3.79
N SER D 2 19.72 48.91 5.14
CA SER D 2 18.73 50.05 5.14
C SER D 2 18.10 50.45 3.78
N HIS D 3 18.91 50.91 2.81
CA HIS D 3 18.38 51.58 1.62
C HIS D 3 18.54 50.79 0.30
N MET D 4 17.41 50.31 -0.21
CA MET D 4 17.35 49.47 -1.43
C MET D 4 18.40 49.73 -2.55
N VAL D 5 19.54 49.02 -2.46
CA VAL D 5 20.62 48.99 -3.46
C VAL D 5 20.30 48.06 -4.62
N THR D 6 20.55 48.53 -5.85
CA THR D 6 20.22 47.75 -7.05
C THR D 6 21.34 46.84 -7.53
N ILE D 7 21.11 45.51 -7.54
CA ILE D 7 22.14 44.55 -7.95
C ILE D 7 21.75 43.80 -9.21
N VAL D 8 22.70 43.72 -10.14
CA VAL D 8 22.66 42.79 -11.27
C VAL D 8 23.81 41.81 -11.11
N ARG D 9 23.57 40.50 -11.09
CA ARG D 9 24.68 39.55 -11.12
C ARG D 9 24.81 38.79 -12.42
N ILE D 10 26.05 38.70 -12.89
CA ILE D 10 26.41 37.96 -14.10
C ILE D 10 27.31 36.79 -13.77
N TYR D 11 26.92 35.61 -14.21
CA TYR D 11 27.83 34.46 -14.20
C TYR D 11 28.38 34.32 -15.62
N LEU D 12 29.68 34.54 -15.77
CA LEU D 12 30.35 34.36 -17.05
C LEU D 12 30.69 32.91 -17.18
N ASP D 13 30.36 32.30 -18.31
CA ASP D 13 30.57 30.87 -18.47
C ASP D 13 30.85 30.44 -19.91
N GLY D 14 31.30 29.19 -20.09
CA GLY D 14 31.61 28.68 -21.41
C GLY D 14 32.83 27.81 -21.42
N VAL D 15 33.26 27.41 -22.61
CA VAL D 15 34.46 26.59 -22.79
C VAL D 15 35.69 27.35 -22.34
N TYR D 16 36.68 26.65 -21.79
CA TYR D 16 37.89 27.29 -21.26
C TYR D 16 38.82 27.76 -22.37
N GLY D 17 39.67 28.73 -22.04
CA GLY D 17 40.63 29.26 -23.01
C GLY D 17 40.04 30.20 -24.04
N ILE D 18 38.81 30.65 -23.80
CA ILE D 18 38.09 31.51 -24.76
C ILE D 18 38.32 33.03 -24.50
N GLY D 19 38.71 33.40 -23.28
CA GLY D 19 38.91 34.79 -22.93
C GLY D 19 38.09 35.25 -21.75
N LYS D 20 37.18 34.39 -21.30
CA LYS D 20 36.19 34.71 -20.28
C LYS D 20 36.78 35.43 -19.07
N SER D 21 37.88 34.90 -18.53
CA SER D 21 38.47 35.45 -17.32
C SER D 21 39.09 36.83 -17.47
N THR D 22 39.90 37.03 -18.51
CA THR D 22 40.37 38.39 -18.78
C THR D 22 39.15 39.33 -18.90
N THR D 23 38.28 39.04 -19.87
CA THR D 23 37.03 39.77 -20.04
C THR D 23 36.49 40.18 -18.70
N GLY D 24 36.38 39.19 -17.81
CA GLY D 24 35.85 39.38 -16.48
C GLY D 24 36.63 40.42 -15.72
N ARG D 25 37.96 40.27 -15.75
CA ARG D 25 38.88 41.12 -15.00
C ARG D 25 38.86 42.56 -15.47
N VAL D 26 38.85 42.76 -16.80
CA VAL D 26 38.74 44.10 -17.38
C VAL D 26 37.46 44.79 -16.88
N MET D 27 36.36 44.05 -16.89
CA MET D 27 35.06 44.55 -16.53
C MET D 27 34.99 45.23 -15.15
N ALA D 28 35.80 44.75 -14.19
CA ALA D 28 35.71 45.25 -12.80
C ALA D 28 36.78 46.27 -12.41
N SER D 29 37.51 46.80 -13.38
CA SER D 29 38.47 47.87 -13.11
C SER D 29 37.77 49.22 -13.34
N ALA D 30 38.35 50.31 -12.79
CA ALA D 30 37.77 51.66 -12.93
C ALA D 30 37.91 52.23 -14.36
N ALA D 31 38.75 51.55 -15.15
CA ALA D 31 39.03 51.87 -16.57
C ALA D 31 37.83 51.86 -17.57
N SER D 32 36.68 51.37 -17.14
CA SER D 32 35.47 51.42 -17.95
C SER D 32 34.53 52.56 -17.53
N GLY D 33 34.81 53.13 -16.33
CA GLY D 33 33.98 54.18 -15.73
C GLY D 33 32.69 53.62 -15.13
N GLY D 34 31.57 53.90 -15.80
CA GLY D 34 30.26 53.36 -15.46
C GLY D 34 29.86 53.26 -13.99
N SER D 35 29.76 52.04 -13.50
CA SER D 35 29.25 51.77 -12.14
C SER D 35 30.13 50.78 -11.30
N PRO D 36 30.12 50.94 -9.96
CA PRO D 36 30.82 50.04 -9.04
C PRO D 36 30.66 48.53 -9.34
N THR D 37 31.79 47.83 -9.51
CA THR D 37 31.79 46.41 -9.93
C THR D 37 32.78 45.52 -9.15
N LEU D 38 32.26 44.46 -8.54
CA LEU D 38 33.15 43.46 -7.94
C LEU D 38 33.32 42.18 -8.81
N TYR D 39 34.43 41.49 -8.60
CA TYR D 39 34.78 40.41 -9.49
C TYR D 39 35.22 39.19 -8.73
N PHE D 40 34.39 38.15 -8.76
CA PHE D 40 34.69 36.86 -8.13
C PHE D 40 35.36 35.95 -9.13
N PRO D 41 36.66 35.71 -8.91
CA PRO D 41 37.51 34.99 -9.86
C PRO D 41 37.34 33.47 -9.70
N GLU D 42 37.97 32.69 -10.58
CA GLU D 42 37.90 31.26 -10.41
C GLU D 42 38.71 30.85 -9.20
N PRO D 43 38.23 29.85 -8.46
CA PRO D 43 38.83 29.50 -7.18
C PRO D 43 40.10 28.64 -7.30
N MET D 44 41.03 29.07 -8.15
CA MET D 44 42.35 28.45 -8.32
C MET D 44 43.01 27.88 -7.05
N ALA D 45 43.26 28.73 -6.06
CA ALA D 45 43.92 28.31 -4.83
C ALA D 45 43.27 27.07 -4.25
N TYR D 46 41.94 27.08 -4.19
CA TYR D 46 41.18 25.94 -3.71
C TYR D 46 41.53 24.67 -4.46
N TRP D 47 41.66 24.77 -5.78
CA TRP D 47 41.92 23.63 -6.63
C TRP D 47 43.35 23.10 -6.54
N ARG D 48 44.31 23.99 -6.30
CA ARG D 48 45.72 23.70 -6.53
C ARG D 48 46.56 23.71 -5.28
N THR D 49 46.51 24.80 -4.53
CA THR D 49 47.45 24.95 -3.43
C THR D 49 46.86 24.73 -2.04
N LEU D 50 45.56 24.94 -1.87
CA LEU D 50 44.99 24.92 -0.52
C LEU D 50 44.93 23.54 0.16
N PHE D 51 45.15 22.48 -0.60
CA PHE D 51 45.13 21.12 -0.06
C PHE D 51 46.32 20.35 -0.62
N GLU D 52 46.59 19.18 -0.03
CA GLU D 52 47.74 18.36 -0.45
C GLU D 52 47.74 18.01 -1.94
N THR D 53 46.57 17.94 -2.56
CA THR D 53 46.43 17.49 -3.94
C THR D 53 45.90 18.61 -4.83
N ASP D 54 46.57 18.84 -5.96
CA ASP D 54 46.15 19.76 -7.02
C ASP D 54 45.23 19.02 -7.98
N VAL D 55 43.93 19.35 -7.93
CA VAL D 55 42.94 18.66 -8.75
C VAL D 55 43.08 18.79 -10.27
N ILE D 56 43.46 19.96 -10.79
CA ILE D 56 43.59 20.17 -12.25
C ILE D 56 44.58 19.18 -12.86
N SER D 57 45.79 19.13 -12.29
CA SER D 57 46.81 18.21 -12.75
C SER D 57 46.29 16.82 -12.51
N GLY D 58 45.75 16.59 -11.32
CA GLY D 58 45.14 15.32 -10.95
C GLY D 58 44.23 14.70 -12.00
N ILE D 59 43.44 15.52 -12.70
CA ILE D 59 42.55 15.00 -13.73
C ILE D 59 43.32 14.46 -14.96
N TYR D 60 44.13 15.30 -15.60
CA TYR D 60 44.81 14.88 -16.81
C TYR D 60 45.70 13.69 -16.51
N ASP D 61 46.32 13.72 -15.34
CA ASP D 61 47.15 12.63 -14.91
C ASP D 61 46.39 11.28 -14.81
N THR D 62 45.10 11.35 -14.51
CA THR D 62 44.24 10.16 -14.42
C THR D 62 44.00 9.55 -15.80
N GLN D 63 43.44 10.34 -16.72
CA GLN D 63 43.25 9.88 -18.09
C GLN D 63 44.56 9.31 -18.61
N ASN D 64 45.65 9.98 -18.25
CA ASN D 64 47.00 9.63 -18.68
C ASN D 64 47.48 8.26 -18.16
N ARG D 65 47.25 7.98 -16.89
CA ARG D 65 47.63 6.69 -16.34
C ARG D 65 46.86 5.56 -17.02
N LYS D 66 45.63 5.87 -17.42
CA LYS D 66 44.73 4.89 -18.03
C LYS D 66 45.21 4.47 -19.39
N GLN D 67 45.53 5.47 -20.23
CA GLN D 67 45.93 5.26 -21.62
C GLN D 67 47.41 4.89 -21.80
N GLN D 68 48.25 5.15 -20.80
CA GLN D 68 49.61 4.59 -20.80
C GLN D 68 49.61 3.30 -19.98
N GLY D 69 48.51 2.54 -20.13
CA GLY D 69 48.26 1.27 -19.46
C GLY D 69 48.80 1.02 -18.05
N ASN D 70 48.67 2.02 -17.15
CA ASN D 70 49.10 1.87 -15.75
C ASN D 70 47.92 1.64 -14.81
N LEU D 71 46.93 2.51 -14.97
CA LEU D 71 45.69 2.50 -14.22
C LEU D 71 44.64 1.82 -15.11
N ALA D 72 44.04 0.74 -14.61
CA ALA D 72 43.10 -0.02 -15.40
C ALA D 72 41.78 0.76 -15.51
N VAL D 73 41.18 0.72 -16.70
CA VAL D 73 40.02 1.54 -17.08
C VAL D 73 39.04 1.94 -15.95
N ASP D 74 38.32 0.94 -15.43
CA ASP D 74 37.23 1.17 -14.49
C ASP D 74 37.61 2.06 -13.33
N ASP D 75 38.76 1.79 -12.71
CA ASP D 75 39.24 2.63 -11.63
C ASP D 75 39.47 4.09 -12.04
N ALA D 76 40.10 4.29 -13.19
CA ALA D 76 40.23 5.62 -13.76
C ALA D 76 38.87 6.33 -13.81
N ALA D 77 37.85 5.65 -14.31
CA ALA D 77 36.50 6.21 -14.33
C ALA D 77 36.09 6.79 -12.97
N LEU D 78 36.34 6.04 -11.90
CA LEU D 78 35.92 6.46 -10.57
C LEU D 78 36.76 7.63 -10.06
N ILE D 79 38.08 7.52 -10.17
CA ILE D 79 39.01 8.58 -9.79
C ILE D 79 38.63 9.88 -10.46
N THR D 80 38.46 9.85 -11.78
CA THR D 80 38.07 11.04 -12.54
C THR D 80 36.81 11.65 -11.95
N ALA D 81 35.80 10.81 -11.75
CA ALA D 81 34.51 11.27 -11.26
C ALA D 81 34.65 11.96 -9.91
N HIS D 82 35.61 11.53 -9.13
CA HIS D 82 35.85 12.16 -7.85
C HIS D 82 36.47 13.52 -8.06
N TYR D 83 37.44 13.59 -8.96
CA TYR D 83 38.22 14.81 -9.20
C TYR D 83 37.30 15.88 -9.75
N GLN D 84 36.50 15.47 -10.71
CA GLN D 84 35.43 16.32 -11.20
C GLN D 84 34.61 16.89 -10.05
N SER D 85 34.23 16.04 -9.08
CA SER D 85 33.49 16.46 -7.91
C SER D 85 34.24 17.50 -7.03
N ARG D 86 35.57 17.43 -7.03
CA ARG D 86 36.39 18.31 -6.23
C ARG D 86 36.47 19.71 -6.84
N PHE D 87 36.17 19.78 -8.14
CA PHE D 87 36.08 21.04 -8.85
C PHE D 87 34.94 21.85 -8.37
N THR D 88 33.84 21.19 -8.03
CA THR D 88 32.61 21.92 -7.71
C THR D 88 32.61 22.54 -6.31
N THR D 89 33.25 21.88 -5.36
CA THR D 89 33.22 22.31 -3.96
C THR D 89 33.33 23.83 -3.70
N PRO D 90 34.33 24.53 -4.23
CA PRO D 90 34.46 25.96 -3.94
C PRO D 90 33.28 26.80 -4.47
N TYR D 91 32.67 26.35 -5.58
CA TYR D 91 31.54 27.06 -6.20
C TYR D 91 30.32 26.92 -5.36
N LEU D 92 30.14 25.75 -4.76
CA LEU D 92 29.01 25.50 -3.89
C LEU D 92 29.14 26.29 -2.61
N ILE D 93 30.36 26.41 -2.11
CA ILE D 93 30.63 27.22 -0.93
C ILE D 93 30.35 28.71 -1.21
N LEU D 94 30.90 29.22 -2.31
CA LEU D 94 30.65 30.59 -2.70
C LEU D 94 29.15 30.83 -2.80
N HIS D 95 28.47 30.01 -3.60
CA HIS D 95 27.03 30.14 -3.81
C HIS D 95 26.26 30.21 -2.50
N ASP D 96 26.61 29.34 -1.56
CA ASP D 96 25.89 29.32 -0.29
C ASP D 96 26.10 30.61 0.50
N HIS D 97 27.27 31.22 0.41
CA HIS D 97 27.59 32.40 1.20
C HIS D 97 26.96 33.66 0.57
N THR D 98 26.88 33.70 -0.76
CA THR D 98 26.34 34.88 -1.44
C THR D 98 24.82 34.87 -1.68
N CYS D 99 24.20 33.69 -1.71
CA CYS D 99 22.84 33.56 -2.24
C CYS D 99 21.75 34.31 -1.47
N THR D 100 21.89 34.49 -0.17
CA THR D 100 20.86 35.17 0.61
C THR D 100 21.06 36.68 0.61
N LEU D 101 22.08 37.16 -0.09
CA LEU D 101 22.45 38.56 -0.06
C LEU D 101 21.98 39.35 -1.27
N PHE D 102 21.38 38.68 -2.25
CA PHE D 102 21.08 39.35 -3.50
C PHE D 102 19.81 40.20 -3.46
N GLY D 103 18.90 39.85 -2.54
CA GLY D 103 17.60 40.49 -2.46
C GLY D 103 16.61 39.92 -3.48
N GLY D 104 15.33 40.25 -3.28
CA GLY D 104 14.29 39.82 -4.18
C GLY D 104 13.87 40.90 -5.15
N ASN D 105 12.66 40.75 -5.70
CA ASN D 105 12.12 41.69 -6.66
C ASN D 105 12.87 41.67 -7.99
N SER D 106 13.06 40.49 -8.57
CA SER D 106 13.75 40.38 -9.86
C SER D 106 12.97 40.99 -11.03
N LEU D 107 13.66 41.84 -11.81
CA LEU D 107 13.08 42.42 -13.01
C LEU D 107 14.14 43.04 -13.91
N GLN D 108 13.70 43.43 -15.10
CA GLN D 108 14.54 44.18 -16.02
C GLN D 108 14.20 45.66 -15.88
N ARG D 109 15.01 46.40 -15.12
CA ARG D 109 14.80 47.83 -14.90
C ARG D 109 15.47 48.67 -15.97
N GLY D 110 16.28 48.00 -16.82
CA GLY D 110 16.96 48.63 -17.92
C GLY D 110 18.08 49.54 -17.48
N THR D 111 17.92 50.17 -16.33
CA THR D 111 18.86 51.17 -15.80
C THR D 111 20.22 50.55 -15.45
N GLN D 112 21.25 51.39 -15.35
CA GLN D 112 22.53 51.00 -14.73
C GLN D 112 22.35 50.74 -13.23
N PRO D 113 22.74 49.55 -12.77
CA PRO D 113 22.57 49.15 -11.37
C PRO D 113 23.60 49.79 -10.43
N ASP D 114 23.23 49.95 -9.17
CA ASP D 114 24.14 50.53 -8.18
C ASP D 114 25.40 49.69 -8.01
N LEU D 115 25.23 48.37 -8.06
CA LEU D 115 26.31 47.38 -7.90
C LEU D 115 26.18 46.31 -8.95
N THR D 116 27.32 45.70 -9.26
CA THR D 116 27.41 44.64 -10.25
C THR D 116 28.38 43.57 -9.75
N LEU D 117 27.93 42.32 -9.81
CA LEU D 117 28.81 41.20 -9.52
C LEU D 117 28.96 40.29 -10.74
N VAL D 118 30.21 40.17 -11.18
CA VAL D 118 30.54 39.20 -12.19
C VAL D 118 31.19 37.98 -11.50
N PHE D 119 30.54 36.83 -11.59
CA PHE D 119 31.13 35.59 -11.10
C PHE D 119 31.73 34.85 -12.27
N ASP D 120 32.92 34.32 -12.07
CA ASP D 120 33.56 33.53 -13.11
C ASP D 120 33.10 32.11 -12.98
N ARG D 121 32.12 31.75 -13.80
CA ARG D 121 31.47 30.42 -13.80
C ARG D 121 30.34 30.30 -12.80
N HIS D 122 29.29 29.59 -13.23
CA HIS D 122 28.15 29.24 -12.39
C HIS D 122 28.32 27.77 -11.99
N PRO D 123 27.85 27.37 -10.79
CA PRO D 123 27.92 25.95 -10.41
C PRO D 123 27.48 24.97 -11.53
N VAL D 124 26.66 25.42 -12.45
CA VAL D 124 26.28 24.58 -13.59
C VAL D 124 27.48 24.02 -14.37
N ALA D 125 28.54 24.81 -14.49
CA ALA D 125 29.69 24.40 -15.29
C ALA D 125 30.34 23.11 -14.78
N SER D 126 30.42 22.97 -13.45
CA SER D 126 31.17 21.90 -12.81
C SER D 126 30.26 20.77 -12.31
N THR D 127 28.97 21.04 -12.27
CA THR D 127 28.00 20.05 -11.80
C THR D 127 27.28 19.39 -12.95
N VAL D 128 27.19 20.09 -14.08
CA VAL D 128 26.49 19.57 -15.26
C VAL D 128 27.36 19.56 -16.51
N CYS D 129 27.98 20.68 -16.83
CA CYS D 129 28.57 20.86 -18.14
C CYS D 129 29.82 20.03 -18.37
N PHE D 130 30.83 20.21 -17.53
CA PHE D 130 32.04 19.44 -17.63
C PHE D 130 31.78 17.94 -17.37
N PRO D 131 30.99 17.60 -16.35
CA PRO D 131 30.59 16.22 -16.15
C PRO D 131 30.00 15.62 -17.43
N ALA D 132 29.02 16.30 -18.03
CA ALA D 132 28.34 15.76 -19.21
C ALA D 132 29.32 15.52 -20.37
N ALA D 133 30.31 16.41 -20.50
CA ALA D 133 31.36 16.28 -21.51
C ALA D 133 32.23 15.06 -21.24
N ARG D 134 32.70 14.89 -20.01
CA ARG D 134 33.50 13.73 -19.69
C ARG D 134 32.76 12.39 -19.89
N TYR D 135 31.43 12.43 -19.72
CA TYR D 135 30.54 11.30 -19.93
C TYR D 135 30.41 10.97 -21.41
N LEU D 136 30.19 11.99 -22.23
CA LEU D 136 30.11 11.78 -23.65
C LEU D 136 31.44 11.22 -24.18
N LEU D 137 32.54 11.57 -23.54
CA LEU D 137 33.85 11.13 -23.99
C LEU D 137 34.18 9.71 -23.53
N GLY D 138 33.26 9.10 -22.79
CA GLY D 138 33.48 7.77 -22.24
C GLY D 138 34.44 7.72 -21.07
N ASP D 139 34.77 8.88 -20.51
CA ASP D 139 35.69 8.94 -19.38
C ASP D 139 35.00 8.75 -18.03
N MET D 140 33.68 8.58 -18.06
CA MET D 140 32.88 8.67 -16.85
C MET D 140 31.49 8.11 -17.10
N SER D 141 30.97 7.41 -16.12
CA SER D 141 29.69 6.73 -16.27
C SER D 141 28.48 7.62 -16.06
N MET D 142 27.33 7.17 -16.54
CA MET D 142 26.03 7.84 -16.41
C MET D 142 25.69 8.08 -14.93
N CYS D 143 26.11 7.13 -14.11
CA CYS D 143 25.82 7.14 -12.70
C CYS D 143 26.57 8.28 -12.06
N ALA D 144 27.88 8.31 -12.23
CA ALA D 144 28.69 9.43 -11.73
C ALA D 144 28.15 10.77 -12.22
N LEU D 145 27.61 10.79 -13.43
CA LEU D 145 27.08 12.02 -13.99
C LEU D 145 25.85 12.42 -13.21
N MET D 146 24.89 11.50 -13.07
CA MET D 146 23.71 11.71 -12.26
C MET D 146 24.13 12.21 -10.87
N ALA D 147 25.21 11.64 -10.34
CA ALA D 147 25.76 12.00 -9.04
C ALA D 147 26.13 13.49 -8.87
N MET D 148 26.63 14.11 -9.96
CA MET D 148 27.08 15.51 -9.92
C MET D 148 25.95 16.44 -10.26
N VAL D 149 25.17 16.05 -11.27
CA VAL D 149 23.99 16.81 -11.69
C VAL D 149 23.04 17.06 -10.54
N ALA D 150 22.96 16.08 -9.62
CA ALA D 150 22.10 16.22 -8.46
C ALA D 150 22.54 17.35 -7.54
N THR D 151 23.82 17.70 -7.58
CA THR D 151 24.38 18.70 -6.65
C THR D 151 24.38 20.14 -7.18
N LEU D 152 23.68 20.39 -8.30
CA LEU D 152 23.42 21.75 -8.76
C LEU D 152 22.43 22.47 -7.83
N PRO D 153 22.81 23.58 -7.20
CA PRO D 153 21.88 24.26 -6.27
C PRO D 153 20.80 25.10 -6.96
N ARG D 154 19.68 25.32 -6.28
CA ARG D 154 18.69 26.29 -6.76
C ARG D 154 19.28 27.71 -6.71
N GLU D 155 19.02 28.48 -7.75
CA GLU D 155 19.50 29.86 -7.85
C GLU D 155 18.34 30.74 -7.50
N PRO D 156 18.50 31.73 -6.63
CA PRO D 156 17.39 32.63 -6.31
C PRO D 156 17.02 33.42 -7.56
N GLN D 157 16.04 34.31 -7.46
CA GLN D 157 15.59 35.13 -8.60
C GLN D 157 16.65 36.17 -9.03
N GLY D 158 16.82 36.32 -10.35
CA GLY D 158 17.69 37.36 -10.89
C GLY D 158 19.01 36.92 -11.50
N GLY D 159 19.33 35.64 -11.35
CA GLY D 159 20.49 35.07 -12.00
C GLY D 159 20.60 35.34 -13.50
N ASN D 160 21.75 35.83 -13.88
CA ASN D 160 22.03 36.02 -15.27
C ASN D 160 23.25 35.18 -15.61
N ILE D 161 23.14 34.28 -16.56
CA ILE D 161 24.36 33.65 -17.02
C ILE D 161 24.63 33.97 -18.47
N VAL D 162 25.89 34.28 -18.73
CA VAL D 162 26.36 34.72 -20.04
C VAL D 162 27.33 33.66 -20.54
N VAL D 163 26.85 32.85 -21.48
CA VAL D 163 27.69 31.84 -22.10
C VAL D 163 28.54 32.48 -23.21
N THR D 164 29.84 32.65 -22.96
CA THR D 164 30.74 33.23 -23.95
C THR D 164 31.01 32.23 -25.06
N THR D 165 31.09 32.72 -26.30
CA THR D 165 31.46 31.88 -27.44
C THR D 165 32.57 32.49 -28.29
N LEU D 166 33.12 31.65 -29.16
CA LEU D 166 34.18 32.07 -30.06
C LEU D 166 34.19 31.13 -31.24
N ASN D 167 34.39 31.68 -32.43
CA ASN D 167 34.66 30.83 -33.60
C ASN D 167 35.85 29.88 -33.35
N VAL D 168 35.70 28.67 -33.86
CA VAL D 168 36.57 27.55 -33.52
C VAL D 168 37.97 27.77 -34.09
N GLU D 169 38.05 28.55 -35.18
CA GLU D 169 39.33 28.83 -35.80
C GLU D 169 40.19 29.64 -34.84
N GLU D 170 39.58 30.66 -34.24
CA GLU D 170 40.31 31.53 -33.32
C GLU D 170 40.59 30.80 -32.01
N HIS D 171 39.52 30.32 -31.36
CA HIS D 171 39.60 29.52 -30.13
C HIS D 171 40.74 28.48 -30.16
N ILE D 172 40.92 27.84 -31.31
CA ILE D 172 42.07 26.96 -31.47
C ILE D 172 43.39 27.73 -31.49
N ARG D 173 43.53 28.71 -32.38
CA ARG D 173 44.79 29.49 -32.48
C ARG D 173 45.17 30.09 -31.12
N ARG D 174 44.18 30.73 -30.50
CA ARG D 174 44.38 31.33 -29.18
C ARG D 174 44.39 30.29 -28.03
N LEU D 175 44.24 29.00 -28.35
CA LEU D 175 44.54 27.97 -27.36
C LEU D 175 45.96 27.41 -27.60
N ARG D 176 46.39 27.45 -28.87
CA ARG D 176 47.68 26.93 -29.33
C ARG D 176 48.72 28.04 -29.48
N GLY D 182 56.08 22.39 -25.96
CA GLY D 182 55.85 22.79 -24.58
C GLY D 182 54.61 22.19 -23.93
N GLU D 183 53.43 22.59 -24.44
CA GLU D 183 52.10 22.28 -23.86
C GLU D 183 51.55 20.84 -24.07
N GLN D 184 50.21 20.72 -24.02
CA GLN D 184 49.46 19.48 -24.30
C GLN D 184 47.94 19.73 -24.36
N ILE D 185 47.42 19.98 -25.57
CA ILE D 185 46.03 20.40 -25.81
C ILE D 185 45.06 19.21 -26.01
N ASP D 186 43.77 19.36 -25.61
CA ASP D 186 42.73 18.33 -25.91
C ASP D 186 41.52 18.80 -26.75
N ILE D 187 41.74 18.88 -28.06
CA ILE D 187 40.78 19.41 -29.00
C ILE D 187 39.49 18.63 -29.02
N THR D 188 39.59 17.30 -28.83
CA THR D 188 38.40 16.45 -28.70
C THR D 188 37.47 16.90 -27.57
N LEU D 189 38.04 17.11 -26.38
CA LEU D 189 37.25 17.54 -25.23
C LEU D 189 36.78 18.99 -25.38
N ILE D 190 37.62 19.84 -25.98
CA ILE D 190 37.18 21.20 -26.31
C ILE D 190 36.02 21.15 -27.29
N ALA D 191 36.04 20.19 -28.18
CA ALA D 191 34.96 20.06 -29.15
C ALA D 191 33.65 19.68 -28.46
N THR D 192 33.75 18.75 -27.49
CA THR D 192 32.60 18.26 -26.74
C THR D 192 32.07 19.33 -25.80
N LEU D 193 32.97 20.04 -25.11
CA LEU D 193 32.54 21.10 -24.21
C LEU D 193 31.82 22.17 -24.98
N ARG D 194 32.28 22.43 -26.20
CA ARG D 194 31.63 23.44 -27.00
C ARG D 194 30.19 23.01 -27.30
N ASN D 195 30.04 21.73 -27.60
CA ASN D 195 28.72 21.16 -27.85
C ASN D 195 27.82 21.20 -26.62
N VAL D 196 28.37 20.79 -25.47
CA VAL D 196 27.63 20.84 -24.22
C VAL D 196 27.15 22.27 -23.96
N TYR D 197 28.01 23.24 -24.17
CA TYR D 197 27.62 24.60 -23.87
C TYR D 197 26.49 25.09 -24.77
N PHE D 198 26.50 24.63 -26.03
CA PHE D 198 25.40 24.90 -26.96
C PHE D 198 24.13 24.24 -26.45
N MET D 199 24.25 22.99 -26.00
CA MET D 199 23.11 22.23 -25.49
C MET D 199 22.51 22.92 -24.30
N LEU D 200 23.37 23.44 -23.43
CA LEU D 200 22.89 24.08 -22.23
C LEU D 200 22.08 25.32 -22.60
N VAL D 201 22.51 25.99 -23.66
CA VAL D 201 21.86 27.23 -24.08
C VAL D 201 20.55 26.97 -24.82
N ASN D 202 20.54 25.92 -25.65
CA ASN D 202 19.33 25.46 -26.29
C ASN D 202 18.35 25.06 -25.22
N THR D 203 18.82 24.34 -24.20
CA THR D 203 17.97 23.92 -23.07
C THR D 203 17.18 25.10 -22.50
N CYS D 204 17.83 26.25 -22.32
CA CYS D 204 17.11 27.41 -21.83
C CYS D 204 16.10 28.01 -22.84
N HIS D 205 16.52 28.21 -24.09
CA HIS D 205 15.59 28.66 -25.14
C HIS D 205 14.37 27.76 -25.13
N PHE D 206 14.64 26.45 -25.09
CA PHE D 206 13.63 25.41 -25.03
C PHE D 206 12.69 25.60 -23.85
N LEU D 207 13.25 25.96 -22.71
CA LEU D 207 12.46 26.12 -21.50
C LEU D 207 11.50 27.32 -21.55
N ARG D 208 12.03 28.49 -21.94
CA ARG D 208 11.23 29.73 -21.95
C ARG D 208 10.16 29.76 -23.04
N SER D 209 10.30 28.90 -24.05
CA SER D 209 9.24 28.66 -25.03
C SER D 209 7.96 28.19 -24.33
N GLY D 210 8.11 27.75 -23.08
CA GLY D 210 7.03 27.11 -22.34
C GLY D 210 7.11 25.59 -22.33
N ARG D 211 7.85 25.01 -23.27
CA ARG D 211 8.10 23.55 -23.29
C ARG D 211 8.73 23.00 -21.98
N VAL D 212 8.70 21.67 -21.84
CA VAL D 212 9.32 20.95 -20.72
C VAL D 212 9.84 19.66 -21.30
N TRP D 213 10.74 18.97 -20.58
CA TRP D 213 11.42 17.79 -21.12
C TRP D 213 10.53 16.62 -21.51
N ARG D 214 9.30 16.58 -21.00
CA ARG D 214 8.40 15.51 -21.39
C ARG D 214 7.84 15.73 -22.81
N ASP D 215 7.64 17.00 -23.21
CA ASP D 215 7.32 17.36 -24.60
C ASP D 215 8.35 16.82 -25.63
N GLY D 216 8.07 15.65 -26.22
CA GLY D 216 8.93 15.10 -27.26
C GLY D 216 9.65 13.80 -26.93
N TRP D 217 9.88 13.60 -25.64
CA TRP D 217 10.61 12.44 -25.10
C TRP D 217 10.34 11.12 -25.84
N GLY D 218 9.16 10.54 -25.58
CA GLY D 218 8.80 9.21 -26.07
C GLY D 218 8.96 9.08 -27.58
N GLU D 219 8.73 10.19 -28.29
CA GLU D 219 8.96 10.21 -29.72
C GLU D 219 10.47 10.07 -29.97
N LEU D 220 11.26 10.99 -29.39
CA LEU D 220 12.72 11.00 -29.54
C LEU D 220 13.34 9.60 -29.47
N PRO D 221 14.26 9.28 -30.39
CA PRO D 221 14.96 7.99 -30.35
C PRO D 221 15.97 7.85 -29.19
N THR D 222 16.09 6.64 -28.65
CA THR D 222 17.06 6.31 -27.59
C THR D 222 18.47 6.74 -27.95
N SER D 223 19.05 7.63 -27.15
CA SER D 223 20.42 8.12 -27.35
C SER D 223 21.45 7.04 -27.03
N CYS D 224 22.52 6.99 -27.81
CA CYS D 224 23.65 6.05 -27.66
C CYS D 224 24.57 6.07 -28.90
N GLY D 225 25.78 5.53 -28.71
CA GLY D 225 26.74 5.24 -29.77
C GLY D 225 26.92 6.27 -30.87
N ALA D 226 25.95 6.30 -31.79
CA ALA D 226 25.87 7.34 -32.80
C ALA D 226 25.72 8.71 -32.14
N TYR D 227 24.83 8.79 -31.15
CA TYR D 227 24.60 10.04 -30.42
C TYR D 227 25.89 10.50 -29.77
N LYS D 228 26.48 9.62 -28.95
CA LYS D 228 27.79 9.89 -28.35
C LYS D 228 28.79 10.37 -29.41
N HIS D 229 29.02 9.58 -30.47
CA HIS D 229 29.85 10.02 -31.61
C HIS D 229 29.64 11.51 -31.95
N ARG D 230 28.41 11.84 -32.35
CA ARG D 230 28.02 13.19 -32.73
C ARG D 230 28.39 14.21 -31.66
N ALA D 231 28.03 13.92 -30.42
CA ALA D 231 28.30 14.84 -29.31
C ALA D 231 29.79 15.20 -29.17
N THR D 232 30.66 14.30 -29.67
CA THR D 232 32.10 14.50 -29.62
C THR D 232 32.69 15.03 -30.92
N GLN D 233 31.85 15.27 -31.92
CA GLN D 233 32.35 15.82 -33.18
C GLN D 233 32.24 17.35 -33.18
N MET D 234 33.25 18.00 -33.74
CA MET D 234 33.30 19.45 -33.81
C MET D 234 32.11 19.98 -34.58
N ASP D 235 31.36 20.83 -33.90
CA ASP D 235 30.29 21.64 -34.48
C ASP D 235 28.96 20.95 -34.69
N ALA D 236 28.89 19.66 -34.35
CA ALA D 236 27.67 18.86 -34.49
C ALA D 236 26.40 19.43 -33.79
N PHE D 237 26.57 20.55 -33.10
CA PHE D 237 25.49 21.26 -32.46
C PHE D 237 25.78 22.74 -32.60
N GLN D 238 24.72 23.55 -32.46
CA GLN D 238 24.80 25.00 -32.57
C GLN D 238 23.73 25.63 -31.69
N GLU D 239 23.80 26.94 -31.47
CA GLU D 239 22.75 27.60 -30.72
C GLU D 239 21.56 27.65 -31.64
N ARG D 240 20.39 27.24 -31.15
CA ARG D 240 19.21 27.25 -31.99
C ARG D 240 18.14 28.18 -31.42
N VAL D 241 17.41 28.83 -32.33
CA VAL D 241 16.37 29.78 -31.96
C VAL D 241 15.18 29.03 -31.37
N SER D 242 14.62 28.09 -32.13
CA SER D 242 13.65 27.17 -31.57
C SER D 242 14.21 25.74 -31.65
N PRO D 243 14.82 25.29 -30.54
CA PRO D 243 15.50 23.98 -30.50
C PRO D 243 14.55 22.80 -30.34
N GLU D 244 14.65 21.83 -31.23
CA GLU D 244 14.01 20.53 -31.01
C GLU D 244 14.54 19.89 -29.70
N LEU D 245 13.79 18.96 -29.11
CA LEU D 245 14.24 18.32 -27.88
C LEU D 245 15.65 17.69 -28.02
N GLY D 246 15.91 17.04 -29.16
CA GLY D 246 17.20 16.44 -29.45
C GLY D 246 18.42 17.37 -29.42
N ASP D 247 18.16 18.68 -29.35
CA ASP D 247 19.19 19.69 -29.24
C ASP D 247 19.36 20.24 -27.82
N THR D 248 18.77 19.60 -26.80
CA THR D 248 18.84 20.09 -25.42
C THR D 248 19.58 19.11 -24.51
N LEU D 249 20.06 19.60 -23.35
CA LEU D 249 20.77 18.75 -22.38
C LEU D 249 19.96 17.51 -22.01
N PHE D 250 18.66 17.57 -22.12
CA PHE D 250 17.82 16.44 -21.71
C PHE D 250 18.01 15.22 -22.58
N ALA D 251 18.28 15.45 -23.86
CA ALA D 251 18.43 14.40 -24.86
C ALA D 251 19.44 13.32 -24.45
N LEU D 252 20.50 13.73 -23.75
CA LEU D 252 21.53 12.77 -23.39
C LEU D 252 21.09 11.76 -22.34
N PHE D 253 19.96 12.03 -21.70
CA PHE D 253 19.51 11.23 -20.58
C PHE D 253 18.55 10.15 -20.99
N LYS D 254 18.16 10.14 -22.26
CA LYS D 254 17.38 9.02 -22.80
C LYS D 254 18.28 7.88 -23.25
N THR D 255 18.81 7.12 -22.31
CA THR D 255 19.63 5.95 -22.65
C THR D 255 19.14 4.70 -21.92
N GLN D 256 19.57 3.54 -22.42
CA GLN D 256 19.16 2.24 -21.89
C GLN D 256 19.39 2.09 -20.38
N GLU D 257 20.40 2.79 -19.88
CA GLU D 257 20.73 2.80 -18.45
C GLU D 257 19.57 3.27 -17.54
N LEU D 258 18.74 4.17 -18.07
CA LEU D 258 17.75 4.84 -17.25
C LEU D 258 16.35 4.41 -17.59
N LEU D 259 16.25 3.45 -18.52
CA LEU D 259 14.98 2.88 -18.94
C LEU D 259 14.77 1.48 -18.35
N ASP D 260 13.52 1.12 -18.11
CA ASP D 260 13.18 -0.24 -17.71
C ASP D 260 12.99 -1.11 -18.94
N ASP D 261 12.83 -2.41 -18.70
CA ASP D 261 12.52 -3.43 -19.71
C ASP D 261 11.51 -3.03 -20.83
N ARG D 262 10.56 -2.13 -20.52
CA ARG D 262 9.53 -1.65 -21.47
C ARG D 262 9.93 -0.32 -22.14
N GLY D 263 11.16 0.12 -21.90
CA GLY D 263 11.73 1.30 -22.52
C GLY D 263 11.18 2.63 -22.01
N VAL D 264 10.63 2.61 -20.79
CA VAL D 264 10.06 3.79 -20.14
C VAL D 264 10.96 4.27 -19.00
N ILE D 265 11.38 5.54 -19.04
CA ILE D 265 12.28 6.06 -18.02
C ILE D 265 11.69 5.88 -16.63
N LEU D 266 12.52 5.42 -15.71
CA LEU D 266 12.09 5.17 -14.34
C LEU D 266 11.70 6.47 -13.64
N GLU D 267 10.70 6.40 -12.75
CA GLU D 267 10.16 7.61 -12.15
C GLU D 267 11.19 8.35 -11.33
N VAL D 268 12.06 7.61 -10.64
CA VAL D 268 13.15 8.24 -9.93
C VAL D 268 14.08 9.05 -10.84
N HIS D 269 14.30 8.56 -12.06
CA HIS D 269 15.16 9.28 -13.02
C HIS D 269 14.45 10.48 -13.62
N ALA D 270 13.12 10.40 -13.77
CA ALA D 270 12.33 11.54 -14.22
C ALA D 270 12.40 12.65 -13.17
N TRP D 271 12.36 12.26 -11.91
CA TRP D 271 12.56 13.19 -10.82
C TRP D 271 13.83 14.03 -11.01
N ALA D 272 14.88 13.42 -11.53
CA ALA D 272 16.14 14.13 -11.68
C ALA D 272 16.16 15.10 -12.85
N LEU D 273 15.45 14.76 -13.91
CA LEU D 273 15.32 15.71 -15.01
C LEU D 273 14.48 16.88 -14.53
N ASP D 274 13.48 16.59 -13.69
CA ASP D 274 12.67 17.62 -13.04
C ASP D 274 13.53 18.60 -12.22
N ALA D 275 14.43 18.04 -11.42
CA ALA D 275 15.33 18.87 -10.63
C ALA D 275 16.11 19.81 -11.56
N LEU D 276 16.69 19.26 -12.62
CA LEU D 276 17.55 20.01 -13.53
C LEU D 276 16.79 21.10 -14.26
N MET D 277 15.59 20.74 -14.70
CA MET D 277 14.72 21.65 -15.42
C MET D 277 14.32 22.84 -14.55
N LEU D 278 13.93 22.59 -13.31
CA LEU D 278 13.54 23.66 -12.38
C LEU D 278 14.74 24.57 -12.02
N LYS D 279 15.95 24.05 -12.17
CA LYS D 279 17.14 24.77 -11.76
C LYS D 279 17.67 25.61 -12.92
N LEU D 280 17.38 25.20 -14.14
CA LEU D 280 17.75 26.03 -15.29
C LEU D 280 16.66 27.06 -15.58
N ARG D 281 15.41 26.60 -15.73
CA ARG D 281 14.19 27.46 -15.85
C ARG D 281 14.42 28.89 -15.38
N ASN D 282 14.73 28.98 -14.09
CA ASN D 282 15.15 30.16 -13.36
C ASN D 282 16.01 31.23 -14.06
N LEU D 283 16.92 30.83 -14.95
CA LEU D 283 18.07 31.66 -15.35
C LEU D 283 17.99 32.38 -16.69
N ASN D 284 18.31 33.68 -16.65
CA ASN D 284 18.39 34.56 -17.81
C ASN D 284 19.67 34.33 -18.65
N VAL D 285 19.54 33.73 -19.83
CA VAL D 285 20.73 33.29 -20.61
C VAL D 285 21.04 34.00 -21.95
N PHE D 286 22.31 34.36 -22.12
CA PHE D 286 22.76 35.14 -23.28
C PHE D 286 23.93 34.45 -23.97
N SER D 287 24.45 35.10 -25.02
CA SER D 287 25.69 34.66 -25.60
C SER D 287 26.49 35.88 -26.02
N ALA D 288 27.80 35.71 -26.10
CA ALA D 288 28.72 36.80 -26.46
C ALA D 288 29.88 36.22 -27.27
N ASP D 289 30.09 36.77 -28.47
CA ASP D 289 31.31 36.47 -29.20
C ASP D 289 32.46 37.25 -28.53
N LEU D 290 33.60 36.58 -28.35
CA LEU D 290 34.78 37.18 -27.70
C LEU D 290 35.96 37.31 -28.67
N SER D 291 35.68 37.58 -29.95
CA SER D 291 36.70 37.68 -31.00
C SER D 291 37.52 38.97 -30.92
N GLY D 292 37.07 39.89 -30.07
CA GLY D 292 37.71 41.19 -29.95
C GLY D 292 38.87 41.24 -28.98
N THR D 293 39.34 42.45 -28.72
CA THR D 293 40.38 42.67 -27.71
C THR D 293 39.69 42.68 -26.35
N PRO D 294 40.42 42.38 -25.27
CA PRO D 294 39.82 42.38 -23.94
C PRO D 294 38.92 43.61 -23.77
N ARG D 295 39.29 44.73 -24.40
CA ARG D 295 38.52 45.98 -24.30
C ARG D 295 37.17 45.80 -24.99
N GLN D 296 37.22 45.42 -26.25
CA GLN D 296 36.00 45.23 -27.02
C GLN D 296 35.15 44.10 -26.43
N CYS D 297 35.80 43.20 -25.69
CA CYS D 297 35.16 42.04 -25.09
C CYS D 297 34.24 42.50 -23.97
N ALA D 298 34.78 43.19 -22.97
CA ALA D 298 33.99 43.70 -21.87
C ALA D 298 32.84 44.55 -22.37
N ALA D 299 33.09 45.30 -23.44
CA ALA D 299 32.03 46.09 -24.10
C ALA D 299 30.88 45.19 -24.52
N VAL D 300 31.19 44.07 -25.16
CA VAL D 300 30.16 43.14 -25.60
C VAL D 300 29.30 42.74 -24.42
N VAL D 301 29.96 42.35 -23.32
CA VAL D 301 29.26 41.96 -22.09
C VAL D 301 28.43 43.11 -21.52
N GLU D 302 29.03 44.29 -21.42
CA GLU D 302 28.32 45.43 -20.81
C GLU D 302 27.06 45.78 -21.60
N SER D 303 27.18 45.76 -22.91
CA SER D 303 26.11 46.14 -23.82
C SER D 303 24.81 45.30 -23.66
N LEU D 304 24.98 44.03 -23.25
CA LEU D 304 23.87 43.13 -22.98
C LEU D 304 23.13 43.52 -21.71
N LEU D 305 23.70 44.45 -20.95
CA LEU D 305 23.15 44.81 -19.65
C LEU D 305 21.65 45.18 -19.60
N PRO D 306 21.15 46.12 -20.43
CA PRO D 306 19.71 46.41 -20.46
C PRO D 306 18.81 45.17 -20.44
N LEU D 307 19.26 44.07 -21.04
CA LEU D 307 18.47 42.84 -21.07
C LEU D 307 18.59 41.99 -19.80
N MET D 308 19.15 42.56 -18.72
CA MET D 308 19.50 41.78 -17.52
C MET D 308 18.64 42.04 -16.31
N SER D 309 18.36 40.98 -15.58
CA SER D 309 17.59 41.07 -14.36
C SER D 309 18.37 41.69 -13.20
N SER D 310 17.67 42.50 -12.42
CA SER D 310 18.25 43.09 -11.23
C SER D 310 17.39 42.84 -10.01
N THR D 311 18.03 42.80 -8.84
CA THR D 311 17.34 42.70 -7.56
C THR D 311 17.62 43.94 -6.73
N LEU D 312 16.75 44.21 -5.76
CA LEU D 312 16.98 45.26 -4.75
C LEU D 312 17.38 44.59 -3.43
N SER D 313 18.32 45.19 -2.70
CA SER D 313 18.80 44.63 -1.42
C SER D 313 19.40 45.71 -0.52
N ASP D 314 19.68 45.40 0.74
CA ASP D 314 20.13 46.43 1.67
C ASP D 314 21.64 46.72 1.68
N PHE D 315 22.01 47.87 2.26
CA PHE D 315 23.39 48.33 2.36
C PHE D 315 24.26 47.33 3.14
N ASP D 316 23.70 46.81 4.23
CA ASP D 316 24.28 45.68 4.96
C ASP D 316 24.76 44.57 4.03
N SER D 317 23.86 44.07 3.20
CA SER D 317 24.14 42.95 2.29
C SER D 317 25.06 43.30 1.13
N ALA D 318 25.09 44.56 0.76
CA ALA D 318 26.04 45.00 -0.25
C ALA D 318 27.39 45.16 0.43
N SER D 319 27.36 45.47 1.72
CA SER D 319 28.58 45.58 2.52
C SER D 319 29.21 44.20 2.57
N ALA D 320 28.35 43.20 2.65
CA ALA D 320 28.74 41.80 2.79
C ALA D 320 29.32 41.25 1.49
N LEU D 321 28.67 41.60 0.39
CA LEU D 321 29.11 41.19 -0.93
C LEU D 321 30.42 41.85 -1.28
N GLU D 322 30.63 43.08 -0.84
CA GLU D 322 31.92 43.76 -0.99
C GLU D 322 33.03 43.09 -0.16
N ARG D 323 32.68 42.58 1.01
CA ARG D 323 33.60 41.80 1.86
C ARG D 323 33.86 40.41 1.26
N ALA D 324 32.82 39.80 0.69
CA ALA D 324 32.93 38.50 0.03
C ALA D 324 33.94 38.54 -1.10
N ALA D 325 33.83 39.60 -1.90
CA ALA D 325 34.71 39.87 -3.04
C ALA D 325 36.19 39.93 -2.65
N ARG D 326 36.49 40.79 -1.68
CA ARG D 326 37.87 40.98 -1.22
C ARG D 326 38.48 39.66 -0.74
N THR D 327 37.84 39.02 0.25
CA THR D 327 38.31 37.72 0.73
C THR D 327 38.44 36.73 -0.40
N PHE D 328 37.41 36.59 -1.23
CA PHE D 328 37.53 35.66 -2.33
C PHE D 328 38.77 35.96 -3.18
N ASN D 329 38.86 37.17 -3.71
CA ASN D 329 40.00 37.53 -4.56
C ASN D 329 41.37 37.28 -3.91
N ALA D 330 41.43 37.50 -2.59
CA ALA D 330 42.65 37.28 -1.83
C ALA D 330 42.94 35.79 -1.75
N GLU D 331 41.98 35.03 -1.24
CA GLU D 331 42.21 33.65 -0.80
C GLU D 331 42.28 32.70 -1.95
N MET D 332 41.70 33.07 -3.08
CA MET D 332 41.67 32.16 -4.23
C MET D 332 42.76 32.40 -5.25
N GLY D 333 43.68 33.32 -4.98
CA GLY D 333 44.72 33.64 -5.94
C GLY D 333 45.85 32.62 -6.12
N VAL D 334 46.17 32.36 -7.39
CA VAL D 334 47.23 31.43 -7.82
C VAL D 334 47.12 30.03 -7.21
#